data_2V4M
#
_entry.id   2V4M
#
_cell.length_a   178.824
_cell.length_b   178.824
_cell.length_c   157.113
_cell.angle_alpha   90.00
_cell.angle_beta   90.00
_cell.angle_gamma   120.00
#
_symmetry.space_group_name_H-M   'H 3'
#
loop_
_entity.id
_entity.type
_entity.pdbx_description
1 polymer 'GLUCOSAMINE--FRUCTOSE-6-PHOSPHATE AMINOTRANSFERASE [ISOMERIZING] 1'
2 non-polymer 'FRUCTOSE -6-PHOSPHATE'
3 non-polymer 'CHLORIDE ION'
4 water water
#
_entity_poly.entity_id   1
_entity_poly.type   'polypeptide(L)'
_entity_poly.pdbx_seq_one_letter_code
;MGHHHHHHQQIMKGNFSSFMQKEIFEQPESVVNTMRGRVNFDDYTVNLGGLKDHIKEIQRCRRLILIACGTSYHAGVATR
QVLEELTELPVMVELASDFLDRNTPVFRDDVCFFLSQSGETADTLMGLRYCKERGALTVGITNTVGSSISRETDCGVHIN
AGPEIGVASTKAYTSQFVSLVMFALMMCDDRISMQERRKEIMLGLKRLPDLIKEVLSMDDEIQKLATELYHQKSVLIMGR
GYHYATCLEGALKIKEITYMHSEGILAGELKHGPLALVDKLMPVIMIIMRDHTYAKCQNALQQVVARQGRPVVICDKEDT
ETIKNTKRTIKVPHSVDCLQGILSVIPLQLLAFHLAVLRGYDVDFPRNLAKSVTVE
;
_entity_poly.pdbx_strand_id   A,B,C,D
#
# COMPACT_ATOMS: atom_id res chain seq x y z
N LYS A 13 9.24 11.93 48.59
CA LYS A 13 8.90 10.64 49.27
C LYS A 13 8.59 10.85 50.75
N GLY A 14 7.30 10.79 51.09
CA GLY A 14 6.85 11.04 52.46
C GLY A 14 7.36 10.02 53.45
N ASN A 15 6.90 8.78 53.31
CA ASN A 15 7.30 7.68 54.20
C ASN A 15 8.36 6.77 53.59
N PHE A 16 8.45 6.74 52.26
CA PHE A 16 9.36 5.82 51.55
C PHE A 16 10.82 6.24 51.67
N SER A 17 11.70 5.24 51.65
CA SER A 17 13.15 5.46 51.57
C SER A 17 13.60 5.62 50.11
N SER A 18 12.99 4.84 49.21
CA SER A 18 13.34 4.86 47.79
C SER A 18 12.33 5.64 46.94
N PHE A 19 12.86 6.40 45.98
CA PHE A 19 12.04 7.02 44.93
C PHE A 19 11.36 5.93 44.08
N MET A 20 12.11 4.90 43.73
CA MET A 20 11.58 3.79 42.94
C MET A 20 10.38 3.16 43.65
N GLN A 21 10.51 2.91 44.94
CA GLN A 21 9.42 2.30 45.71
C GLN A 21 8.20 3.23 45.74
N LYS A 22 8.44 4.50 46.01
CA LYS A 22 7.37 5.50 46.01
C LYS A 22 6.62 5.47 44.67
N GLU A 23 7.40 5.45 43.59
CA GLU A 23 6.85 5.54 42.23
C GLU A 23 6.07 4.29 41.80
N ILE A 24 6.52 3.12 42.24
CA ILE A 24 5.74 1.89 42.06
C ILE A 24 4.39 2.02 42.76
N PHE A 25 4.42 2.44 44.02
CA PHE A 25 3.20 2.63 44.81
C PHE A 25 2.37 3.83 44.36
N GLU A 26 2.94 4.69 43.53
CA GLU A 26 2.22 5.82 42.91
C GLU A 26 1.29 5.38 41.76
N GLN A 27 1.46 4.15 41.26
CA GLN A 27 0.82 3.74 40.00
C GLN A 27 -0.72 3.75 39.97
N PRO A 28 -1.39 3.58 41.12
CA PRO A 28 -2.85 3.74 41.10
C PRO A 28 -3.29 5.16 40.75
N GLU A 29 -2.45 6.14 41.07
CA GLU A 29 -2.73 7.55 40.78
C GLU A 29 -2.22 7.97 39.41
N SER A 30 -1.05 7.46 39.01
CA SER A 30 -0.44 7.85 37.73
C SER A 30 -1.24 7.33 36.54
N VAL A 31 -1.89 6.19 36.72
CA VAL A 31 -2.76 5.63 35.70
C VAL A 31 -4.00 6.52 35.52
N VAL A 32 -4.54 7.02 36.63
CA VAL A 32 -5.65 7.96 36.56
C VAL A 32 -5.20 9.23 35.84
N ASN A 33 -4.04 9.76 36.21
CA ASN A 33 -3.48 10.96 35.59
C ASN A 33 -3.27 10.81 34.08
N THR A 34 -2.83 9.63 33.66
CA THR A 34 -2.63 9.34 32.26
C THR A 34 -3.94 9.41 31.47
N MET A 35 -5.05 8.98 32.09
CA MET A 35 -6.37 8.94 31.45
C MET A 35 -7.22 10.22 31.61
N ARG A 36 -6.74 11.15 32.44
CA ARG A 36 -7.48 12.38 32.73
C ARG A 36 -7.67 13.26 31.49
N GLY A 37 -8.93 13.52 31.18
CA GLY A 37 -9.31 14.33 30.04
C GLY A 37 -9.20 13.61 28.71
N ARG A 38 -9.04 12.27 28.77
CA ARG A 38 -8.85 11.45 27.58
C ARG A 38 -9.88 10.33 27.51
N VAL A 39 -10.00 9.57 28.59
CA VAL A 39 -11.06 8.58 28.72
C VAL A 39 -12.20 9.15 29.55
N ASN A 40 -13.39 9.18 28.95
CA ASN A 40 -14.59 9.63 29.63
C ASN A 40 -15.39 8.41 30.07
N PHE A 41 -15.47 8.20 31.38
CA PHE A 41 -16.13 7.01 31.94
C PHE A 41 -17.61 7.24 32.24
N ASP A 42 -18.13 8.42 31.85
CA ASP A 42 -19.54 8.74 31.99
C ASP A 42 -20.31 8.43 30.70
N ASP A 43 -19.64 8.56 29.55
CA ASP A 43 -20.22 8.12 28.26
C ASP A 43 -19.33 7.12 27.51
N TYR A 44 -18.21 6.74 28.12
CA TYR A 44 -17.31 5.71 27.58
C TYR A 44 -16.75 6.03 26.19
N THR A 45 -16.17 7.23 26.07
CA THR A 45 -15.48 7.68 24.86
C THR A 45 -14.00 7.93 25.18
N VAL A 46 -13.16 7.96 24.14
CA VAL A 46 -11.74 8.23 24.29
C VAL A 46 -11.28 9.28 23.28
N ASN A 47 -10.59 10.31 23.77
CA ASN A 47 -10.02 11.34 22.89
C ASN A 47 -8.64 11.83 23.36
N LEU A 48 -7.69 11.80 22.45
CA LEU A 48 -6.34 12.27 22.70
C LEU A 48 -6.14 13.58 21.95
N GLY A 49 -6.43 14.69 22.65
CA GLY A 49 -6.47 16.01 22.04
C GLY A 49 -5.19 16.46 21.39
N GLY A 50 -4.05 15.95 21.86
CA GLY A 50 -2.77 16.21 21.22
C GLY A 50 -2.61 15.66 19.80
N LEU A 51 -3.55 14.80 19.37
CA LEU A 51 -3.47 14.17 18.05
C LEU A 51 -4.46 14.75 17.05
N LYS A 52 -5.39 15.57 17.53
CA LYS A 52 -6.61 15.87 16.75
C LYS A 52 -6.34 16.61 15.43
N ASP A 53 -5.20 17.29 15.33
CA ASP A 53 -4.78 17.93 14.07
C ASP A 53 -4.21 16.94 13.04
N HIS A 54 -3.98 15.71 13.45
CA HIS A 54 -3.44 14.69 12.54
C HIS A 54 -4.21 13.36 12.55
N ILE A 55 -5.23 13.25 13.40
CA ILE A 55 -5.91 11.97 13.61
C ILE A 55 -6.54 11.43 12.31
N LYS A 56 -7.01 12.32 11.43
CA LYS A 56 -7.64 11.90 10.18
C LYS A 56 -6.60 11.23 9.29
N GLU A 57 -5.46 11.88 9.18
CA GLU A 57 -4.34 11.36 8.41
C GLU A 57 -3.83 10.05 9.02
N ILE A 58 -3.65 10.04 10.34
CA ILE A 58 -3.21 8.86 11.08
C ILE A 58 -4.17 7.71 10.85
N GLN A 59 -5.46 7.98 10.95
CA GLN A 59 -6.48 6.93 10.74
C GLN A 59 -6.42 6.31 9.35
N ARG A 60 -5.89 7.05 8.37
CA ARG A 60 -5.75 6.53 7.00
C ARG A 60 -4.37 5.94 6.67
N CYS A 61 -3.47 5.91 7.65
N CYS A 61 -3.45 5.91 7.63
CA CYS A 61 -2.13 5.36 7.46
CA CYS A 61 -2.12 5.38 7.36
C CYS A 61 -2.20 3.85 7.23
C CYS A 61 -2.11 3.85 7.43
N ARG A 62 -1.10 3.24 6.81
CA ARG A 62 -1.09 1.82 6.52
C ARG A 62 -0.15 0.97 7.36
N ARG A 63 0.56 1.61 8.29
CA ARG A 63 1.42 0.87 9.22
C ARG A 63 1.83 1.74 10.39
N LEU A 64 1.84 1.15 11.59
CA LEU A 64 2.42 1.77 12.77
C LEU A 64 3.81 1.18 13.02
N ILE A 65 4.77 2.04 13.31
CA ILE A 65 6.11 1.61 13.74
C ILE A 65 6.34 2.24 15.12
N LEU A 66 6.61 1.42 16.13
CA LEU A 66 6.96 1.92 17.45
C LEU A 66 8.48 1.82 17.59
N ILE A 67 9.10 2.93 17.97
CA ILE A 67 10.54 3.03 18.07
C ILE A 67 10.87 3.49 19.49
N ALA A 68 11.76 2.77 20.16
CA ALA A 68 12.16 3.09 21.53
C ALA A 68 13.31 2.26 22.04
N CYS A 69 13.79 2.63 23.23
CA CYS A 69 14.86 1.95 23.93
C CYS A 69 14.35 1.39 25.25
N GLY A 70 14.94 0.27 25.68
CA GLY A 70 14.74 -0.26 27.03
C GLY A 70 13.29 -0.54 27.37
N THR A 71 12.88 -0.09 28.55
CA THR A 71 11.51 -0.33 29.04
C THR A 71 10.44 0.36 28.18
N SER A 72 10.82 1.44 27.49
CA SER A 72 9.90 2.12 26.58
C SER A 72 9.63 1.24 25.36
N TYR A 73 10.65 0.57 24.84
CA TYR A 73 10.47 -0.50 23.87
C TYR A 73 9.54 -1.61 24.39
N HIS A 74 9.71 -1.99 25.66
CA HIS A 74 8.87 -3.00 26.29
C HIS A 74 7.40 -2.58 26.32
N ALA A 75 7.15 -1.29 26.52
CA ALA A 75 5.79 -0.74 26.49
C ALA A 75 5.17 -0.96 25.10
N GLY A 76 6.00 -0.86 24.07
CA GLY A 76 5.63 -1.22 22.70
C GLY A 76 5.28 -2.71 22.56
N VAL A 77 6.12 -3.58 23.13
CA VAL A 77 5.86 -5.02 23.07
C VAL A 77 4.56 -5.32 23.79
N ALA A 78 4.36 -4.65 24.94
CA ALA A 78 3.17 -4.86 25.78
C ALA A 78 1.85 -4.45 25.12
N THR A 79 1.91 -3.67 24.04
CA THR A 79 0.69 -3.15 23.40
C THR A 79 0.58 -3.46 21.92
N ARG A 80 1.56 -4.19 21.39
CA ARG A 80 1.57 -4.53 19.98
C ARG A 80 0.29 -5.25 19.57
N GLN A 81 -0.17 -6.18 20.42
CA GLN A 81 -1.29 -7.05 20.05
C GLN A 81 -2.61 -6.31 19.98
N VAL A 82 -2.90 -5.49 20.98
CA VAL A 82 -4.17 -4.77 20.95
C VAL A 82 -4.17 -3.69 19.85
N LEU A 83 -2.99 -3.17 19.51
CA LEU A 83 -2.85 -2.21 18.42
C LEU A 83 -3.14 -2.88 17.07
N GLU A 84 -2.59 -4.08 16.85
CA GLU A 84 -2.92 -4.89 15.67
C GLU A 84 -4.41 -5.25 15.62
N GLU A 85 -4.96 -5.65 16.76
CA GLU A 85 -6.36 -6.03 16.83
C GLU A 85 -7.27 -4.82 16.55
N LEU A 86 -7.09 -3.75 17.30
CA LEU A 86 -8.00 -2.61 17.18
C LEU A 86 -7.76 -1.77 15.90
N THR A 87 -6.53 -1.66 15.41
CA THR A 87 -6.26 -0.91 14.17
C THR A 87 -6.34 -1.78 12.90
N GLU A 88 -6.16 -3.10 13.06
CA GLU A 88 -6.02 -4.02 11.93
C GLU A 88 -4.86 -3.65 11.00
N LEU A 89 -3.87 -2.93 11.52
CA LEU A 89 -2.71 -2.53 10.74
C LEU A 89 -1.49 -3.32 11.19
N PRO A 90 -0.54 -3.53 10.27
CA PRO A 90 0.74 -4.06 10.73
C PRO A 90 1.33 -3.14 11.79
N VAL A 91 1.79 -3.71 12.91
CA VAL A 91 2.49 -2.94 13.94
C VAL A 91 3.92 -3.52 14.11
N MET A 92 4.93 -2.71 13.81
N MET A 92 4.92 -2.73 13.75
CA MET A 92 6.30 -3.14 13.97
CA MET A 92 6.31 -3.08 13.92
C MET A 92 6.94 -2.37 15.10
C MET A 92 6.79 -2.39 15.19
N VAL A 93 7.53 -3.11 16.03
CA VAL A 93 8.08 -2.56 17.27
C VAL A 93 9.59 -2.69 17.18
N GLU A 94 10.29 -1.57 17.29
CA GLU A 94 11.72 -1.53 16.97
C GLU A 94 12.56 -1.00 18.12
N LEU A 95 13.64 -1.72 18.44
CA LEU A 95 14.68 -1.19 19.33
C LEU A 95 15.45 -0.15 18.53
N ALA A 96 15.58 1.06 19.10
CA ALA A 96 16.02 2.23 18.35
C ALA A 96 17.45 2.15 17.79
N SER A 97 18.39 1.61 18.56
CA SER A 97 19.78 1.45 18.07
C SER A 97 19.85 0.61 16.79
N ASP A 98 19.20 -0.56 16.84
CA ASP A 98 19.12 -1.48 15.69
C ASP A 98 18.32 -0.92 14.51
N PHE A 99 17.32 -0.10 14.80
CA PHE A 99 16.55 0.60 13.79
C PHE A 99 17.47 1.50 12.94
N LEU A 100 18.34 2.24 13.60
CA LEU A 100 19.29 3.10 12.89
C LEU A 100 20.34 2.29 12.14
N ASP A 101 20.82 1.20 12.73
CA ASP A 101 21.89 0.39 12.12
C ASP A 101 21.48 -0.16 10.76
N ARG A 102 20.19 -0.44 10.60
CA ARG A 102 19.69 -1.14 9.41
C ARG A 102 19.16 -0.24 8.31
N ASN A 103 19.07 1.06 8.54
CA ASN A 103 18.41 1.97 7.59
C ASN A 103 17.03 1.45 7.19
N THR A 104 16.21 1.14 8.19
CA THR A 104 14.90 0.52 7.98
C THR A 104 14.08 1.36 6.99
N PRO A 105 13.51 0.71 5.96
CA PRO A 105 12.63 1.41 5.04
C PRO A 105 11.41 2.01 5.76
N VAL A 106 11.18 3.31 5.54
CA VAL A 106 10.05 4.06 6.10
C VAL A 106 9.42 4.86 4.97
N PHE A 107 8.09 4.94 4.98
CA PHE A 107 7.34 5.52 3.87
C PHE A 107 6.41 6.63 4.37
N ARG A 108 5.92 7.43 3.44
CA ARG A 108 5.05 8.55 3.76
C ARG A 108 3.74 8.13 4.41
N ASP A 109 3.28 6.91 4.16
CA ASP A 109 2.06 6.43 4.81
C ASP A 109 2.30 5.63 6.11
N ASP A 110 3.49 5.73 6.69
CA ASP A 110 3.77 5.14 8.00
C ASP A 110 3.52 6.14 9.08
N VAL A 111 2.95 5.69 10.19
CA VAL A 111 2.89 6.46 11.41
C VAL A 111 3.91 5.87 12.39
N CYS A 112 4.88 6.71 12.75
CA CYS A 112 5.99 6.30 13.61
C CYS A 112 5.81 6.92 14.99
N PHE A 113 5.71 6.04 15.98
CA PHE A 113 5.60 6.45 17.38
C PHE A 113 6.98 6.41 18.04
N PHE A 114 7.26 7.39 18.87
CA PHE A 114 8.51 7.46 19.60
C PHE A 114 8.24 7.51 21.08
N LEU A 115 8.49 6.37 21.73
CA LEU A 115 8.12 6.17 23.13
C LEU A 115 9.35 6.49 24.00
N SER A 116 9.21 7.49 24.86
CA SER A 116 10.35 7.95 25.65
C SER A 116 9.93 8.75 26.86
N GLN A 117 10.25 8.25 28.05
CA GLN A 117 9.99 8.98 29.29
C GLN A 117 10.67 10.35 29.26
N SER A 118 11.98 10.34 29.00
CA SER A 118 12.81 11.55 29.06
C SER A 118 12.54 12.50 27.89
N GLY A 119 12.37 11.93 26.70
CA GLY A 119 12.16 12.71 25.49
C GLY A 119 13.46 13.21 24.87
N GLU A 120 14.59 12.69 25.38
CA GLU A 120 15.93 13.09 24.91
C GLU A 120 16.81 11.92 24.48
N THR A 121 16.44 10.68 24.85
CA THR A 121 17.21 9.49 24.55
C THR A 121 17.70 9.56 23.11
N ALA A 122 19.03 9.52 22.95
CA ALA A 122 19.71 9.85 21.71
C ALA A 122 19.30 9.03 20.48
N ASP A 123 19.23 7.71 20.63
CA ASP A 123 18.89 6.82 19.52
C ASP A 123 17.44 7.02 19.09
N THR A 124 16.55 7.09 20.08
CA THR A 124 15.15 7.32 19.83
C THR A 124 14.94 8.67 19.13
N LEU A 125 15.69 9.69 19.54
CA LEU A 125 15.65 11.00 18.91
C LEU A 125 16.16 10.95 17.46
N MET A 126 17.25 10.24 17.21
CA MET A 126 17.78 10.13 15.84
C MET A 126 16.86 9.31 14.93
N GLY A 127 16.22 8.29 15.50
CA GLY A 127 15.16 7.56 14.81
C GLY A 127 14.01 8.46 14.38
N LEU A 128 13.67 9.44 15.21
CA LEU A 128 12.67 10.46 14.90
C LEU A 128 13.07 11.28 13.69
N ARG A 129 14.28 11.82 13.71
CA ARG A 129 14.74 12.69 12.61
C ARG A 129 14.88 11.91 11.30
N TYR A 130 15.29 10.65 11.41
CA TYR A 130 15.36 9.76 10.25
C TYR A 130 13.96 9.56 9.62
N CYS A 131 12.98 9.19 10.44
CA CYS A 131 11.61 9.00 9.95
C CYS A 131 10.99 10.25 9.33
N LYS A 132 11.28 11.43 9.87
CA LYS A 132 10.78 12.71 9.29
C LYS A 132 11.32 12.98 7.90
N GLU A 133 12.62 12.78 7.72
CA GLU A 133 13.27 12.98 6.42
C GLU A 133 12.63 12.11 5.32
N ARG A 134 12.11 10.95 5.69
CA ARG A 134 11.42 10.10 4.72
C ARG A 134 9.93 10.43 4.54
N GLY A 135 9.39 11.35 5.33
CA GLY A 135 8.01 11.81 5.16
C GLY A 135 6.96 11.11 6.01
N ALA A 136 7.37 10.21 6.90
CA ALA A 136 6.45 9.56 7.85
C ALA A 136 5.84 10.59 8.80
N LEU A 137 4.61 10.33 9.21
CA LEU A 137 3.95 11.10 10.23
C LEU A 137 4.49 10.64 11.60
N THR A 138 4.91 11.59 12.43
CA THR A 138 5.60 11.23 13.66
C THR A 138 4.83 11.64 14.90
N VAL A 139 4.85 10.77 15.91
CA VAL A 139 4.08 10.95 17.14
C VAL A 139 4.96 10.68 18.34
N GLY A 140 4.91 11.59 19.32
CA GLY A 140 5.71 11.48 20.54
C GLY A 140 4.89 11.02 21.72
N ILE A 141 5.32 9.94 22.37
CA ILE A 141 4.71 9.50 23.62
C ILE A 141 5.76 9.72 24.71
N THR A 142 5.67 10.86 25.39
CA THR A 142 6.69 11.25 26.33
C THR A 142 6.11 11.55 27.70
N ASN A 143 6.99 11.66 28.69
CA ASN A 143 6.60 12.09 30.04
C ASN A 143 7.21 13.44 30.40
N THR A 144 7.79 14.12 29.42
CA THR A 144 8.55 15.34 29.67
C THR A 144 8.10 16.46 28.70
N VAL A 145 7.42 17.46 29.24
CA VAL A 145 6.98 18.62 28.47
C VAL A 145 8.16 19.41 27.95
N GLY A 146 8.10 19.79 26.68
CA GLY A 146 9.15 20.60 26.07
C GLY A 146 10.45 19.88 25.79
N SER A 147 10.45 18.55 25.83
CA SER A 147 11.62 17.76 25.45
C SER A 147 11.75 17.74 23.93
N SER A 148 12.93 17.35 23.43
CA SER A 148 13.20 17.31 21.98
C SER A 148 12.21 16.45 21.18
N ILE A 149 11.87 15.27 21.71
CA ILE A 149 10.96 14.33 21.05
C ILE A 149 9.53 14.92 21.03
N SER A 150 9.13 15.56 22.11
CA SER A 150 7.85 16.27 22.18
C SER A 150 7.77 17.43 21.16
N ARG A 151 8.89 18.12 20.91
CA ARG A 151 8.89 19.29 20.00
C ARG A 151 9.02 18.95 18.52
N GLU A 152 9.78 17.90 18.22
CA GLU A 152 10.12 17.59 16.84
C GLU A 152 9.14 16.65 16.14
N THR A 153 8.25 16.01 16.90
CA THR A 153 7.18 15.21 16.31
C THR A 153 6.04 16.09 15.82
N ASP A 154 5.30 15.59 14.83
CA ASP A 154 4.15 16.32 14.27
C ASP A 154 3.05 16.49 15.29
N CYS A 155 2.82 15.47 16.11
CA CYS A 155 1.88 15.57 17.23
C CYS A 155 2.37 14.69 18.37
N GLY A 156 1.65 14.66 19.48
CA GLY A 156 2.12 13.90 20.63
C GLY A 156 1.11 13.62 21.71
N VAL A 157 1.47 12.71 22.60
CA VAL A 157 0.72 12.48 23.83
C VAL A 157 1.69 12.55 25.02
N HIS A 158 1.44 13.45 25.96
CA HIS A 158 2.19 13.48 27.22
C HIS A 158 1.51 12.51 28.17
N ILE A 159 2.26 11.55 28.69
CA ILE A 159 1.65 10.44 29.44
C ILE A 159 1.22 10.85 30.84
N ASN A 160 1.71 12.00 31.31
CA ASN A 160 1.34 12.60 32.59
C ASN A 160 1.56 11.69 33.81
N ALA A 161 2.67 10.95 33.80
CA ALA A 161 3.02 10.10 34.94
C ALA A 161 3.54 10.92 36.12
N GLY A 162 4.07 12.10 35.83
CA GLY A 162 4.74 12.93 36.82
C GLY A 162 6.22 12.61 36.77
N PRO A 163 7.05 13.50 37.35
CA PRO A 163 8.49 13.27 37.32
C PRO A 163 8.87 11.85 37.75
N GLU A 164 9.77 11.23 37.02
CA GLU A 164 10.32 9.95 37.42
C GLU A 164 11.75 10.17 37.97
N ILE A 165 11.89 10.02 39.28
CA ILE A 165 13.16 10.28 39.97
C ILE A 165 14.01 9.02 40.24
N GLY A 166 13.37 7.86 40.31
CA GLY A 166 14.11 6.59 40.37
C GLY A 166 14.96 6.42 39.12
N VAL A 167 15.78 5.38 39.08
CA VAL A 167 16.60 5.12 37.89
C VAL A 167 15.89 4.14 36.97
N ALA A 168 15.10 3.23 37.55
CA ALA A 168 14.34 2.26 36.76
C ALA A 168 12.94 2.80 36.54
N SER A 169 12.45 2.70 35.30
CA SER A 169 11.11 3.16 34.98
C SER A 169 10.07 2.21 35.58
N THR A 170 9.12 2.78 36.33
CA THR A 170 8.01 2.02 36.86
C THR A 170 6.68 2.58 36.37
N LYS A 171 6.24 3.69 36.96
CA LYS A 171 4.99 4.34 36.56
C LYS A 171 4.97 4.77 35.08
N ALA A 172 6.13 5.19 34.56
CA ALA A 172 6.22 5.59 33.16
C ALA A 172 5.90 4.45 32.20
N TYR A 173 6.42 3.25 32.51
CA TYR A 173 6.13 2.07 31.71
C TYR A 173 4.63 1.83 31.61
N THR A 174 3.97 1.81 32.76
CA THR A 174 2.56 1.54 32.82
C THR A 174 1.69 2.70 32.26
N SER A 175 2.18 3.94 32.39
CA SER A 175 1.53 5.09 31.74
C SER A 175 1.66 5.02 30.22
N GLN A 176 2.84 4.61 29.74
CA GLN A 176 3.04 4.40 28.31
C GLN A 176 2.11 3.30 27.80
N PHE A 177 1.91 2.28 28.62
CA PHE A 177 1.04 1.14 28.33
C PHE A 177 -0.39 1.66 28.13
N VAL A 178 -0.90 2.38 29.12
CA VAL A 178 -2.26 2.96 29.03
C VAL A 178 -2.41 3.94 27.83
N SER A 179 -1.37 4.75 27.57
CA SER A 179 -1.38 5.71 26.47
C SER A 179 -1.62 5.02 25.15
N LEU A 180 -0.80 4.01 24.86
CA LEU A 180 -0.95 3.23 23.62
C LEU A 180 -2.29 2.51 23.53
N VAL A 181 -2.82 2.07 24.67
CA VAL A 181 -4.13 1.47 24.69
C VAL A 181 -5.20 2.52 24.33
N MET A 182 -5.08 3.74 24.88
CA MET A 182 -6.01 4.81 24.55
C MET A 182 -5.99 5.12 23.05
N PHE A 183 -4.79 5.19 22.46
CA PHE A 183 -4.65 5.42 21.03
C PHE A 183 -5.36 4.32 20.23
N ALA A 184 -5.16 3.06 20.63
CA ALA A 184 -5.83 1.92 20.02
C ALA A 184 -7.35 2.05 20.10
N LEU A 185 -7.86 2.46 21.26
CA LEU A 185 -9.30 2.62 21.45
C LEU A 185 -9.87 3.71 20.53
N MET A 186 -9.05 4.70 20.24
CA MET A 186 -9.46 5.83 19.41
C MET A 186 -9.51 5.40 17.94
N MET A 187 -8.53 4.63 17.53
CA MET A 187 -8.44 4.16 16.14
C MET A 187 -9.59 3.26 15.67
N CYS A 188 -10.26 2.59 16.60
CA CYS A 188 -11.35 1.69 16.25
C CYS A 188 -12.70 2.24 16.68
N ASP A 189 -12.82 3.55 16.85
CA ASP A 189 -14.05 4.11 17.38
C ASP A 189 -15.20 4.15 16.36
N ASP A 190 -14.92 3.79 15.11
CA ASP A 190 -15.96 3.78 14.08
C ASP A 190 -16.36 2.37 13.62
N ARG A 191 -15.88 1.32 14.29
CA ARG A 191 -16.18 -0.08 13.95
C ARG A 191 -17.28 -0.67 14.83
N ILE A 192 -18.44 -0.97 14.23
CA ILE A 192 -19.57 -1.55 14.98
C ILE A 192 -19.15 -2.84 15.68
N SER A 193 -18.47 -3.72 14.95
CA SER A 193 -18.05 -5.00 15.48
C SER A 193 -17.08 -4.91 16.68
N MET A 194 -16.54 -3.71 16.96
CA MET A 194 -15.57 -3.56 18.03
C MET A 194 -16.10 -2.77 19.23
N GLN A 195 -17.34 -2.29 19.19
CA GLN A 195 -17.88 -1.48 20.29
C GLN A 195 -17.85 -2.21 21.64
N GLU A 196 -18.19 -3.49 21.64
CA GLU A 196 -18.22 -4.26 22.88
C GLU A 196 -16.79 -4.51 23.37
N ARG A 197 -15.89 -4.86 22.46
CA ARG A 197 -14.49 -5.03 22.81
C ARG A 197 -13.96 -3.78 23.53
N ARG A 198 -14.21 -2.60 22.96
CA ARG A 198 -13.68 -1.38 23.57
C ARG A 198 -14.40 -0.94 24.86
N LYS A 199 -15.70 -1.23 24.98
CA LYS A 199 -16.42 -1.00 26.24
C LYS A 199 -15.88 -1.92 27.35
N GLU A 200 -15.58 -3.17 26.99
CA GLU A 200 -14.88 -4.11 27.87
C GLU A 200 -13.56 -3.52 28.37
N ILE A 201 -12.75 -3.02 27.44
CA ILE A 201 -11.45 -2.45 27.78
C ILE A 201 -11.59 -1.22 28.69
N MET A 202 -12.58 -0.36 28.41
CA MET A 202 -12.73 0.86 29.21
C MET A 202 -13.25 0.56 30.61
N LEU A 203 -14.15 -0.43 30.75
CA LEU A 203 -14.56 -0.91 32.07
C LEU A 203 -13.34 -1.42 32.83
N GLY A 204 -12.49 -2.15 32.13
CA GLY A 204 -11.20 -2.59 32.67
C GLY A 204 -10.29 -1.44 33.10
N LEU A 205 -10.22 -0.39 32.28
CA LEU A 205 -9.40 0.79 32.63
C LEU A 205 -9.93 1.50 33.87
N LYS A 206 -11.25 1.56 34.02
CA LYS A 206 -11.89 2.22 35.18
C LYS A 206 -11.66 1.47 36.52
N ARG A 207 -11.61 0.14 36.46
CA ARG A 207 -11.35 -0.70 37.65
C ARG A 207 -9.86 -0.82 37.94
N LEU A 208 -9.02 -0.51 36.96
CA LEU A 208 -7.58 -0.78 37.03
C LEU A 208 -6.86 -0.19 38.24
N PRO A 209 -7.20 1.05 38.65
CA PRO A 209 -6.49 1.62 39.78
C PRO A 209 -6.69 0.86 41.09
N ASP A 210 -7.90 0.38 41.32
CA ASP A 210 -8.19 -0.41 42.52
C ASP A 210 -7.54 -1.79 42.46
N LEU A 211 -7.53 -2.39 41.27
CA LEU A 211 -6.81 -3.66 41.08
C LEU A 211 -5.29 -3.52 41.23
N ILE A 212 -4.74 -2.31 41.05
CA ILE A 212 -3.32 -2.08 41.34
C ILE A 212 -3.10 -2.02 42.87
N LYS A 213 -4.04 -1.37 43.57
CA LYS A 213 -3.99 -1.32 45.04
C LYS A 213 -4.03 -2.72 45.65
N GLU A 214 -4.83 -3.60 45.05
CA GLU A 214 -4.89 -4.99 45.49
C GLU A 214 -3.58 -5.73 45.18
N VAL A 215 -2.94 -5.40 44.05
CA VAL A 215 -1.61 -5.96 43.75
C VAL A 215 -0.56 -5.42 44.74
N LEU A 216 -0.61 -4.12 45.00
CA LEU A 216 0.32 -3.48 45.94
C LEU A 216 0.14 -3.99 47.39
N SER A 217 -1.03 -4.54 47.70
CA SER A 217 -1.30 -5.18 49.00
C SER A 217 -0.49 -6.47 49.22
N MET A 218 -0.01 -7.08 48.14
CA MET A 218 0.82 -8.27 48.26
C MET A 218 2.30 -7.92 48.40
N ASP A 219 2.61 -6.73 48.90
CA ASP A 219 4.00 -6.32 49.11
C ASP A 219 4.70 -7.24 50.14
N ASP A 220 3.95 -7.74 51.11
CA ASP A 220 4.48 -8.66 52.13
C ASP A 220 4.84 -10.02 51.53
N GLU A 221 3.88 -10.64 50.85
CA GLU A 221 4.12 -11.91 50.15
C GLU A 221 5.31 -11.84 49.20
N ILE A 222 5.49 -10.70 48.55
CA ILE A 222 6.58 -10.48 47.60
C ILE A 222 7.91 -10.29 48.33
N GLN A 223 7.88 -9.60 49.47
CA GLN A 223 9.04 -9.50 50.36
C GLN A 223 9.60 -10.87 50.67
N LYS A 224 8.75 -11.76 51.20
CA LYS A 224 9.20 -13.07 51.68
C LYS A 224 9.60 -14.03 50.56
N LEU A 225 9.11 -13.79 49.34
CA LEU A 225 9.62 -14.49 48.15
C LEU A 225 11.05 -14.06 47.82
N ALA A 226 11.34 -12.78 48.03
CA ALA A 226 12.67 -12.23 47.80
C ALA A 226 13.71 -12.81 48.78
N THR A 227 13.30 -13.07 50.01
CA THR A 227 14.20 -13.66 51.03
C THR A 227 14.59 -15.09 50.65
N GLU A 228 13.67 -15.81 50.00
CA GLU A 228 13.94 -17.17 49.50
C GLU A 228 14.79 -17.18 48.23
N LEU A 229 14.86 -16.04 47.53
CA LEU A 229 15.44 -16.00 46.18
C LEU A 229 16.75 -15.20 46.06
N TYR A 230 17.03 -14.30 46.98
CA TYR A 230 18.10 -13.30 46.76
C TYR A 230 19.53 -13.83 46.73
N HIS A 231 19.77 -15.03 47.25
CA HIS A 231 21.10 -15.64 47.17
C HIS A 231 21.41 -16.17 45.76
N GLN A 232 20.37 -16.39 44.96
CA GLN A 232 20.50 -17.03 43.65
C GLN A 232 21.22 -16.14 42.64
N LYS A 233 21.87 -16.76 41.65
CA LYS A 233 22.65 -16.04 40.64
C LYS A 233 21.82 -15.73 39.40
N SER A 234 20.82 -16.56 39.10
CA SER A 234 20.00 -16.45 37.89
C SER A 234 18.52 -16.70 38.19
N VAL A 235 17.67 -16.28 37.26
CA VAL A 235 16.25 -16.61 37.32
C VAL A 235 15.63 -16.41 35.94
N LEU A 236 14.94 -17.43 35.45
CA LEU A 236 14.30 -17.36 34.15
C LEU A 236 12.85 -16.92 34.38
N ILE A 237 12.43 -15.87 33.66
CA ILE A 237 11.06 -15.39 33.73
C ILE A 237 10.40 -15.70 32.39
N MET A 238 9.37 -16.55 32.45
CA MET A 238 8.77 -17.11 31.25
C MET A 238 7.32 -16.69 31.15
N GLY A 239 6.91 -16.33 29.93
CA GLY A 239 5.56 -15.88 29.70
C GLY A 239 5.29 -15.71 28.23
N ARG A 240 4.01 -15.59 27.91
CA ARG A 240 3.55 -15.69 26.54
C ARG A 240 2.57 -14.57 26.19
N GLY A 241 2.53 -14.22 24.90
CA GLY A 241 1.57 -13.26 24.37
C GLY A 241 1.64 -11.92 25.07
N TYR A 242 0.53 -11.51 25.67
CA TYR A 242 0.42 -10.27 26.40
C TYR A 242 1.49 -10.11 27.50
N HIS A 243 1.96 -11.23 28.04
CA HIS A 243 2.89 -11.23 29.17
C HIS A 243 4.32 -11.52 28.77
N TYR A 244 4.58 -11.53 27.47
CA TYR A 244 5.95 -11.61 26.96
C TYR A 244 6.69 -10.36 27.40
N ALA A 245 6.05 -9.20 27.21
CA ALA A 245 6.60 -7.92 27.65
C ALA A 245 6.82 -7.90 29.17
N THR A 246 5.85 -8.44 29.91
CA THR A 246 5.97 -8.55 31.37
C THR A 246 7.26 -9.26 31.78
N CYS A 247 7.60 -10.35 31.09
N CYS A 247 7.58 -10.37 31.09
CA CYS A 247 8.79 -11.14 31.46
CA CYS A 247 8.79 -11.14 31.38
C CYS A 247 10.10 -10.47 30.99
C CYS A 247 10.05 -10.37 31.03
N LEU A 248 10.06 -9.80 29.83
CA LEU A 248 11.19 -9.00 29.39
C LEU A 248 11.41 -7.81 30.31
N GLU A 249 10.32 -7.18 30.74
CA GLU A 249 10.43 -5.99 31.58
C GLU A 249 10.85 -6.38 33.00
N GLY A 250 10.29 -7.47 33.51
CA GLY A 250 10.68 -7.99 34.81
C GLY A 250 12.12 -8.44 34.82
N ALA A 251 12.55 -9.08 33.74
CA ALA A 251 13.96 -9.47 33.58
C ALA A 251 14.90 -8.26 33.56
N LEU A 252 14.46 -7.15 32.97
CA LEU A 252 15.29 -5.95 32.91
C LEU A 252 15.34 -5.23 34.26
N LYS A 253 14.23 -5.26 34.99
CA LYS A 253 14.15 -4.70 36.33
C LYS A 253 15.12 -5.39 37.28
N ILE A 254 15.13 -6.73 37.22
CA ILE A 254 15.92 -7.55 38.12
C ILE A 254 17.40 -7.39 37.77
N LYS A 255 17.73 -7.34 36.48
CA LYS A 255 19.09 -7.00 36.05
C LYS A 255 19.52 -5.64 36.57
N GLU A 256 18.71 -4.61 36.32
CA GLU A 256 19.14 -3.21 36.52
C GLU A 256 19.43 -2.83 37.97
N ILE A 257 18.61 -3.29 38.92
CA ILE A 257 18.77 -2.86 40.31
C ILE A 257 19.24 -3.95 41.30
N THR A 258 19.06 -5.23 40.97
CA THR A 258 19.51 -6.32 41.86
C THR A 258 20.83 -6.95 41.38
N TYR A 259 21.12 -6.79 40.09
CA TYR A 259 22.31 -7.35 39.44
C TYR A 259 22.27 -8.87 39.30
N MET A 260 21.12 -9.48 39.61
CA MET A 260 20.91 -10.92 39.42
C MET A 260 20.71 -11.20 37.92
N HIS A 261 21.18 -12.36 37.45
CA HIS A 261 21.06 -12.68 36.02
C HIS A 261 19.69 -13.25 35.68
N SER A 262 18.73 -12.36 35.52
CA SER A 262 17.39 -12.72 35.07
C SER A 262 17.32 -12.57 33.57
N GLU A 263 16.45 -13.36 32.95
CA GLU A 263 16.23 -13.29 31.52
C GLU A 263 14.78 -13.65 31.22
N GLY A 264 14.17 -12.86 30.35
CA GLY A 264 12.83 -13.13 29.86
C GLY A 264 12.91 -14.14 28.72
N ILE A 265 12.05 -15.15 28.78
CA ILE A 265 12.02 -16.22 27.78
C ILE A 265 10.60 -16.36 27.27
N LEU A 266 10.43 -16.30 25.96
CA LEU A 266 9.14 -16.51 25.35
C LEU A 266 8.74 -17.97 25.60
N ALA A 267 7.63 -18.15 26.32
CA ALA A 267 7.20 -19.50 26.72
C ALA A 267 7.13 -20.46 25.54
N GLY A 268 6.62 -20.00 24.40
CA GLY A 268 6.51 -20.83 23.20
C GLY A 268 7.83 -21.23 22.55
N GLU A 269 8.91 -20.53 22.91
CA GLU A 269 10.26 -20.85 22.45
C GLU A 269 11.04 -21.80 23.36
N LEU A 270 10.43 -22.22 24.47
CA LEU A 270 11.08 -23.12 25.44
C LEU A 270 11.55 -24.40 24.78
N LYS A 271 10.62 -25.06 24.11
CA LYS A 271 10.88 -26.36 23.48
C LYS A 271 11.87 -26.30 22.32
N HIS A 272 12.44 -25.13 22.04
CA HIS A 272 13.37 -24.95 20.94
C HIS A 272 14.82 -24.72 21.40
N GLY A 273 15.13 -25.06 22.65
CA GLY A 273 16.49 -24.94 23.16
C GLY A 273 16.63 -24.54 24.63
N PRO A 274 15.95 -23.45 25.04
CA PRO A 274 16.05 -22.94 26.42
C PRO A 274 15.60 -23.90 27.52
N LEU A 275 14.69 -24.80 27.21
CA LEU A 275 14.20 -25.80 28.19
C LEU A 275 15.34 -26.63 28.82
N ALA A 276 16.44 -26.78 28.10
CA ALA A 276 17.60 -27.53 28.60
C ALA A 276 18.29 -26.86 29.81
N LEU A 277 17.98 -25.59 30.05
CA LEU A 277 18.56 -24.84 31.16
C LEU A 277 17.78 -25.06 32.47
N VAL A 278 16.62 -25.71 32.39
CA VAL A 278 15.74 -25.92 33.55
C VAL A 278 16.10 -27.20 34.33
N ASP A 279 16.26 -27.06 35.64
CA ASP A 279 16.42 -28.19 36.56
C ASP A 279 16.08 -27.77 38.00
N LYS A 280 16.43 -28.63 38.96
CA LYS A 280 16.19 -28.39 40.39
C LYS A 280 16.81 -27.08 40.87
N LEU A 281 17.93 -26.69 40.27
CA LEU A 281 18.75 -25.56 40.76
C LEU A 281 18.40 -24.21 40.12
N MET A 282 17.78 -24.21 38.95
CA MET A 282 17.46 -22.96 38.24
C MET A 282 16.13 -22.37 38.70
N PRO A 283 16.14 -21.15 39.26
CA PRO A 283 14.87 -20.51 39.61
C PRO A 283 14.07 -20.11 38.38
N VAL A 284 12.74 -20.24 38.47
CA VAL A 284 11.86 -19.94 37.35
C VAL A 284 10.60 -19.23 37.84
N ILE A 285 10.24 -18.16 37.14
CA ILE A 285 8.95 -17.50 37.35
C ILE A 285 8.16 -17.63 36.06
N MET A 286 6.98 -18.24 36.14
CA MET A 286 6.10 -18.35 34.97
C MET A 286 4.91 -17.43 35.15
N ILE A 287 4.42 -16.89 34.04
CA ILE A 287 3.24 -16.03 34.06
C ILE A 287 2.11 -16.77 33.36
N ILE A 288 1.06 -17.09 34.12
CA ILE A 288 -0.08 -17.86 33.63
C ILE A 288 -1.39 -17.15 34.00
N MET A 289 -1.87 -16.30 33.10
CA MET A 289 -3.10 -15.53 33.33
C MET A 289 -4.27 -16.14 32.57
N ARG A 290 -5.49 -15.80 32.99
CA ARG A 290 -6.69 -16.33 32.32
C ARG A 290 -6.96 -15.56 31.04
N ASP A 291 -6.28 -15.96 29.96
CA ASP A 291 -6.51 -15.45 28.61
C ASP A 291 -6.47 -16.60 27.59
N HIS A 292 -6.57 -16.26 26.30
CA HIS A 292 -6.63 -17.27 25.23
C HIS A 292 -5.38 -18.17 25.09
N THR A 293 -4.27 -17.79 25.74
CA THR A 293 -3.04 -18.61 25.72
C THR A 293 -2.88 -19.52 26.96
N TYR A 294 -3.97 -19.70 27.72
CA TYR A 294 -3.94 -20.46 28.99
C TYR A 294 -3.40 -21.89 28.79
N ALA A 295 -4.05 -22.64 27.90
CA ALA A 295 -3.65 -24.02 27.63
C ALA A 295 -2.22 -24.12 27.13
N LYS A 296 -1.79 -23.14 26.33
CA LYS A 296 -0.41 -23.12 25.81
C LYS A 296 0.60 -22.84 26.94
N CYS A 297 0.19 -22.02 27.90
CA CYS A 297 1.01 -21.69 29.06
C CYS A 297 1.13 -22.90 30.00
N GLN A 298 0.00 -23.59 30.23
CA GLN A 298 -0.01 -24.80 31.07
C GLN A 298 0.90 -25.88 30.48
N ASN A 299 0.85 -26.06 29.17
CA ASN A 299 1.80 -26.89 28.45
C ASN A 299 3.24 -26.52 28.83
N ALA A 300 3.53 -25.22 28.88
CA ALA A 300 4.84 -24.71 29.23
C ALA A 300 5.21 -25.01 30.70
N LEU A 301 4.21 -24.97 31.58
CA LEU A 301 4.42 -25.30 32.99
C LEU A 301 4.67 -26.80 33.20
N GLN A 302 4.00 -27.62 32.38
CA GLN A 302 4.14 -29.08 32.46
C GLN A 302 5.54 -29.53 32.12
N GLN A 303 6.16 -28.92 31.11
CA GLN A 303 7.51 -29.31 30.70
C GLN A 303 8.63 -28.67 31.55
N VAL A 304 8.25 -27.73 32.41
CA VAL A 304 9.19 -27.16 33.38
C VAL A 304 9.23 -28.04 34.64
N VAL A 305 8.06 -28.42 35.14
CA VAL A 305 7.94 -29.36 36.26
C VAL A 305 8.38 -30.77 35.89
N ALA A 306 8.29 -31.12 34.60
CA ALA A 306 8.73 -32.42 34.08
C ALA A 306 10.25 -32.52 34.00
N ARG A 307 10.95 -31.38 34.03
CA ARG A 307 12.40 -31.36 34.13
C ARG A 307 12.83 -30.85 35.50
N GLN A 308 12.00 -31.15 36.50
CA GLN A 308 12.31 -30.98 37.93
C GLN A 308 12.37 -29.51 38.40
N GLY A 309 11.88 -28.58 37.58
CA GLY A 309 11.80 -27.18 37.97
C GLY A 309 10.67 -26.97 38.96
N ARG A 310 10.90 -26.08 39.94
CA ARG A 310 9.87 -25.72 40.93
C ARG A 310 9.56 -24.23 40.82
N PRO A 311 8.78 -23.84 39.79
CA PRO A 311 8.63 -22.43 39.45
C PRO A 311 7.66 -21.67 40.34
N VAL A 312 7.94 -20.39 40.55
CA VAL A 312 6.96 -19.47 41.10
C VAL A 312 6.04 -19.04 39.96
N VAL A 313 4.74 -19.19 40.15
CA VAL A 313 3.76 -18.89 39.11
C VAL A 313 2.94 -17.64 39.45
N ILE A 314 3.05 -16.62 38.58
CA ILE A 314 2.20 -15.44 38.69
C ILE A 314 0.92 -15.79 37.96
N CYS A 315 -0.21 -15.70 38.65
CA CYS A 315 -1.47 -16.19 38.08
C CYS A 315 -2.70 -15.49 38.62
N ASP A 316 -3.83 -15.80 38.00
CA ASP A 316 -5.13 -15.27 38.38
C ASP A 316 -5.55 -15.84 39.74
N LYS A 317 -6.00 -14.97 40.65
CA LYS A 317 -6.26 -15.37 42.04
C LYS A 317 -7.44 -16.35 42.18
N GLU A 318 -8.26 -16.44 41.13
CA GLU A 318 -9.38 -17.39 41.09
C GLU A 318 -9.10 -18.58 40.15
N ASP A 319 -7.82 -18.77 39.80
CA ASP A 319 -7.37 -19.94 39.05
C ASP A 319 -7.03 -21.04 40.06
N THR A 320 -8.06 -21.76 40.52
CA THR A 320 -7.92 -22.70 41.64
C THR A 320 -7.00 -23.89 41.34
N GLU A 321 -6.92 -24.29 40.07
CA GLU A 321 -6.11 -25.44 39.67
C GLU A 321 -4.61 -25.15 39.63
N THR A 322 -4.24 -23.94 39.21
CA THR A 322 -2.82 -23.55 39.23
C THR A 322 -2.37 -23.24 40.65
N ILE A 323 -3.28 -22.72 41.45
CA ILE A 323 -3.00 -22.38 42.86
C ILE A 323 -2.80 -23.63 43.71
N LYS A 324 -3.62 -24.64 43.48
CA LYS A 324 -3.53 -25.90 44.22
C LYS A 324 -2.34 -26.76 43.78
N ASN A 325 -2.11 -26.84 42.47
CA ASN A 325 -1.03 -27.69 41.91
C ASN A 325 0.37 -27.05 41.90
N THR A 326 0.50 -25.84 42.43
CA THR A 326 1.81 -25.19 42.58
C THR A 326 1.96 -24.64 43.98
N LYS A 327 3.16 -24.79 44.55
CA LYS A 327 3.44 -24.36 45.92
C LYS A 327 3.40 -22.83 46.03
N ARG A 328 4.41 -22.17 45.47
CA ARG A 328 4.50 -20.70 45.53
C ARG A 328 3.82 -20.09 44.30
N THR A 329 2.73 -19.37 44.53
CA THR A 329 2.09 -18.58 43.48
C THR A 329 1.85 -17.14 43.95
N ILE A 330 1.95 -16.20 43.02
CA ILE A 330 1.55 -14.82 43.28
C ILE A 330 0.19 -14.62 42.63
N LYS A 331 -0.82 -14.38 43.47
CA LYS A 331 -2.23 -14.43 43.04
C LYS A 331 -2.70 -13.04 42.63
N VAL A 332 -2.66 -12.77 41.33
CA VAL A 332 -3.00 -11.45 40.80
C VAL A 332 -4.48 -11.37 40.43
N PRO A 333 -5.12 -10.23 40.73
CA PRO A 333 -6.53 -10.07 40.33
C PRO A 333 -6.69 -10.03 38.81
N HIS A 334 -7.88 -10.40 38.33
CA HIS A 334 -8.14 -10.47 36.90
C HIS A 334 -8.65 -9.13 36.35
N SER A 335 -8.16 -8.76 35.17
CA SER A 335 -8.75 -7.68 34.38
C SER A 335 -8.79 -8.14 32.92
N VAL A 336 -9.08 -7.24 31.99
CA VAL A 336 -9.14 -7.57 30.56
C VAL A 336 -7.78 -8.04 30.08
N ASP A 337 -7.76 -9.03 29.18
CA ASP A 337 -6.53 -9.65 28.69
C ASP A 337 -5.44 -8.64 28.22
N CYS A 338 -5.86 -7.57 27.55
CA CYS A 338 -4.93 -6.56 27.05
C CYS A 338 -4.52 -5.53 28.11
N LEU A 339 -5.16 -5.55 29.28
CA LEU A 339 -4.73 -4.74 30.43
C LEU A 339 -3.95 -5.54 31.49
N GLN A 340 -4.12 -6.87 31.48
CA GLN A 340 -3.54 -7.74 32.53
C GLN A 340 -2.03 -7.54 32.70
N GLY A 341 -1.34 -7.29 31.57
CA GLY A 341 0.09 -6.97 31.58
C GLY A 341 0.49 -5.85 32.51
N ILE A 342 -0.43 -4.94 32.82
CA ILE A 342 -0.16 -3.90 33.83
C ILE A 342 -0.10 -4.51 35.25
N LEU A 343 -1.03 -5.41 35.55
CA LEU A 343 -1.09 -6.02 36.89
C LEU A 343 0.05 -7.02 37.12
N SER A 344 0.43 -7.77 36.08
CA SER A 344 1.39 -8.85 36.24
C SER A 344 2.86 -8.40 36.23
N VAL A 345 3.12 -7.15 35.84
CA VAL A 345 4.48 -6.63 35.88
C VAL A 345 4.81 -6.03 37.25
N ILE A 346 3.78 -5.63 37.99
CA ILE A 346 3.98 -4.94 39.26
C ILE A 346 4.70 -5.81 40.31
N PRO A 347 4.26 -7.07 40.47
CA PRO A 347 4.96 -7.94 41.42
C PRO A 347 6.44 -8.08 41.09
N LEU A 348 6.78 -8.04 39.81
CA LEU A 348 8.17 -8.10 39.39
C LEU A 348 8.93 -6.81 39.67
N GLN A 349 8.23 -5.67 39.60
CA GLN A 349 8.81 -4.39 40.00
C GLN A 349 9.18 -4.44 41.48
N LEU A 350 8.24 -4.91 42.30
CA LEU A 350 8.41 -5.00 43.75
C LEU A 350 9.42 -6.06 44.15
N LEU A 351 9.44 -7.19 43.44
CA LEU A 351 10.44 -8.23 43.69
C LEU A 351 11.83 -7.67 43.41
N ALA A 352 12.01 -7.01 42.28
CA ALA A 352 13.29 -6.38 41.96
C ALA A 352 13.73 -5.47 43.12
N PHE A 353 12.79 -4.73 43.69
CA PHE A 353 13.08 -3.82 44.80
C PHE A 353 13.48 -4.55 46.11
N HIS A 354 12.63 -5.47 46.57
CA HIS A 354 12.89 -6.21 47.81
C HIS A 354 14.07 -7.17 47.69
N LEU A 355 14.29 -7.69 46.49
CA LEU A 355 15.46 -8.51 46.19
C LEU A 355 16.74 -7.67 46.32
N ALA A 356 16.64 -6.40 45.92
CA ALA A 356 17.78 -5.48 45.97
C ALA A 356 18.06 -4.93 47.37
N VAL A 357 17.01 -4.69 48.15
CA VAL A 357 17.18 -4.22 49.54
C VAL A 357 17.86 -5.30 50.38
N LEU A 358 17.36 -6.53 50.31
CA LEU A 358 17.95 -7.65 51.04
C LEU A 358 19.45 -7.75 50.80
N ARG A 359 19.87 -7.57 49.55
CA ARG A 359 21.29 -7.54 49.20
C ARG A 359 21.99 -6.25 49.65
N GLY A 360 21.29 -5.12 49.60
CA GLY A 360 21.78 -3.86 50.17
C GLY A 360 22.48 -2.95 49.18
N TYR A 361 21.70 -2.22 48.39
CA TYR A 361 22.22 -1.24 47.42
C TYR A 361 21.46 0.08 47.49
N ASP A 362 22.04 1.11 46.88
CA ASP A 362 21.41 2.43 46.79
C ASP A 362 20.50 2.51 45.56
N VAL A 363 19.28 1.97 45.70
CA VAL A 363 18.33 1.82 44.59
C VAL A 363 18.19 3.03 43.67
N ASP A 364 18.32 4.25 44.23
CA ASP A 364 18.23 5.48 43.44
C ASP A 364 19.62 5.98 43.03
N GLY B 14 30.63 -41.24 9.17
CA GLY B 14 31.17 -40.14 10.02
C GLY B 14 32.59 -40.43 10.50
N ASN B 15 33.40 -39.38 10.58
CA ASN B 15 34.80 -39.48 11.03
C ASN B 15 35.00 -38.95 12.47
N PHE B 16 34.21 -37.94 12.82
CA PHE B 16 34.37 -37.19 14.08
C PHE B 16 33.70 -37.94 15.23
N SER B 17 33.81 -37.38 16.44
CA SER B 17 33.16 -37.96 17.63
C SER B 17 31.64 -37.74 17.65
N SER B 18 31.22 -36.49 17.62
CA SER B 18 29.78 -36.13 17.63
C SER B 18 29.25 -35.86 16.22
N PHE B 19 27.97 -36.13 16.02
CA PHE B 19 27.27 -35.70 14.81
C PHE B 19 27.36 -34.18 14.67
N MET B 20 27.05 -33.47 15.76
CA MET B 20 27.13 -32.01 15.79
C MET B 20 28.51 -31.55 15.33
N GLN B 21 29.54 -32.11 15.95
CA GLN B 21 30.92 -31.78 15.63
C GLN B 21 31.21 -31.93 14.14
N LYS B 22 30.82 -33.07 13.57
CA LYS B 22 30.95 -33.30 12.13
C LYS B 22 30.19 -32.23 11.33
N GLU B 23 28.93 -32.04 11.69
CA GLU B 23 28.06 -31.06 11.03
C GLU B 23 28.64 -29.64 11.10
N ILE B 24 29.33 -29.29 12.19
CA ILE B 24 30.01 -27.99 12.30
C ILE B 24 31.17 -27.85 11.31
N PHE B 25 32.05 -28.85 11.26
CA PHE B 25 33.21 -28.83 10.36
C PHE B 25 32.83 -29.06 8.90
N GLU B 26 31.61 -29.56 8.67
CA GLU B 26 31.07 -29.74 7.33
C GLU B 26 30.72 -28.40 6.64
N GLN B 27 30.61 -27.32 7.41
CA GLN B 27 30.11 -26.03 6.91
C GLN B 27 30.78 -25.46 5.64
N PRO B 28 32.12 -25.66 5.47
CA PRO B 28 32.74 -25.23 4.20
C PRO B 28 32.25 -26.01 2.97
N GLU B 29 31.63 -27.17 3.20
CA GLU B 29 31.09 -27.98 2.11
C GLU B 29 29.60 -27.75 1.90
N SER B 30 28.85 -27.59 2.99
CA SER B 30 27.40 -27.35 2.92
C SER B 30 27.08 -26.00 2.26
N VAL B 31 27.85 -24.97 2.61
CA VAL B 31 27.74 -23.66 1.98
C VAL B 31 27.89 -23.78 0.46
N VAL B 32 28.90 -24.51 0.01
CA VAL B 32 29.12 -24.76 -1.42
C VAL B 32 27.95 -25.54 -2.04
N ASN B 33 27.41 -26.50 -1.29
CA ASN B 33 26.25 -27.26 -1.76
C ASN B 33 25.00 -26.40 -1.93
N THR B 34 24.81 -25.44 -1.02
CA THR B 34 23.67 -24.50 -1.11
C THR B 34 23.75 -23.63 -2.35
N MET B 35 24.96 -23.18 -2.68
CA MET B 35 25.21 -22.32 -3.85
C MET B 35 25.37 -23.11 -5.16
N ARG B 36 25.15 -24.43 -5.12
CA ARG B 36 25.40 -25.31 -6.28
C ARG B 36 24.31 -25.22 -7.36
N GLY B 37 24.71 -24.89 -8.58
CA GLY B 37 23.79 -24.75 -9.70
C GLY B 37 22.87 -23.55 -9.55
N ARG B 38 23.34 -22.54 -8.82
CA ARG B 38 22.54 -21.37 -8.44
C ARG B 38 23.33 -20.08 -8.62
N VAL B 39 24.51 -20.02 -8.01
CA VAL B 39 25.39 -18.87 -8.14
C VAL B 39 26.37 -19.07 -9.30
N ASN B 40 26.78 -17.97 -9.92
CA ASN B 40 27.77 -17.97 -11.00
C ASN B 40 28.69 -16.75 -10.85
N PHE B 41 29.96 -17.01 -10.57
CA PHE B 41 30.90 -15.95 -10.19
C PHE B 41 31.58 -15.29 -11.40
N ASP B 42 31.32 -15.83 -12.59
CA ASP B 42 31.83 -15.25 -13.84
C ASP B 42 30.96 -14.08 -14.28
N ASP B 43 29.66 -14.36 -14.45
CA ASP B 43 28.71 -13.37 -14.96
C ASP B 43 27.79 -12.80 -13.87
N TYR B 44 28.14 -13.04 -12.60
CA TYR B 44 27.45 -12.45 -11.45
C TYR B 44 25.92 -12.68 -11.45
N THR B 45 25.51 -13.87 -11.87
CA THR B 45 24.08 -14.20 -11.91
C THR B 45 23.71 -15.18 -10.79
N VAL B 46 22.63 -14.86 -10.08
CA VAL B 46 22.04 -15.76 -9.11
C VAL B 46 20.71 -16.25 -9.68
N ASN B 47 20.40 -17.52 -9.45
CA ASN B 47 19.22 -18.15 -9.98
C ASN B 47 18.75 -19.25 -9.04
N LEU B 48 17.57 -19.08 -8.46
CA LEU B 48 17.01 -20.04 -7.54
C LEU B 48 15.85 -20.74 -8.20
N GLY B 49 16.10 -21.97 -8.66
CA GLY B 49 15.15 -22.73 -9.46
C GLY B 49 13.75 -22.86 -8.89
N GLY B 50 13.66 -23.08 -7.59
CA GLY B 50 12.36 -23.25 -6.94
C GLY B 50 11.46 -22.00 -6.98
N LEU B 51 12.04 -20.86 -7.33
CA LEU B 51 11.31 -19.59 -7.40
C LEU B 51 11.17 -19.04 -8.82
N LYS B 52 11.65 -19.78 -9.83
CA LYS B 52 11.66 -19.24 -11.21
C LYS B 52 10.28 -18.97 -11.81
N ASP B 53 9.24 -19.62 -11.28
CA ASP B 53 7.87 -19.36 -11.71
C ASP B 53 7.18 -18.23 -10.91
N HIS B 54 7.80 -17.79 -9.82
CA HIS B 54 7.18 -16.81 -8.92
C HIS B 54 7.98 -15.53 -8.70
N ILE B 55 9.24 -15.49 -9.16
CA ILE B 55 10.15 -14.41 -8.80
C ILE B 55 9.71 -13.01 -9.25
N LYS B 56 8.97 -12.93 -10.36
CA LYS B 56 8.46 -11.64 -10.85
C LYS B 56 7.26 -11.13 -10.01
N GLU B 57 6.40 -12.05 -9.57
CA GLU B 57 5.29 -11.71 -8.68
C GLU B 57 5.78 -11.32 -7.27
N ILE B 58 6.77 -12.05 -6.75
CA ILE B 58 7.40 -11.71 -5.48
C ILE B 58 8.05 -10.32 -5.56
N GLN B 59 8.60 -10.01 -6.74
CA GLN B 59 9.27 -8.73 -6.95
C GLN B 59 8.30 -7.55 -6.99
N ARG B 60 7.02 -7.82 -7.21
CA ARG B 60 5.99 -6.79 -7.17
C ARG B 60 5.28 -6.71 -5.80
N CYS B 61 5.59 -7.62 -4.88
CA CYS B 61 5.01 -7.58 -3.53
C CYS B 61 5.58 -6.41 -2.72
N ARG B 62 4.93 -6.10 -1.60
CA ARG B 62 5.22 -4.88 -0.84
C ARG B 62 5.80 -5.10 0.56
N ARG B 63 5.85 -6.34 1.03
CA ARG B 63 6.49 -6.63 2.33
C ARG B 63 6.95 -8.09 2.42
N LEU B 64 8.04 -8.31 3.15
CA LEU B 64 8.52 -9.66 3.43
C LEU B 64 8.33 -9.93 4.90
N ILE B 65 7.72 -11.08 5.21
CA ILE B 65 7.61 -11.54 6.58
C ILE B 65 8.34 -12.89 6.71
N LEU B 66 9.27 -12.97 7.65
CA LEU B 66 10.06 -14.18 7.91
C LEU B 66 9.55 -14.79 9.21
N ILE B 67 8.92 -15.96 9.12
CA ILE B 67 8.31 -16.64 10.28
C ILE B 67 9.05 -17.96 10.55
N ALA B 68 9.46 -18.16 11.80
CA ALA B 68 10.26 -19.32 12.18
C ALA B 68 10.35 -19.44 13.70
N CYS B 69 10.79 -20.61 14.17
CA CYS B 69 11.07 -20.84 15.59
C CYS B 69 12.56 -21.02 15.80
N GLY B 70 13.01 -20.75 17.02
CA GLY B 70 14.38 -21.05 17.43
C GLY B 70 15.44 -20.53 16.48
N THR B 71 16.43 -21.36 16.19
CA THR B 71 17.59 -20.96 15.37
C THR B 71 17.25 -20.58 13.93
N SER B 72 16.15 -21.14 13.40
CA SER B 72 15.65 -20.74 12.08
C SER B 72 15.14 -19.30 12.12
N TYR B 73 14.67 -18.85 13.27
CA TYR B 73 14.29 -17.44 13.46
C TYR B 73 15.54 -16.57 13.47
N HIS B 74 16.62 -17.06 14.06
CA HIS B 74 17.85 -16.31 14.16
C HIS B 74 18.49 -16.03 12.80
N ALA B 75 18.23 -16.89 11.81
CA ALA B 75 18.73 -16.70 10.45
C ALA B 75 18.03 -15.53 9.75
N GLY B 76 16.72 -15.40 9.96
CA GLY B 76 15.98 -14.23 9.50
C GLY B 76 16.58 -12.96 10.06
N VAL B 77 16.76 -12.94 11.38
CA VAL B 77 17.43 -11.84 12.08
C VAL B 77 18.82 -11.54 11.48
N ALA B 78 19.52 -12.61 11.07
CA ALA B 78 20.86 -12.52 10.50
C ALA B 78 20.87 -11.86 9.13
N THR B 79 19.80 -12.04 8.36
CA THR B 79 19.70 -11.51 6.98
C THR B 79 18.66 -10.39 6.82
N ARG B 80 18.04 -9.96 7.91
CA ARG B 80 17.04 -8.89 7.83
C ARG B 80 17.57 -7.67 7.08
N GLN B 81 18.73 -7.19 7.50
CA GLN B 81 19.31 -5.94 7.01
C GLN B 81 19.59 -5.90 5.52
N VAL B 82 20.18 -6.98 5.01
CA VAL B 82 20.60 -7.04 3.61
C VAL B 82 19.38 -7.23 2.71
N LEU B 83 18.37 -7.93 3.23
CA LEU B 83 17.08 -8.02 2.57
C LEU B 83 16.41 -6.65 2.41
N GLU B 84 16.44 -5.83 3.46
CA GLU B 84 15.89 -4.48 3.41
C GLU B 84 16.63 -3.60 2.41
N GLU B 85 17.97 -3.68 2.46
CA GLU B 85 18.84 -2.87 1.60
C GLU B 85 18.61 -3.20 0.12
N LEU B 86 18.48 -4.48 -0.19
CA LEU B 86 18.46 -4.93 -1.58
C LEU B 86 17.07 -5.04 -2.19
N THR B 87 16.04 -5.29 -1.37
CA THR B 87 14.66 -5.24 -1.87
C THR B 87 14.04 -3.85 -1.71
N GLU B 88 14.57 -3.05 -0.78
CA GLU B 88 13.98 -1.77 -0.38
C GLU B 88 12.54 -1.93 0.12
N LEU B 89 12.26 -3.10 0.71
CA LEU B 89 10.95 -3.39 1.27
C LEU B 89 11.02 -3.52 2.79
N PRO B 90 9.92 -3.21 3.47
CA PRO B 90 9.82 -3.61 4.87
C PRO B 90 10.04 -5.12 5.04
N VAL B 91 10.94 -5.50 5.94
CA VAL B 91 11.19 -6.90 6.29
C VAL B 91 10.86 -7.12 7.76
N MET B 92 9.88 -7.96 8.04
CA MET B 92 9.42 -8.20 9.40
C MET B 92 9.81 -9.63 9.78
N VAL B 93 10.52 -9.80 10.89
CA VAL B 93 10.94 -11.12 11.35
C VAL B 93 10.15 -11.51 12.60
N GLU B 94 9.46 -12.64 12.54
CA GLU B 94 8.52 -13.05 13.61
C GLU B 94 8.82 -14.44 14.19
N LEU B 95 8.72 -14.56 15.51
CA LEU B 95 8.75 -15.86 16.18
C LEU B 95 7.38 -16.52 16.04
N ALA B 96 7.35 -17.73 15.46
CA ALA B 96 6.07 -18.34 15.04
C ALA B 96 5.03 -18.47 16.15
N SER B 97 5.45 -18.81 17.35
CA SER B 97 4.52 -18.91 18.48
C SER B 97 3.86 -17.56 18.79
N ASP B 98 4.67 -16.50 18.84
CA ASP B 98 4.16 -15.13 19.06
C ASP B 98 3.28 -14.67 17.90
N PHE B 99 3.72 -14.94 16.68
CA PHE B 99 2.95 -14.64 15.47
C PHE B 99 1.50 -15.12 15.59
N LEU B 100 1.33 -16.37 16.01
CA LEU B 100 0.01 -16.99 16.12
C LEU B 100 -0.78 -16.46 17.31
N ASP B 101 -0.11 -16.23 18.43
CA ASP B 101 -0.79 -15.66 19.60
C ASP B 101 -1.44 -14.29 19.31
N ARG B 102 -0.79 -13.49 18.46
CA ARG B 102 -1.22 -12.10 18.20
C ARG B 102 -2.27 -11.97 17.10
N ASN B 103 -2.42 -13.00 16.27
CA ASN B 103 -3.25 -12.92 15.07
C ASN B 103 -2.77 -11.79 14.17
N THR B 104 -1.46 -11.74 14.00
CA THR B 104 -0.79 -10.78 13.13
C THR B 104 -1.53 -10.50 11.82
N PRO B 105 -1.77 -9.20 11.52
CA PRO B 105 -2.25 -8.78 10.21
C PRO B 105 -1.34 -9.24 9.07
N VAL B 106 -1.93 -9.97 8.11
CA VAL B 106 -1.26 -10.40 6.90
C VAL B 106 -2.17 -10.14 5.71
N PHE B 107 -1.58 -9.72 4.59
CA PHE B 107 -2.35 -9.31 3.43
C PHE B 107 -1.89 -10.06 2.19
N ARG B 108 -2.63 -9.86 1.10
CA ARG B 108 -2.41 -10.57 -0.15
C ARG B 108 -1.11 -10.18 -0.86
N ASP B 109 -0.63 -8.97 -0.65
CA ASP B 109 0.62 -8.53 -1.25
C ASP B 109 1.84 -8.72 -0.33
N ASP B 110 1.68 -9.52 0.74
CA ASP B 110 2.82 -9.94 1.56
C ASP B 110 3.47 -11.18 0.96
N VAL B 111 4.79 -11.24 0.99
CA VAL B 111 5.49 -12.49 0.73
C VAL B 111 6.01 -13.00 2.06
N CYS B 112 5.42 -14.12 2.50
CA CYS B 112 5.74 -14.72 3.78
C CYS B 112 6.68 -15.89 3.61
N PHE B 113 7.82 -15.80 4.29
CA PHE B 113 8.83 -16.86 4.27
C PHE B 113 8.70 -17.71 5.53
N PHE B 114 8.85 -19.03 5.37
CA PHE B 114 8.80 -19.96 6.48
C PHE B 114 10.09 -20.77 6.52
N LEU B 115 10.94 -20.41 7.48
CA LEU B 115 12.25 -21.03 7.65
C LEU B 115 12.11 -22.18 8.65
N SER B 116 12.31 -23.41 8.19
CA SER B 116 12.27 -24.61 9.06
C SER B 116 13.12 -25.74 8.48
N GLN B 117 14.20 -26.08 9.16
CA GLN B 117 15.10 -27.17 8.75
C GLN B 117 14.30 -28.46 8.49
N SER B 118 13.51 -28.87 9.47
CA SER B 118 12.72 -30.11 9.38
C SER B 118 11.52 -29.99 8.45
N GLY B 119 10.94 -28.79 8.38
CA GLY B 119 9.74 -28.55 7.59
C GLY B 119 8.49 -29.04 8.27
N GLU B 120 8.56 -29.26 9.58
CA GLU B 120 7.48 -29.89 10.34
C GLU B 120 7.17 -29.22 11.67
N THR B 121 8.01 -28.28 12.10
CA THR B 121 7.77 -27.56 13.34
C THR B 121 6.35 -27.00 13.35
N ALA B 122 5.58 -27.33 14.39
CA ALA B 122 4.14 -27.12 14.39
C ALA B 122 3.72 -25.65 14.24
N ASP B 123 4.40 -24.78 14.97
CA ASP B 123 4.03 -23.36 15.02
C ASP B 123 4.30 -22.67 13.67
N THR B 124 5.45 -22.97 13.08
CA THR B 124 5.83 -22.48 11.76
C THR B 124 4.89 -22.97 10.65
N LEU B 125 4.36 -24.18 10.82
CA LEU B 125 3.43 -24.77 9.87
C LEU B 125 2.01 -24.25 10.06
N MET B 126 1.62 -24.07 11.33
CA MET B 126 0.35 -23.42 11.63
C MET B 126 0.38 -21.98 11.13
N GLY B 127 1.56 -21.36 11.17
CA GLY B 127 1.76 -20.02 10.62
C GLY B 127 1.62 -19.97 9.12
N LEU B 128 2.10 -21.02 8.45
CA LEU B 128 1.95 -21.15 7.00
C LEU B 128 0.47 -21.22 6.60
N ARG B 129 -0.30 -22.01 7.32
CA ARG B 129 -1.71 -22.16 7.02
C ARG B 129 -2.49 -20.87 7.28
N TYR B 130 -2.14 -20.19 8.36
CA TYR B 130 -2.72 -18.88 8.68
C TYR B 130 -2.46 -17.90 7.53
N CYS B 131 -1.20 -17.78 7.11
CA CYS B 131 -0.81 -16.86 6.03
C CYS B 131 -1.46 -17.20 4.70
N LYS B 132 -1.52 -18.49 4.38
CA LYS B 132 -2.12 -18.98 3.14
C LYS B 132 -3.60 -18.61 3.11
N GLU B 133 -4.27 -18.74 4.26
CA GLU B 133 -5.67 -18.35 4.37
C GLU B 133 -5.89 -16.84 4.18
N ARG B 134 -4.89 -16.01 4.51
CA ARG B 134 -4.99 -14.56 4.26
C ARG B 134 -4.65 -14.19 2.82
N GLY B 135 -4.24 -15.16 2.03
CA GLY B 135 -3.96 -14.96 0.61
C GLY B 135 -2.55 -14.47 0.33
N ALA B 136 -1.67 -14.51 1.32
CA ALA B 136 -0.28 -14.12 1.12
C ALA B 136 0.44 -15.10 0.21
N LEU B 137 1.49 -14.62 -0.45
CA LEU B 137 2.40 -15.45 -1.22
C LEU B 137 3.37 -16.13 -0.24
N THR B 138 3.35 -17.47 -0.20
CA THR B 138 4.15 -18.23 0.77
C THR B 138 5.39 -18.90 0.15
N VAL B 139 6.53 -18.79 0.85
CA VAL B 139 7.82 -19.25 0.35
C VAL B 139 8.53 -20.12 1.40
N GLY B 140 8.96 -21.33 1.00
CA GLY B 140 9.63 -22.26 1.91
C GLY B 140 11.15 -22.20 1.83
N ILE B 141 11.80 -22.07 2.98
CA ILE B 141 13.26 -22.18 3.06
C ILE B 141 13.58 -23.35 4.01
N THR B 142 13.47 -24.56 3.48
CA THR B 142 13.59 -25.80 4.27
C THR B 142 14.77 -26.66 3.83
N ASN B 143 15.03 -27.71 4.62
CA ASN B 143 16.13 -28.65 4.35
C ASN B 143 15.65 -30.09 4.15
N THR B 144 14.33 -30.28 4.07
CA THR B 144 13.72 -31.62 4.00
C THR B 144 12.71 -31.72 2.86
N VAL B 145 13.16 -32.27 1.73
CA VAL B 145 12.30 -32.45 0.55
C VAL B 145 11.05 -33.24 0.92
N GLY B 146 9.89 -32.75 0.49
CA GLY B 146 8.62 -33.42 0.73
C GLY B 146 8.01 -33.19 2.10
N SER B 147 8.66 -32.39 2.94
CA SER B 147 8.12 -32.03 4.25
C SER B 147 6.89 -31.12 4.08
N SER B 148 6.10 -31.02 5.15
CA SER B 148 4.84 -30.30 5.13
C SER B 148 4.98 -28.83 4.70
N ILE B 149 6.02 -28.16 5.20
CA ILE B 149 6.28 -26.78 4.84
C ILE B 149 6.75 -26.66 3.38
N SER B 150 7.45 -27.69 2.90
CA SER B 150 7.95 -27.72 1.52
C SER B 150 6.83 -27.89 0.49
N ARG B 151 5.78 -28.64 0.87
CA ARG B 151 4.67 -28.94 -0.05
C ARG B 151 3.57 -27.88 -0.04
N GLU B 152 3.25 -27.38 1.16
CA GLU B 152 2.08 -26.51 1.35
C GLU B 152 2.32 -25.03 1.00
N THR B 153 3.57 -24.65 0.76
CA THR B 153 3.91 -23.30 0.28
C THR B 153 3.79 -23.21 -1.24
N ASP B 154 3.54 -21.99 -1.74
CA ASP B 154 3.43 -21.75 -3.18
C ASP B 154 4.71 -22.13 -3.92
N CYS B 155 5.86 -21.76 -3.33
CA CYS B 155 7.16 -22.08 -3.89
C CYS B 155 8.18 -22.18 -2.75
N GLY B 156 9.44 -22.41 -3.08
CA GLY B 156 10.46 -22.50 -2.04
C GLY B 156 11.87 -22.79 -2.51
N VAL B 157 12.79 -22.79 -1.56
CA VAL B 157 14.20 -23.10 -1.83
C VAL B 157 14.69 -24.18 -0.86
N HIS B 158 15.35 -25.20 -1.40
CA HIS B 158 16.03 -26.20 -0.60
C HIS B 158 17.45 -25.73 -0.31
N ILE B 159 17.77 -25.58 0.97
CA ILE B 159 19.08 -25.05 1.36
C ILE B 159 20.22 -26.04 1.06
N ASN B 160 19.90 -27.32 0.91
CA ASN B 160 20.83 -28.35 0.42
C ASN B 160 22.10 -28.44 1.26
N ALA B 161 21.92 -28.47 2.57
CA ALA B 161 23.03 -28.60 3.53
C ALA B 161 23.22 -30.05 3.96
N GLY B 162 22.39 -30.95 3.43
CA GLY B 162 22.45 -32.37 3.76
C GLY B 162 21.62 -32.67 5.01
N PRO B 163 21.59 -33.94 5.43
CA PRO B 163 20.86 -34.29 6.65
C PRO B 163 21.49 -33.68 7.91
N GLU B 164 20.66 -33.39 8.91
CA GLU B 164 21.14 -32.93 10.21
C GLU B 164 20.55 -33.84 11.30
N ILE B 165 21.42 -34.59 11.97
CA ILE B 165 21.01 -35.59 12.96
C ILE B 165 21.20 -35.09 14.39
N GLY B 166 22.13 -34.15 14.59
CA GLY B 166 22.33 -33.51 15.89
C GLY B 166 21.12 -32.75 16.42
N VAL B 167 21.17 -32.38 17.71
CA VAL B 167 20.08 -31.65 18.37
C VAL B 167 20.18 -30.13 18.17
N ALA B 168 21.41 -29.62 18.01
CA ALA B 168 21.62 -28.20 17.77
C ALA B 168 21.89 -27.95 16.28
N SER B 169 21.16 -26.99 15.70
CA SER B 169 21.38 -26.59 14.32
C SER B 169 22.71 -25.85 14.17
N THR B 170 23.45 -26.16 13.12
CA THR B 170 24.78 -25.59 12.91
C THR B 170 24.99 -25.26 11.43
N LYS B 171 25.02 -26.29 10.58
CA LYS B 171 25.15 -26.07 9.13
C LYS B 171 23.84 -25.56 8.52
N ALA B 172 22.72 -25.94 9.12
CA ALA B 172 21.39 -25.52 8.65
C ALA B 172 21.23 -24.00 8.79
N TYR B 173 21.74 -23.45 9.88
CA TYR B 173 21.70 -22.01 10.14
C TYR B 173 22.45 -21.19 9.08
N THR B 174 23.68 -21.60 8.78
CA THR B 174 24.52 -20.84 7.85
C THR B 174 24.10 -21.03 6.39
N SER B 175 23.45 -22.15 6.10
CA SER B 175 22.92 -22.41 4.76
C SER B 175 21.55 -21.74 4.57
N GLN B 176 20.79 -21.59 5.66
CA GLN B 176 19.58 -20.75 5.65
C GLN B 176 19.99 -19.31 5.38
N PHE B 177 21.03 -18.87 6.09
CA PHE B 177 21.67 -17.58 5.88
C PHE B 177 21.98 -17.37 4.39
N VAL B 178 22.81 -18.25 3.83
CA VAL B 178 23.34 -18.05 2.48
C VAL B 178 22.23 -17.97 1.44
N SER B 179 21.25 -18.86 1.56
CA SER B 179 20.10 -18.89 0.64
C SER B 179 19.24 -17.62 0.68
N LEU B 180 19.08 -17.03 1.86
CA LEU B 180 18.35 -15.76 1.98
C LEU B 180 19.14 -14.62 1.33
N VAL B 181 20.47 -14.68 1.46
CA VAL B 181 21.34 -13.73 0.76
C VAL B 181 21.25 -13.91 -0.76
N MET B 182 21.08 -15.15 -1.22
CA MET B 182 20.95 -15.42 -2.65
C MET B 182 19.64 -14.83 -3.16
N PHE B 183 18.57 -15.07 -2.40
CA PHE B 183 17.27 -14.46 -2.68
C PHE B 183 17.36 -12.93 -2.78
N ALA B 184 18.04 -12.30 -1.82
CA ALA B 184 18.28 -10.86 -1.84
C ALA B 184 19.02 -10.40 -3.11
N LEU B 185 19.94 -11.23 -3.60
CA LEU B 185 20.71 -10.91 -4.81
C LEU B 185 19.87 -10.99 -6.08
N MET B 186 18.86 -11.87 -6.07
CA MET B 186 17.92 -11.97 -7.20
C MET B 186 17.01 -10.75 -7.24
N MET B 187 16.41 -10.42 -6.10
CA MET B 187 15.45 -9.32 -6.00
C MET B 187 15.97 -7.99 -6.57
N CYS B 188 17.27 -7.75 -6.43
CA CYS B 188 17.87 -6.50 -6.86
C CYS B 188 18.66 -6.61 -8.17
N ASP B 189 18.36 -7.60 -9.00
CA ASP B 189 19.18 -7.85 -10.19
C ASP B 189 18.93 -6.87 -11.34
N ASP B 190 17.81 -6.15 -11.28
CA ASP B 190 17.48 -5.18 -12.32
C ASP B 190 17.91 -3.75 -11.95
N ARG B 191 18.50 -3.55 -10.78
CA ARG B 191 18.85 -2.19 -10.34
C ARG B 191 20.33 -1.80 -10.59
N ILE B 192 20.51 -0.72 -11.36
CA ILE B 192 21.84 -0.26 -11.81
C ILE B 192 22.71 0.13 -10.63
N SER B 193 22.10 0.82 -9.67
CA SER B 193 22.81 1.36 -8.51
C SER B 193 23.35 0.28 -7.56
N MET B 194 22.84 -0.94 -7.68
CA MET B 194 23.24 -2.04 -6.79
C MET B 194 24.09 -3.09 -7.50
N GLN B 195 24.56 -2.78 -8.71
CA GLN B 195 25.39 -3.72 -9.46
C GLN B 195 26.72 -4.00 -8.75
N GLU B 196 27.41 -2.93 -8.35
CA GLU B 196 28.66 -3.06 -7.60
C GLU B 196 28.46 -3.77 -6.25
N ARG B 197 27.35 -3.47 -5.58
CA ARG B 197 27.08 -4.04 -4.26
C ARG B 197 26.88 -5.56 -4.32
N ARG B 198 26.19 -6.05 -5.34
CA ARG B 198 26.01 -7.51 -5.46
C ARG B 198 27.27 -8.19 -6.01
N LYS B 199 28.15 -7.42 -6.66
CA LYS B 199 29.45 -7.94 -7.08
C LYS B 199 30.28 -8.27 -5.84
N GLU B 200 30.45 -7.30 -4.95
CA GLU B 200 31.26 -7.51 -3.75
C GLU B 200 30.67 -8.57 -2.80
N ILE B 201 29.36 -8.77 -2.83
CA ILE B 201 28.75 -9.82 -2.02
C ILE B 201 29.06 -11.20 -2.59
N MET B 202 29.06 -11.32 -3.91
CA MET B 202 29.31 -12.60 -4.57
C MET B 202 30.80 -12.98 -4.56
N LEU B 203 31.69 -11.99 -4.65
CA LEU B 203 33.12 -12.22 -4.42
C LEU B 203 33.33 -12.86 -3.04
N GLY B 204 32.66 -12.30 -2.04
CA GLY B 204 32.71 -12.84 -0.69
C GLY B 204 32.08 -14.22 -0.53
N LEU B 205 31.05 -14.51 -1.31
CA LEU B 205 30.43 -15.84 -1.34
C LEU B 205 31.35 -16.88 -2.00
N LYS B 206 32.26 -16.42 -2.85
CA LYS B 206 33.26 -17.29 -3.47
C LYS B 206 34.35 -17.61 -2.44
N ARG B 207 34.83 -16.57 -1.76
CA ARG B 207 35.85 -16.71 -0.73
C ARG B 207 35.34 -17.39 0.55
N LEU B 208 34.03 -17.58 0.65
CA LEU B 208 33.41 -18.00 1.92
C LEU B 208 33.94 -19.34 2.45
N PRO B 209 33.88 -20.42 1.65
CA PRO B 209 34.27 -21.74 2.16
C PRO B 209 35.74 -21.80 2.61
N ASP B 210 36.63 -21.13 1.88
CA ASP B 210 38.04 -21.05 2.24
C ASP B 210 38.24 -20.31 3.56
N LEU B 211 37.49 -19.21 3.75
CA LEU B 211 37.56 -18.44 4.98
C LEU B 211 36.89 -19.16 6.16
N ILE B 212 35.86 -19.96 5.89
CA ILE B 212 35.26 -20.78 6.94
C ILE B 212 36.27 -21.79 7.48
N LYS B 213 37.08 -22.38 6.58
CA LYS B 213 38.14 -23.29 6.99
C LYS B 213 39.20 -22.58 7.84
N GLU B 214 39.53 -21.33 7.49
CA GLU B 214 40.45 -20.53 8.32
C GLU B 214 39.90 -20.31 9.73
N VAL B 215 38.58 -20.25 9.88
CA VAL B 215 37.95 -20.13 11.20
C VAL B 215 38.00 -21.46 11.96
N LEU B 216 37.82 -22.56 11.23
CA LEU B 216 37.93 -23.90 11.81
C LEU B 216 39.37 -24.22 12.29
N SER B 217 40.36 -23.47 11.81
CA SER B 217 41.75 -23.60 12.27
C SER B 217 41.94 -23.20 13.74
N MET B 218 41.06 -22.34 14.24
CA MET B 218 41.17 -21.80 15.59
C MET B 218 40.49 -22.70 16.64
N ASP B 219 40.22 -23.96 16.29
CA ASP B 219 39.62 -24.94 17.19
C ASP B 219 40.45 -25.09 18.48
N ASP B 220 41.76 -25.00 18.33
CA ASP B 220 42.71 -24.91 19.44
C ASP B 220 42.26 -23.84 20.45
N GLU B 221 42.18 -22.59 20.00
CA GLU B 221 41.85 -21.46 20.87
C GLU B 221 40.44 -21.52 21.44
N ILE B 222 39.52 -22.14 20.71
CA ILE B 222 38.13 -22.28 21.15
C ILE B 222 38.03 -23.41 22.18
N GLN B 223 38.87 -24.44 22.03
CA GLN B 223 38.93 -25.53 22.99
C GLN B 223 39.41 -25.03 24.37
N LYS B 224 40.44 -24.19 24.38
CA LYS B 224 41.02 -23.69 25.62
C LYS B 224 40.26 -22.52 26.23
N LEU B 225 39.45 -21.83 25.43
CA LEU B 225 38.53 -20.82 25.95
C LEU B 225 37.40 -21.50 26.73
N ALA B 226 37.01 -22.70 26.27
CA ALA B 226 36.00 -23.51 26.95
C ALA B 226 36.44 -23.92 28.36
N THR B 227 37.72 -24.25 28.54
CA THR B 227 38.23 -24.71 29.84
C THR B 227 38.24 -23.60 30.89
N GLU B 228 38.43 -22.36 30.46
CA GLU B 228 38.36 -21.20 31.36
C GLU B 228 36.91 -20.97 31.81
N LEU B 229 35.96 -21.22 30.91
CA LEU B 229 34.54 -21.01 31.19
C LEU B 229 33.84 -22.29 31.65
N TYR B 230 34.63 -23.29 32.09
CA TYR B 230 34.09 -24.59 32.51
C TYR B 230 33.28 -24.49 33.80
N HIS B 231 33.79 -23.74 34.79
CA HIS B 231 33.12 -23.59 36.07
C HIS B 231 32.04 -22.51 36.08
N GLN B 232 32.08 -21.59 35.10
CA GLN B 232 31.20 -20.40 35.10
C GLN B 232 29.72 -20.71 34.87
N LYS B 233 28.86 -19.94 35.54
CA LYS B 233 27.42 -20.19 35.52
C LYS B 233 26.66 -19.31 34.51
N SER B 234 27.25 -18.18 34.13
CA SER B 234 26.63 -17.23 33.18
C SER B 234 27.65 -16.70 32.19
N VAL B 235 27.20 -16.31 31.00
CA VAL B 235 28.05 -15.61 30.01
C VAL B 235 27.21 -14.70 29.11
N LEU B 236 27.56 -13.41 29.08
CA LEU B 236 26.82 -12.41 28.29
C LEU B 236 27.45 -12.19 26.91
N ILE B 237 26.69 -12.48 25.86
CA ILE B 237 27.19 -12.30 24.49
C ILE B 237 26.60 -11.04 23.86
N MET B 238 27.46 -10.07 23.56
CA MET B 238 27.05 -8.73 23.15
C MET B 238 27.39 -8.44 21.70
N GLY B 239 26.40 -8.00 20.94
CA GLY B 239 26.56 -7.77 19.50
C GLY B 239 25.61 -6.75 18.91
N ARG B 240 26.07 -6.15 17.83
CA ARG B 240 25.41 -5.01 17.20
C ARG B 240 25.04 -5.41 15.76
N GLY B 241 23.98 -4.78 15.22
CA GLY B 241 23.63 -4.87 13.80
C GLY B 241 23.72 -6.25 13.19
N TYR B 242 24.58 -6.40 12.19
CA TYR B 242 24.79 -7.70 11.53
C TYR B 242 25.09 -8.87 12.48
N HIS B 243 25.47 -8.55 13.73
CA HIS B 243 25.88 -9.56 14.70
C HIS B 243 24.97 -9.70 15.91
N TYR B 244 23.76 -9.14 15.81
CA TYR B 244 22.75 -9.34 16.83
C TYR B 244 22.32 -10.79 16.77
N ALA B 245 22.12 -11.28 15.55
CA ALA B 245 21.78 -12.68 15.32
C ALA B 245 22.90 -13.61 15.83
N THR B 246 24.15 -13.28 15.52
CA THR B 246 25.30 -14.03 16.01
C THR B 246 25.24 -14.26 17.52
N CYS B 247 25.04 -13.18 18.27
N CYS B 247 25.05 -13.18 18.27
CA CYS B 247 25.00 -13.25 19.73
CA CYS B 247 24.98 -13.25 19.72
C CYS B 247 23.76 -14.00 20.24
C CYS B 247 23.77 -14.06 20.19
N LEU B 248 22.62 -13.82 19.56
CA LEU B 248 21.40 -14.54 19.93
C LEU B 248 21.56 -16.05 19.69
N GLU B 249 22.17 -16.39 18.55
CA GLU B 249 22.37 -17.78 18.15
C GLU B 249 23.47 -18.42 19.00
N GLY B 250 24.57 -17.70 19.19
CA GLY B 250 25.63 -18.13 20.10
C GLY B 250 25.08 -18.44 21.49
N ALA B 251 24.24 -17.54 22.01
CA ALA B 251 23.64 -17.71 23.33
C ALA B 251 22.70 -18.91 23.39
N LEU B 252 22.07 -19.23 22.26
CA LEU B 252 21.12 -20.35 22.21
C LEU B 252 21.82 -21.71 22.18
N LYS B 253 22.98 -21.81 21.53
CA LYS B 253 23.73 -23.07 21.52
C LYS B 253 24.27 -23.35 22.91
N ILE B 254 24.89 -22.34 23.49
CA ILE B 254 25.52 -22.43 24.79
C ILE B 254 24.46 -22.72 25.88
N LYS B 255 23.21 -22.29 25.65
CA LYS B 255 22.10 -22.69 26.51
C LYS B 255 21.76 -24.17 26.33
N GLU B 256 21.61 -24.57 25.06
CA GLU B 256 21.01 -25.85 24.70
C GLU B 256 21.86 -27.08 25.01
N ILE B 257 23.17 -26.99 24.77
CA ILE B 257 24.06 -28.17 24.88
C ILE B 257 25.07 -28.11 26.04
N THR B 258 25.37 -26.92 26.56
CA THR B 258 26.26 -26.77 27.72
C THR B 258 25.51 -26.50 29.02
N TYR B 259 24.21 -26.15 28.90
CA TYR B 259 23.35 -25.87 30.05
C TYR B 259 23.89 -24.76 30.96
N MET B 260 24.57 -23.80 30.35
CA MET B 260 25.08 -22.63 31.03
C MET B 260 24.14 -21.47 30.70
N HIS B 261 23.96 -20.52 31.62
CA HIS B 261 23.08 -19.37 31.36
C HIS B 261 23.78 -18.37 30.45
N SER B 262 23.71 -18.62 29.15
CA SER B 262 24.19 -17.70 28.14
C SER B 262 23.01 -16.87 27.63
N GLU B 263 23.18 -15.56 27.59
CA GLU B 263 22.15 -14.64 27.07
C GLU B 263 22.78 -13.67 26.07
N GLY B 264 22.17 -13.58 24.89
CA GLY B 264 22.56 -12.61 23.88
C GLY B 264 21.96 -11.26 24.21
N ILE B 265 22.78 -10.21 24.15
CA ILE B 265 22.34 -8.86 24.49
C ILE B 265 22.76 -7.88 23.40
N LEU B 266 21.78 -7.12 22.90
CA LEU B 266 22.03 -6.10 21.89
C LEU B 266 22.90 -4.99 22.47
N ALA B 267 24.04 -4.73 21.82
CA ALA B 267 25.06 -3.81 22.36
C ALA B 267 24.53 -2.41 22.61
N GLY B 268 23.64 -1.96 21.72
CA GLY B 268 23.00 -0.65 21.86
C GLY B 268 22.07 -0.51 23.05
N GLU B 269 21.56 -1.64 23.54
CA GLU B 269 20.66 -1.67 24.71
C GLU B 269 21.39 -1.76 26.04
N LEU B 270 22.71 -1.91 26.01
CA LEU B 270 23.50 -2.13 27.22
C LEU B 270 23.33 -1.01 28.24
N LYS B 271 23.54 0.23 27.79
CA LYS B 271 23.41 1.40 28.66
C LYS B 271 21.98 1.63 29.20
N HIS B 272 20.99 0.94 28.64
CA HIS B 272 19.61 1.09 29.08
C HIS B 272 19.20 0.06 30.16
N GLY B 273 20.16 -0.60 30.79
CA GLY B 273 19.87 -1.49 31.92
C GLY B 273 20.80 -2.67 32.14
N PRO B 274 20.98 -3.52 31.13
CA PRO B 274 21.80 -4.72 31.26
C PRO B 274 23.27 -4.49 31.63
N LEU B 275 23.78 -3.27 31.46
CA LEU B 275 25.15 -2.92 31.88
C LEU B 275 25.39 -3.22 33.36
N ALA B 276 24.35 -3.08 34.18
CA ALA B 276 24.41 -3.40 35.61
C ALA B 276 25.00 -4.78 35.91
N LEU B 277 24.76 -5.75 35.04
CA LEU B 277 25.27 -7.11 35.21
C LEU B 277 26.80 -7.24 35.08
N VAL B 278 27.45 -6.25 34.49
CA VAL B 278 28.89 -6.32 34.25
C VAL B 278 29.72 -6.01 35.50
N ASP B 279 30.53 -6.99 35.89
CA ASP B 279 31.60 -6.79 36.88
C ASP B 279 32.74 -7.75 36.54
N LYS B 280 33.82 -7.68 37.32
CA LYS B 280 34.97 -8.57 37.15
C LYS B 280 34.62 -10.06 37.05
N LEU B 281 33.61 -10.51 37.80
CA LEU B 281 33.23 -11.93 37.82
C LEU B 281 32.18 -12.36 36.77
N MET B 282 31.74 -11.45 35.91
CA MET B 282 30.79 -11.80 34.83
C MET B 282 31.51 -11.88 33.48
N PRO B 283 31.61 -13.09 32.91
CA PRO B 283 32.34 -13.20 31.66
C PRO B 283 31.51 -12.69 30.47
N VAL B 284 32.16 -11.94 29.60
CA VAL B 284 31.51 -11.32 28.45
C VAL B 284 32.19 -11.79 27.16
N ILE B 285 31.37 -12.05 26.14
CA ILE B 285 31.84 -12.30 24.77
C ILE B 285 31.26 -11.23 23.85
N MET B 286 32.10 -10.32 23.36
CA MET B 286 31.64 -9.25 22.48
C MET B 286 32.07 -9.52 21.04
N ILE B 287 31.17 -9.22 20.10
CA ILE B 287 31.44 -9.39 18.68
C ILE B 287 31.63 -8.01 18.04
N ILE B 288 32.89 -7.60 17.91
CA ILE B 288 33.24 -6.27 17.41
C ILE B 288 33.97 -6.45 16.07
N MET B 289 33.25 -6.27 14.96
CA MET B 289 33.78 -6.59 13.63
C MET B 289 33.88 -5.37 12.72
N ARG B 290 34.60 -5.52 11.61
CA ARG B 290 34.84 -4.43 10.67
C ARG B 290 33.62 -4.20 9.75
N ASP B 291 32.66 -3.41 10.24
CA ASP B 291 31.54 -2.92 9.44
C ASP B 291 31.23 -1.45 9.83
N HIS B 292 30.10 -0.93 9.38
N HIS B 292 30.09 -0.93 9.38
CA HIS B 292 29.78 0.49 9.59
CA HIS B 292 29.75 0.48 9.59
C HIS B 292 29.48 0.85 11.06
C HIS B 292 29.48 0.85 11.06
N THR B 293 29.23 -0.16 11.90
CA THR B 293 28.94 0.07 13.33
C THR B 293 30.16 -0.12 14.23
N TYR B 294 31.36 0.03 13.68
CA TYR B 294 32.61 -0.24 14.42
C TYR B 294 32.73 0.67 15.66
N ALA B 295 32.71 1.98 15.43
CA ALA B 295 32.85 2.97 16.51
C ALA B 295 31.86 2.75 17.65
N LYS B 296 30.62 2.40 17.31
CA LYS B 296 29.59 2.16 18.32
C LYS B 296 29.85 0.87 19.11
N CYS B 297 30.34 -0.17 18.44
CA CYS B 297 30.76 -1.40 19.12
C CYS B 297 31.90 -1.12 20.11
N GLN B 298 32.79 -0.19 19.75
CA GLN B 298 33.91 0.20 20.61
C GLN B 298 33.43 0.95 21.85
N ASN B 299 32.40 1.77 21.70
CA ASN B 299 31.78 2.44 22.85
C ASN B 299 31.24 1.40 23.83
N ALA B 300 30.63 0.34 23.30
CA ALA B 300 30.09 -0.75 24.12
C ALA B 300 31.20 -1.49 24.88
N LEU B 301 32.35 -1.70 24.22
CA LEU B 301 33.52 -2.31 24.85
C LEU B 301 33.99 -1.49 26.04
N GLN B 302 34.13 -0.18 25.83
CA GLN B 302 34.63 0.73 26.86
C GLN B 302 33.68 0.84 28.05
N GLN B 303 32.38 0.78 27.78
CA GLN B 303 31.38 0.75 28.84
C GLN B 303 31.54 -0.51 29.69
N VAL B 304 31.88 -1.62 29.06
CA VAL B 304 32.10 -2.89 29.76
C VAL B 304 33.41 -2.86 30.57
N VAL B 305 34.48 -2.37 29.95
CA VAL B 305 35.80 -2.27 30.59
C VAL B 305 35.76 -1.34 31.81
N ALA B 306 35.17 -0.15 31.63
CA ALA B 306 35.04 0.82 32.71
C ALA B 306 34.20 0.29 33.89
N ARG B 307 33.45 -0.78 33.66
CA ARG B 307 32.73 -1.48 34.73
C ARG B 307 33.50 -2.72 35.22
N GLN B 308 34.79 -2.79 34.85
CA GLN B 308 35.72 -3.83 35.33
C GLN B 308 35.45 -5.26 34.80
N GLY B 309 34.79 -5.37 33.65
CA GLY B 309 34.60 -6.65 32.98
C GLY B 309 35.75 -6.98 32.04
N ARG B 310 35.98 -8.27 31.81
CA ARG B 310 37.08 -8.74 30.95
C ARG B 310 36.53 -9.52 29.77
N PRO B 311 36.35 -8.85 28.61
CA PRO B 311 35.65 -9.46 27.48
C PRO B 311 36.53 -10.24 26.51
N VAL B 312 36.08 -11.43 26.14
CA VAL B 312 36.67 -12.19 25.04
C VAL B 312 36.07 -11.67 23.74
N VAL B 313 36.85 -10.89 23.00
CA VAL B 313 36.34 -10.21 21.81
C VAL B 313 36.53 -11.06 20.55
N ILE B 314 35.42 -11.42 19.90
CA ILE B 314 35.46 -12.03 18.57
C ILE B 314 35.57 -10.88 17.57
N CYS B 315 36.78 -10.68 17.04
CA CYS B 315 37.09 -9.51 16.21
C CYS B 315 37.69 -9.93 14.87
N ASP B 316 38.05 -8.92 14.07
CA ASP B 316 38.70 -9.16 12.78
C ASP B 316 40.16 -9.51 13.01
N LYS B 317 40.69 -10.38 12.14
CA LYS B 317 42.09 -10.79 12.19
C LYS B 317 43.03 -9.61 12.00
N GLU B 318 42.62 -8.66 11.16
CA GLU B 318 43.45 -7.49 10.81
C GLU B 318 43.05 -6.22 11.59
N ASP B 319 42.47 -6.40 12.78
CA ASP B 319 42.05 -5.27 13.62
C ASP B 319 43.07 -5.06 14.74
N THR B 320 44.16 -4.37 14.42
CA THR B 320 45.34 -4.27 15.30
C THR B 320 45.03 -3.67 16.67
N GLU B 321 44.25 -2.59 16.69
CA GLU B 321 43.92 -1.88 17.92
C GLU B 321 42.93 -2.61 18.84
N THR B 322 42.50 -3.81 18.46
CA THR B 322 41.67 -4.66 19.32
C THR B 322 42.38 -5.96 19.73
N ILE B 323 43.32 -6.43 18.89
CA ILE B 323 44.07 -7.65 19.18
C ILE B 323 45.03 -7.42 20.36
N LYS B 324 45.76 -6.30 20.32
CA LYS B 324 46.71 -5.97 21.39
C LYS B 324 46.00 -5.40 22.62
N ASN B 325 44.97 -4.60 22.40
CA ASN B 325 44.27 -3.89 23.48
C ASN B 325 43.37 -4.78 24.34
N THR B 326 43.07 -5.99 23.87
CA THR B 326 42.25 -6.95 24.64
C THR B 326 43.01 -8.24 24.89
N LYS B 327 42.87 -8.76 26.12
CA LYS B 327 43.63 -9.93 26.58
C LYS B 327 43.34 -11.16 25.72
N ARG B 328 42.08 -11.60 25.71
CA ARG B 328 41.66 -12.73 24.88
C ARG B 328 40.91 -12.20 23.65
N THR B 329 41.35 -12.63 22.47
CA THR B 329 40.65 -12.33 21.22
C THR B 329 40.55 -13.60 20.38
N ILE B 330 39.36 -13.86 19.83
CA ILE B 330 39.18 -14.92 18.85
C ILE B 330 39.14 -14.25 17.48
N LYS B 331 40.32 -14.16 16.86
CA LYS B 331 40.50 -13.40 15.63
C LYS B 331 39.89 -14.15 14.44
N VAL B 332 39.01 -13.45 13.71
CA VAL B 332 38.27 -14.02 12.60
C VAL B 332 38.66 -13.31 11.30
N PRO B 333 38.69 -14.04 10.16
CA PRO B 333 39.00 -13.41 8.88
C PRO B 333 37.93 -12.43 8.40
N HIS B 334 38.31 -11.50 7.54
CA HIS B 334 37.43 -10.44 7.06
C HIS B 334 36.63 -10.85 5.84
N SER B 335 35.35 -10.51 5.83
CA SER B 335 34.47 -10.66 4.67
C SER B 335 33.55 -9.44 4.58
N VAL B 336 32.73 -9.40 3.55
CA VAL B 336 31.80 -8.27 3.35
C VAL B 336 30.75 -8.28 4.48
N ASP B 337 30.37 -7.09 4.92
CA ASP B 337 29.55 -6.91 6.12
C ASP B 337 28.37 -7.88 6.29
N CYS B 338 27.63 -8.14 5.20
CA CYS B 338 26.43 -9.00 5.27
C CYS B 338 26.72 -10.50 5.24
N LEU B 339 27.99 -10.89 5.13
CA LEU B 339 28.38 -12.30 5.20
C LEU B 339 29.12 -12.64 6.51
N GLN B 340 29.73 -11.65 7.15
CA GLN B 340 30.49 -11.85 8.40
C GLN B 340 29.73 -12.63 9.48
N GLY B 341 28.42 -12.46 9.54
CA GLY B 341 27.57 -13.23 10.44
C GLY B 341 27.80 -14.73 10.34
N ILE B 342 28.12 -15.20 9.13
CA ILE B 342 28.41 -16.61 8.92
C ILE B 342 29.73 -17.00 9.60
N LEU B 343 30.77 -16.18 9.41
CA LEU B 343 32.09 -16.46 9.98
C LEU B 343 32.15 -16.30 11.50
N SER B 344 31.49 -15.27 12.02
CA SER B 344 31.60 -14.94 13.44
C SER B 344 30.73 -15.82 14.36
N VAL B 345 29.81 -16.58 13.79
CA VAL B 345 29.00 -17.51 14.59
C VAL B 345 29.69 -18.86 14.82
N ILE B 346 30.66 -19.20 13.97
CA ILE B 346 31.35 -20.50 14.04
C ILE B 346 32.10 -20.69 15.38
N PRO B 347 32.89 -19.70 15.82
CA PRO B 347 33.55 -19.80 17.13
C PRO B 347 32.60 -20.09 18.30
N LEU B 348 31.40 -19.53 18.25
CA LEU B 348 30.41 -19.73 19.33
C LEU B 348 29.79 -21.12 19.30
N GLN B 349 29.53 -21.65 18.12
CA GLN B 349 29.02 -23.03 18.01
C GLN B 349 30.10 -24.07 18.34
N LEU B 350 31.37 -23.71 18.13
CA LEU B 350 32.50 -24.55 18.57
C LEU B 350 32.71 -24.45 20.08
N LEU B 351 32.53 -23.26 20.64
CA LEU B 351 32.65 -23.07 22.09
C LEU B 351 31.54 -23.82 22.84
N ALA B 352 30.36 -23.88 22.24
CA ALA B 352 29.24 -24.62 22.82
C ALA B 352 29.53 -26.12 22.88
N PHE B 353 30.20 -26.62 21.85
CA PHE B 353 30.58 -28.03 21.77
C PHE B 353 31.63 -28.40 22.83
N HIS B 354 32.71 -27.63 22.89
CA HIS B 354 33.84 -27.94 23.78
C HIS B 354 33.51 -27.83 25.27
N LEU B 355 32.69 -26.84 25.63
CA LEU B 355 32.20 -26.72 27.01
C LEU B 355 31.35 -27.93 27.39
N ALA B 356 30.55 -28.41 26.45
CA ALA B 356 29.73 -29.60 26.65
C ALA B 356 30.59 -30.85 26.91
N VAL B 357 31.69 -30.97 26.18
CA VAL B 357 32.63 -32.07 26.35
C VAL B 357 33.33 -31.98 27.70
N LEU B 358 33.91 -30.82 28.00
CA LEU B 358 34.57 -30.56 29.30
C LEU B 358 33.71 -30.92 30.51
N ARG B 359 32.41 -30.63 30.44
CA ARG B 359 31.48 -30.98 31.51
C ARG B 359 30.99 -32.44 31.42
N GLY B 360 31.40 -33.15 30.37
CA GLY B 360 31.10 -34.57 30.23
C GLY B 360 29.66 -34.83 29.87
N TYR B 361 29.19 -34.16 28.81
CA TYR B 361 27.82 -34.31 28.34
C TYR B 361 27.80 -34.92 26.93
N ASP B 362 26.69 -35.58 26.60
CA ASP B 362 26.49 -36.17 25.28
C ASP B 362 25.91 -35.12 24.33
N VAL B 363 26.78 -34.46 23.57
CA VAL B 363 26.40 -33.42 22.59
C VAL B 363 25.25 -33.89 21.70
N ASP B 364 25.30 -35.15 21.27
CA ASP B 364 24.18 -35.77 20.55
C ASP B 364 23.16 -36.29 21.56
N PHE C 16 2.82 36.18 -39.05
CA PHE C 16 1.65 35.27 -39.10
C PHE C 16 0.32 36.02 -38.95
N SER C 17 -0.74 35.45 -39.51
CA SER C 17 -2.08 36.03 -39.43
C SER C 17 -2.64 36.03 -38.00
N SER C 18 -2.10 35.18 -37.13
CA SER C 18 -2.62 35.02 -35.77
C SER C 18 -1.59 34.49 -34.77
N PHE C 19 -1.82 34.77 -33.50
CA PHE C 19 -1.03 34.17 -32.42
C PHE C 19 -1.12 32.64 -32.47
N MET C 20 -2.30 32.12 -32.79
CA MET C 20 -2.50 30.68 -32.79
C MET C 20 -1.57 30.00 -33.78
N GLN C 21 -1.60 30.45 -35.04
CA GLN C 21 -0.77 29.85 -36.09
C GLN C 21 0.71 29.97 -35.77
N LYS C 22 1.12 31.14 -35.29
CA LYS C 22 2.51 31.33 -34.85
C LYS C 22 2.86 30.28 -33.80
N GLU C 23 1.95 30.09 -32.85
CA GLU C 23 2.17 29.17 -31.74
C GLU C 23 2.21 27.71 -32.21
N ILE C 24 1.43 27.38 -33.23
CA ILE C 24 1.49 26.05 -33.83
C ILE C 24 2.83 25.83 -34.54
N PHE C 25 3.25 26.82 -35.31
CA PHE C 25 4.52 26.75 -36.05
C PHE C 25 5.74 26.97 -35.16
N GLU C 26 5.53 27.45 -33.95
CA GLU C 26 6.60 27.59 -32.96
C GLU C 26 6.99 26.25 -32.30
N GLN C 27 6.23 25.18 -32.56
CA GLN C 27 6.41 23.94 -31.80
C GLN C 27 7.78 23.26 -31.89
N PRO C 28 8.43 23.28 -33.07
CA PRO C 28 9.79 22.75 -33.15
C PRO C 28 10.74 23.43 -32.17
N GLU C 29 10.52 24.72 -31.94
CA GLU C 29 11.37 25.52 -31.08
C GLU C 29 10.99 25.38 -29.60
N SER C 30 9.68 25.46 -29.30
CA SER C 30 9.20 25.30 -27.93
C SER C 30 9.48 23.90 -27.35
N VAL C 31 9.39 22.87 -28.18
CA VAL C 31 9.78 21.52 -27.75
C VAL C 31 11.27 21.48 -27.39
N VAL C 32 12.10 22.19 -28.15
CA VAL C 32 13.54 22.29 -27.83
C VAL C 32 13.74 23.06 -26.54
N ASN C 33 13.02 24.17 -26.39
CA ASN C 33 13.09 24.98 -25.18
C ASN C 33 12.73 24.16 -23.92
N THR C 34 11.70 23.33 -24.03
CA THR C 34 11.26 22.44 -22.95
C THR C 34 12.34 21.46 -22.54
N MET C 35 13.08 20.94 -23.50
CA MET C 35 14.15 19.98 -23.20
C MET C 35 15.47 20.62 -22.76
N ARG C 36 15.58 21.95 -22.86
CA ARG C 36 16.87 22.62 -22.61
C ARG C 36 17.30 22.52 -21.16
N GLY C 37 18.55 22.10 -20.94
CA GLY C 37 19.10 21.94 -19.60
C GLY C 37 18.61 20.69 -18.89
N ARG C 38 17.93 19.80 -19.62
CA ARG C 38 17.23 18.66 -18.99
C ARG C 38 17.57 17.33 -19.64
N VAL C 39 17.46 17.27 -20.96
CA VAL C 39 17.77 16.06 -21.68
C VAL C 39 19.26 16.04 -22.07
N ASN C 40 19.93 14.94 -21.77
CA ASN C 40 21.31 14.71 -22.18
C ASN C 40 21.29 13.70 -23.31
N PHE C 41 21.36 14.20 -24.55
CA PHE C 41 21.19 13.38 -25.75
C PHE C 41 22.36 12.46 -26.06
N ASP C 42 23.46 12.61 -25.34
CA ASP C 42 24.64 11.81 -25.62
C ASP C 42 24.78 10.63 -24.68
N ASP C 43 24.41 10.80 -23.42
CA ASP C 43 24.46 9.68 -22.50
C ASP C 43 23.08 9.24 -22.01
N TYR C 44 22.03 9.89 -22.51
CA TYR C 44 20.62 9.45 -22.37
C TYR C 44 20.08 9.53 -20.92
N THR C 45 20.24 10.70 -20.32
CA THR C 45 19.73 10.98 -18.97
C THR C 45 18.81 12.20 -19.00
N VAL C 46 17.86 12.24 -18.08
CA VAL C 46 17.03 13.41 -17.88
C VAL C 46 17.23 13.92 -16.45
N ASN C 47 17.40 15.23 -16.33
CA ASN C 47 17.40 15.85 -15.03
C ASN C 47 16.40 17.00 -15.02
N LEU C 48 15.40 16.90 -14.16
CA LEU C 48 14.45 17.98 -13.96
C LEU C 48 14.80 18.61 -12.63
N GLY C 49 15.48 19.76 -12.71
CA GLY C 49 16.03 20.44 -11.55
C GLY C 49 14.98 20.84 -10.53
N GLY C 50 13.82 21.25 -11.03
CA GLY C 50 12.68 21.57 -10.17
C GLY C 50 12.27 20.45 -9.22
N LEU C 51 12.59 19.20 -9.55
CA LEU C 51 12.26 18.04 -8.71
C LEU C 51 13.44 17.53 -7.87
N LYS C 52 14.49 18.35 -7.73
CA LYS C 52 15.75 17.93 -7.09
C LYS C 52 15.60 17.47 -5.65
N ASP C 53 14.91 18.26 -4.84
CA ASP C 53 14.80 17.97 -3.41
C ASP C 53 13.60 17.09 -3.07
N HIS C 54 12.97 16.50 -4.09
CA HIS C 54 11.82 15.64 -3.87
C HIS C 54 11.85 14.32 -4.66
N ILE C 55 12.78 14.18 -5.59
CA ILE C 55 12.78 13.04 -6.49
C ILE C 55 12.86 11.70 -5.74
N LYS C 56 13.62 11.68 -4.65
CA LYS C 56 13.79 10.48 -3.83
C LYS C 56 12.48 9.98 -3.27
N GLU C 57 11.75 10.88 -2.62
CA GLU C 57 10.42 10.60 -2.06
C GLU C 57 9.43 10.19 -3.15
N ILE C 58 9.44 10.94 -4.26
CA ILE C 58 8.59 10.63 -5.40
C ILE C 58 8.86 9.21 -5.93
N GLN C 59 10.14 8.82 -5.96
CA GLN C 59 10.52 7.49 -6.50
C GLN C 59 10.01 6.35 -5.61
N ARG C 60 9.71 6.65 -4.35
CA ARG C 60 9.13 5.67 -3.43
C ARG C 60 7.58 5.70 -3.33
N CYS C 61 6.94 6.65 -4.01
N CYS C 61 6.92 6.67 -3.95
CA CYS C 61 5.48 6.81 -3.98
CA CYS C 61 5.48 6.78 -3.81
C CYS C 61 4.80 5.59 -4.57
C CYS C 61 4.77 5.69 -4.64
N ARG C 62 3.49 5.48 -4.37
CA ARG C 62 2.77 4.28 -4.87
C ARG C 62 1.71 4.56 -5.93
N ARG C 63 1.47 5.81 -6.27
CA ARG C 63 0.52 6.11 -7.33
C ARG C 63 0.73 7.52 -7.83
N LEU C 64 0.57 7.72 -9.14
CA LEU C 64 0.47 9.07 -9.70
C LEU C 64 -1.00 9.40 -10.00
N ILE C 65 -1.38 10.63 -9.66
CA ILE C 65 -2.67 11.19 -10.04
C ILE C 65 -2.37 12.47 -10.84
N LEU C 66 -2.78 12.50 -12.10
CA LEU C 66 -2.66 13.69 -12.90
C LEU C 66 -4.03 14.37 -12.88
N ILE C 67 -4.08 15.62 -12.41
CA ILE C 67 -5.33 16.36 -12.28
C ILE C 67 -5.27 17.67 -13.09
N ALA C 68 -6.27 17.88 -13.94
CA ALA C 68 -6.27 19.06 -14.83
C ALA C 68 -7.62 19.20 -15.53
N CYS C 69 -7.76 20.28 -16.30
CA CYS C 69 -8.95 20.55 -17.09
C CYS C 69 -8.58 20.58 -18.56
N GLY C 70 -9.60 20.43 -19.40
CA GLY C 70 -9.48 20.58 -20.84
C GLY C 70 -8.22 20.00 -21.46
N THR C 71 -7.58 20.80 -22.31
CA THR C 71 -6.39 20.37 -23.05
C THR C 71 -5.26 19.92 -22.14
N SER C 72 -5.05 20.59 -21.01
CA SER C 72 -4.08 20.08 -20.06
C SER C 72 -4.39 18.63 -19.60
N TYR C 73 -5.68 18.29 -19.44
CA TYR C 73 -6.09 16.92 -19.06
C TYR C 73 -5.74 15.93 -20.17
N HIS C 74 -5.89 16.37 -21.41
CA HIS C 74 -5.54 15.54 -22.53
C HIS C 74 -4.05 15.20 -22.57
N ALA C 75 -3.21 16.09 -22.03
CA ALA C 75 -1.77 15.83 -21.92
C ALA C 75 -1.52 14.63 -20.99
N GLY C 76 -2.33 14.54 -19.94
CA GLY C 76 -2.30 13.41 -19.03
C GLY C 76 -2.68 12.12 -19.72
N VAL C 77 -3.78 12.15 -20.46
CA VAL C 77 -4.23 10.99 -21.24
C VAL C 77 -3.19 10.57 -22.26
N ALA C 78 -2.53 11.57 -22.86
CA ALA C 78 -1.47 11.34 -23.86
C ALA C 78 -0.23 10.65 -23.29
N THR C 79 0.07 10.89 -22.03
CA THR C 79 1.27 10.35 -21.39
C THR C 79 1.00 9.25 -20.33
N ARG C 80 -0.27 8.93 -20.10
CA ARG C 80 -0.60 7.93 -19.09
C ARG C 80 0.15 6.62 -19.29
N GLN C 81 0.09 6.08 -20.51
CA GLN C 81 0.64 4.79 -20.83
C GLN C 81 2.16 4.69 -20.60
N VAL C 82 2.93 5.68 -21.07
CA VAL C 82 4.39 5.66 -20.91
C VAL C 82 4.76 5.86 -19.46
N LEU C 83 3.92 6.61 -18.74
CA LEU C 83 4.12 6.78 -17.30
C LEU C 83 3.92 5.47 -16.52
N GLU C 84 2.85 4.74 -16.84
CA GLU C 84 2.60 3.41 -16.27
C GLU C 84 3.77 2.45 -16.58
N GLU C 85 4.23 2.49 -17.83
CA GLU C 85 5.27 1.58 -18.29
C GLU C 85 6.59 1.84 -17.54
N LEU C 86 6.99 3.10 -17.42
CA LEU C 86 8.33 3.41 -16.94
C LEU C 86 8.41 3.51 -15.41
N THR C 87 7.31 3.92 -14.77
CA THR C 87 7.25 3.97 -13.30
C THR C 87 6.76 2.66 -12.69
N GLU C 88 6.01 1.87 -13.45
CA GLU C 88 5.32 0.66 -12.93
C GLU C 88 4.26 0.91 -11.86
N LEU C 89 3.92 2.19 -11.65
CA LEU C 89 2.89 2.59 -10.70
C LEU C 89 1.54 2.79 -11.40
N PRO C 90 0.46 2.62 -10.63
CA PRO C 90 -0.85 3.06 -11.12
C PRO C 90 -0.84 4.54 -11.47
N VAL C 91 -1.39 4.89 -12.62
CA VAL C 91 -1.54 6.27 -13.01
C VAL C 91 -3.00 6.59 -13.27
N MET C 92 -3.55 7.48 -12.47
CA MET C 92 -4.95 7.87 -12.55
C MET C 92 -5.01 9.30 -13.08
N VAL C 93 -5.70 9.50 -14.19
CA VAL C 93 -5.81 10.82 -14.82
C VAL C 93 -7.22 11.32 -14.55
N GLU C 94 -7.33 12.56 -14.04
CA GLU C 94 -8.59 13.04 -13.49
C GLU C 94 -8.93 14.43 -14.04
N LEU C 95 -10.16 14.58 -14.50
CA LEU C 95 -10.71 15.91 -14.77
C LEU C 95 -10.97 16.62 -13.43
N ALA C 96 -10.41 17.81 -13.28
CA ALA C 96 -10.40 18.48 -11.98
C ALA C 96 -11.81 18.77 -11.44
N SER C 97 -12.75 19.12 -12.30
CA SER C 97 -14.11 19.41 -11.82
C SER C 97 -14.76 18.15 -11.23
N ASP C 98 -14.63 17.03 -11.92
CA ASP C 98 -15.15 15.74 -11.46
C ASP C 98 -14.45 15.22 -10.20
N PHE C 99 -13.12 15.30 -10.22
CA PHE C 99 -12.28 14.93 -9.09
C PHE C 99 -12.73 15.57 -7.80
N LEU C 100 -13.05 16.87 -7.87
CA LEU C 100 -13.58 17.61 -6.72
C LEU C 100 -15.02 17.19 -6.37
N ASP C 101 -15.88 17.05 -7.37
CA ASP C 101 -17.25 16.56 -7.14
C ASP C 101 -17.27 15.26 -6.31
N ARG C 102 -16.37 14.33 -6.59
CA ARG C 102 -16.47 12.99 -6.01
C ARG C 102 -15.84 12.81 -4.63
N ASN C 103 -15.16 13.84 -4.12
CA ASN C 103 -14.37 13.68 -2.90
C ASN C 103 -13.38 12.51 -3.02
N THR C 104 -12.65 12.51 -4.14
CA THR C 104 -11.72 11.44 -4.50
C THR C 104 -10.76 11.07 -3.35
N PRO C 105 -10.62 9.77 -3.02
CA PRO C 105 -9.66 9.43 -1.96
C PRO C 105 -8.20 9.67 -2.38
N VAL C 106 -7.43 10.27 -1.47
CA VAL C 106 -6.05 10.63 -1.71
C VAL C 106 -5.30 10.40 -0.42
N PHE C 107 -4.06 9.92 -0.55
CA PHE C 107 -3.29 9.42 0.57
C PHE C 107 -1.89 10.02 0.52
N ARG C 108 -1.16 9.85 1.61
CA ARG C 108 0.12 10.52 1.75
C ARG C 108 1.19 10.00 0.80
N ASP C 109 1.04 8.78 0.30
CA ASP C 109 1.99 8.25 -0.67
C ASP C 109 1.53 8.38 -2.13
N ASP C 110 0.51 9.20 -2.39
CA ASP C 110 0.18 9.60 -3.77
C ASP C 110 1.04 10.80 -4.15
N VAL C 111 1.52 10.80 -5.39
CA VAL C 111 2.12 12.00 -5.98
C VAL C 111 1.11 12.51 -6.95
N CYS C 112 0.65 13.74 -6.71
CA CYS C 112 -0.37 14.37 -7.53
C CYS C 112 0.24 15.47 -8.40
N PHE C 113 -0.05 15.37 -9.69
CA PHE C 113 0.43 16.30 -10.70
C PHE C 113 -0.72 17.20 -11.12
N PHE C 114 -0.43 18.51 -11.15
CA PHE C 114 -1.37 19.52 -11.59
C PHE C 114 -0.83 20.18 -12.85
N LEU C 115 -1.49 19.87 -13.96
CA LEU C 115 -1.10 20.31 -15.26
C LEU C 115 -1.93 21.55 -15.59
N SER C 116 -1.25 22.67 -15.83
CA SER C 116 -1.93 23.94 -16.07
C SER C 116 -1.02 24.92 -16.83
N GLN C 117 -1.41 25.32 -18.03
CA GLN C 117 -0.67 26.36 -18.76
C GLN C 117 -0.57 27.61 -17.87
N SER C 118 -1.73 28.16 -17.52
CA SER C 118 -1.86 29.43 -16.79
C SER C 118 -1.44 29.33 -15.34
N GLY C 119 -1.64 28.15 -14.74
CA GLY C 119 -1.35 27.94 -13.33
C GLY C 119 -2.35 28.58 -12.37
N GLU C 120 -3.52 28.95 -12.88
CA GLU C 120 -4.55 29.62 -12.11
C GLU C 120 -5.95 28.99 -12.24
N THR C 121 -6.11 27.99 -13.10
CA THR C 121 -7.42 27.41 -13.37
C THR C 121 -8.03 26.97 -12.04
N ALA C 122 -9.22 27.48 -11.75
CA ALA C 122 -9.84 27.36 -10.43
C ALA C 122 -9.99 25.91 -9.94
N ASP C 123 -10.51 25.03 -10.79
CA ASP C 123 -10.71 23.63 -10.39
C ASP C 123 -9.39 22.92 -10.18
N THR C 124 -8.42 23.18 -11.05
CA THR C 124 -7.10 22.57 -10.91
C THR C 124 -6.45 23.01 -9.61
N LEU C 125 -6.54 24.31 -9.32
CA LEU C 125 -5.97 24.86 -8.10
C LEU C 125 -6.68 24.37 -6.82
N MET C 126 -8.00 24.28 -6.84
CA MET C 126 -8.73 23.73 -5.66
C MET C 126 -8.44 22.23 -5.50
N GLY C 127 -8.25 21.52 -6.60
CA GLY C 127 -7.74 20.13 -6.55
C GLY C 127 -6.40 20.04 -5.83
N LEU C 128 -5.50 20.99 -6.14
CA LEU C 128 -4.19 21.08 -5.50
C LEU C 128 -4.34 21.20 -3.99
N ARG C 129 -5.21 22.11 -3.56
CA ARG C 129 -5.40 22.38 -2.15
C ARG C 129 -6.07 21.22 -1.43
N TYR C 130 -7.01 20.59 -2.10
CA TYR C 130 -7.63 19.36 -1.60
C TYR C 130 -6.54 18.29 -1.34
N CYS C 131 -5.67 18.06 -2.32
CA CYS C 131 -4.62 17.02 -2.18
C CYS C 131 -3.60 17.32 -1.10
N LYS C 132 -3.29 18.59 -0.91
CA LYS C 132 -2.33 19.03 0.08
C LYS C 132 -2.87 18.80 1.47
N GLU C 133 -4.15 19.06 1.66
CA GLU C 133 -4.85 18.77 2.91
C GLU C 133 -4.76 17.26 3.24
N ARG C 134 -4.76 16.41 2.22
CA ARG C 134 -4.65 14.96 2.44
C ARG C 134 -3.22 14.49 2.64
N GLY C 135 -2.25 15.38 2.42
CA GLY C 135 -0.86 15.05 2.65
C GLY C 135 -0.18 14.38 1.46
N ALA C 136 -0.79 14.44 0.28
CA ALA C 136 -0.12 13.95 -0.94
C ALA C 136 1.10 14.82 -1.28
N LEU C 137 2.05 14.24 -2.01
CA LEU C 137 3.19 15.00 -2.52
C LEU C 137 2.72 15.68 -3.81
N THR C 138 2.77 17.01 -3.87
CA THR C 138 2.23 17.76 -5.01
C THR C 138 3.29 18.32 -5.97
N VAL C 139 2.97 18.31 -7.27
CA VAL C 139 3.91 18.64 -8.33
C VAL C 139 3.22 19.48 -9.40
N GLY C 140 3.77 20.64 -9.72
CA GLY C 140 3.18 21.54 -10.71
C GLY C 140 3.84 21.37 -12.07
N ILE C 141 3.03 21.37 -13.12
CA ILE C 141 3.51 21.29 -14.48
C ILE C 141 2.85 22.45 -15.21
N THR C 142 3.48 23.62 -15.13
CA THR C 142 2.86 24.85 -15.59
C THR C 142 3.74 25.57 -16.60
N ASN C 143 3.16 26.57 -17.26
CA ASN C 143 3.89 27.43 -18.17
C ASN C 143 3.92 28.91 -17.72
N THR C 144 3.64 29.15 -16.45
CA THR C 144 3.58 30.50 -15.92
C THR C 144 4.29 30.54 -14.57
N VAL C 145 5.53 31.02 -14.56
CA VAL C 145 6.30 31.15 -13.31
C VAL C 145 5.60 32.10 -12.34
N GLY C 146 5.60 31.73 -11.06
CA GLY C 146 4.92 32.51 -10.03
C GLY C 146 3.39 32.41 -10.02
N SER C 147 2.81 31.55 -10.85
CA SER C 147 1.36 31.30 -10.80
C SER C 147 1.02 30.57 -9.49
N SER C 148 -0.23 30.69 -9.05
CA SER C 148 -0.66 30.00 -7.82
C SER C 148 -0.27 28.51 -7.79
N ILE C 149 -0.51 27.78 -8.87
CA ILE C 149 -0.17 26.33 -8.89
C ILE C 149 1.36 26.08 -8.80
N SER C 150 2.13 26.90 -9.49
CA SER C 150 3.58 26.86 -9.40
C SER C 150 4.08 27.15 -7.99
N ARG C 151 3.44 28.10 -7.32
CA ARG C 151 3.81 28.49 -5.96
C ARG C 151 3.37 27.50 -4.85
N GLU C 152 2.20 26.89 -5.02
CA GLU C 152 1.56 26.16 -3.90
C GLU C 152 1.90 24.65 -3.84
N THR C 153 2.47 24.12 -4.91
CA THR C 153 2.92 22.74 -4.94
C THR C 153 4.27 22.62 -4.23
N ASP C 154 4.62 21.41 -3.83
CA ASP C 154 5.91 21.16 -3.16
C ASP C 154 7.10 21.33 -4.10
N CYS C 155 6.89 21.04 -5.38
CA CYS C 155 7.92 21.17 -6.39
C CYS C 155 7.20 21.28 -7.71
N GLY C 156 7.94 21.52 -8.79
CA GLY C 156 7.33 21.66 -10.09
C GLY C 156 8.32 21.69 -11.24
N VAL C 157 7.78 21.60 -12.44
CA VAL C 157 8.54 21.71 -13.66
C VAL C 157 7.88 22.83 -14.44
N HIS C 158 8.66 23.85 -14.80
CA HIS C 158 8.18 24.88 -15.72
C HIS C 158 8.45 24.33 -17.11
N ILE C 159 7.40 24.17 -17.91
CA ILE C 159 7.50 23.52 -19.23
C ILE C 159 8.23 24.37 -20.27
N ASN C 160 8.37 25.68 -20.00
CA ASN C 160 9.25 26.55 -20.78
C ASN C 160 8.88 26.64 -22.26
N ALA C 161 7.60 26.90 -22.54
CA ALA C 161 7.10 26.95 -23.91
C ALA C 161 7.06 28.37 -24.49
N GLY C 162 7.31 29.36 -23.64
CA GLY C 162 7.14 30.75 -24.01
C GLY C 162 5.70 31.14 -23.78
N PRO C 163 5.41 32.44 -23.80
CA PRO C 163 4.01 32.87 -23.62
C PRO C 163 3.07 32.30 -24.68
N GLU C 164 1.86 31.93 -24.25
CA GLU C 164 0.82 31.45 -25.17
C GLU C 164 -0.34 32.43 -25.09
N ILE C 165 -0.62 33.09 -26.21
CA ILE C 165 -1.61 34.15 -26.25
C ILE C 165 -2.91 33.70 -26.91
N GLY C 166 -2.84 32.85 -27.93
CA GLY C 166 -4.04 32.35 -28.63
C GLY C 166 -4.95 31.59 -27.68
N VAL C 167 -6.25 31.68 -27.88
CA VAL C 167 -7.22 31.13 -26.92
C VAL C 167 -7.09 29.61 -26.78
N ALA C 168 -6.84 28.93 -27.90
CA ALA C 168 -6.76 27.48 -27.94
C ALA C 168 -5.33 27.03 -27.73
N SER C 169 -5.10 26.25 -26.66
CA SER C 169 -3.76 25.76 -26.34
C SER C 169 -3.17 24.97 -27.49
N THR C 170 -1.90 25.20 -27.78
CA THR C 170 -1.23 24.46 -28.82
C THR C 170 0.12 23.97 -28.30
N LYS C 171 1.12 24.84 -28.30
CA LYS C 171 2.46 24.47 -27.85
C LYS C 171 2.51 24.07 -26.36
N ALA C 172 1.58 24.59 -25.56
CA ALA C 172 1.51 24.19 -24.15
C ALA C 172 1.16 22.71 -24.01
N TYR C 173 0.28 22.21 -24.88
CA TYR C 173 -0.06 20.80 -24.90
C TYR C 173 1.14 19.90 -25.23
N THR C 174 1.84 20.21 -26.31
CA THR C 174 2.97 19.39 -26.73
C THR C 174 4.15 19.48 -25.76
N SER C 175 4.34 20.64 -25.12
CA SER C 175 5.37 20.81 -24.09
C SER C 175 5.02 20.16 -22.75
N GLN C 176 3.75 20.20 -22.37
CA GLN C 176 3.25 19.39 -21.24
C GLN C 176 3.53 17.92 -21.50
N PHE C 177 3.23 17.48 -22.70
CA PHE C 177 3.43 16.09 -23.13
C PHE C 177 4.90 15.69 -22.94
N VAL C 178 5.81 16.44 -23.59
CA VAL C 178 7.26 16.24 -23.43
C VAL C 178 7.70 16.32 -21.98
N SER C 179 7.19 17.28 -21.21
CA SER C 179 7.54 17.37 -19.80
C SER C 179 7.16 16.10 -19.02
N LEU C 180 6.00 15.52 -19.33
CA LEU C 180 5.59 14.30 -18.63
C LEU C 180 6.42 13.09 -19.07
N VAL C 181 6.78 13.05 -20.35
CA VAL C 181 7.68 12.00 -20.84
C VAL C 181 9.03 12.06 -20.12
N MET C 182 9.54 13.26 -19.91
CA MET C 182 10.85 13.45 -19.25
C MET C 182 10.78 13.06 -17.78
N PHE C 183 9.67 13.36 -17.13
CA PHE C 183 9.46 12.86 -15.77
C PHE C 183 9.52 11.33 -15.76
N ALA C 184 8.85 10.72 -16.72
CA ALA C 184 8.83 9.25 -16.83
C ALA C 184 10.23 8.66 -17.01
N LEU C 185 11.05 9.33 -17.83
CA LEU C 185 12.41 8.87 -18.10
C LEU C 185 13.26 9.01 -16.86
N MET C 186 13.01 10.06 -16.10
CA MET C 186 13.71 10.30 -14.85
C MET C 186 13.43 9.19 -13.83
N MET C 187 12.19 8.70 -13.81
CA MET C 187 11.75 7.71 -12.83
C MET C 187 12.36 6.32 -13.02
N CYS C 188 12.52 5.88 -14.27
CA CYS C 188 13.09 4.57 -14.57
C CYS C 188 14.62 4.55 -14.75
N ASP C 189 15.32 5.53 -14.16
CA ASP C 189 16.76 5.70 -14.42
C ASP C 189 17.66 4.64 -13.78
N ASP C 190 17.09 3.78 -12.93
CA ASP C 190 17.87 2.76 -12.24
C ASP C 190 17.52 1.35 -12.70
N ARG C 191 16.71 1.19 -13.73
CA ARG C 191 16.29 -0.12 -14.19
C ARG C 191 17.04 -0.57 -15.45
N ILE C 192 17.83 -1.64 -15.31
CA ILE C 192 18.65 -2.21 -16.38
C ILE C 192 17.78 -2.60 -17.56
N SER C 193 16.69 -3.30 -17.27
CA SER C 193 15.72 -3.76 -18.26
C SER C 193 15.10 -2.64 -19.11
N MET C 194 15.16 -1.41 -18.64
CA MET C 194 14.54 -0.30 -19.35
C MET C 194 15.54 0.59 -20.10
N GLN C 195 16.84 0.30 -19.97
CA GLN C 195 17.90 1.11 -20.58
C GLN C 195 17.67 1.36 -22.06
N GLU C 196 17.42 0.29 -22.80
CA GLU C 196 17.20 0.39 -24.24
C GLU C 196 15.93 1.18 -24.58
N ARG C 197 14.88 1.01 -23.78
CA ARG C 197 13.65 1.78 -23.94
C ARG C 197 13.89 3.27 -23.71
N ARG C 198 14.66 3.61 -22.68
N ARG C 198 14.65 3.60 -22.66
CA ARG C 198 14.96 5.01 -22.40
CA ARG C 198 15.00 4.99 -22.37
C ARG C 198 15.76 5.63 -23.54
C ARG C 198 15.77 5.62 -23.53
N LYS C 199 16.77 4.90 -24.03
CA LYS C 199 17.60 5.38 -25.14
C LYS C 199 16.72 5.59 -26.38
N GLU C 200 15.84 4.64 -26.66
CA GLU C 200 14.93 4.78 -27.81
C GLU C 200 14.07 6.06 -27.72
N ILE C 201 13.52 6.32 -26.54
CA ILE C 201 12.65 7.49 -26.36
C ILE C 201 13.46 8.80 -26.42
N MET C 202 14.65 8.78 -25.84
CA MET C 202 15.53 9.94 -25.84
C MET C 202 15.95 10.30 -27.25
N LEU C 203 16.28 9.29 -28.06
CA LEU C 203 16.66 9.51 -29.44
C LEU C 203 15.49 10.03 -30.27
N GLY C 204 14.28 9.61 -29.92
CA GLY C 204 13.05 10.15 -30.54
C GLY C 204 12.85 11.61 -30.18
N LEU C 205 13.04 11.93 -28.90
CA LEU C 205 12.94 13.31 -28.44
C LEU C 205 13.99 14.20 -29.13
N LYS C 206 15.20 13.67 -29.27
CA LYS C 206 16.32 14.36 -29.93
C LYS C 206 15.91 14.76 -31.34
N ARG C 207 15.30 13.83 -32.08
CA ARG C 207 14.92 14.05 -33.48
C ARG C 207 13.55 14.71 -33.66
N LEU C 208 12.76 14.78 -32.59
CA LEU C 208 11.37 15.23 -32.67
C LEU C 208 11.19 16.61 -33.32
N PRO C 209 12.00 17.61 -32.91
CA PRO C 209 11.83 18.94 -33.48
C PRO C 209 11.89 18.95 -35.00
N ASP C 210 12.73 18.09 -35.57
CA ASP C 210 12.83 17.92 -37.03
C ASP C 210 11.58 17.30 -37.64
N LEU C 211 11.02 16.30 -36.95
CA LEU C 211 9.82 15.63 -37.44
C LEU C 211 8.60 16.54 -37.34
N ILE C 212 8.58 17.41 -36.32
CA ILE C 212 7.53 18.42 -36.21
C ILE C 212 7.60 19.40 -37.41
N LYS C 213 8.79 19.91 -37.73
CA LYS C 213 8.96 20.77 -38.92
C LYS C 213 8.41 20.08 -40.17
N GLU C 214 8.64 18.77 -40.28
CA GLU C 214 8.18 17.98 -41.42
C GLU C 214 6.65 17.91 -41.51
N VAL C 215 5.97 17.84 -40.36
CA VAL C 215 4.50 17.83 -40.31
C VAL C 215 3.93 19.22 -40.62
N LEU C 216 4.63 20.25 -40.15
CA LEU C 216 4.23 21.62 -40.48
C LEU C 216 4.33 21.91 -41.99
N SER C 217 5.24 21.20 -42.68
CA SER C 217 5.46 21.42 -44.11
C SER C 217 4.29 20.92 -44.99
N MET C 218 3.35 20.19 -44.41
CA MET C 218 2.18 19.75 -45.17
C MET C 218 0.94 20.59 -44.84
N ASP C 219 1.18 21.81 -44.36
CA ASP C 219 0.12 22.80 -44.14
C ASP C 219 -0.87 22.90 -45.31
N ASP C 220 -0.35 22.91 -46.54
CA ASP C 220 -1.21 23.04 -47.74
C ASP C 220 -2.15 21.84 -47.90
N GLU C 221 -1.67 20.63 -47.63
CA GLU C 221 -2.53 19.45 -47.63
C GLU C 221 -3.66 19.61 -46.61
N ILE C 222 -3.31 20.05 -45.41
CA ILE C 222 -4.30 20.24 -44.35
C ILE C 222 -5.29 21.32 -44.77
N GLN C 223 -4.79 22.42 -45.33
CA GLN C 223 -5.64 23.50 -45.85
C GLN C 223 -6.66 22.99 -46.87
N LYS C 224 -6.20 22.13 -47.79
CA LYS C 224 -7.10 21.51 -48.77
C LYS C 224 -8.18 20.70 -48.08
N LEU C 225 -7.81 19.89 -47.10
CA LEU C 225 -8.80 19.11 -46.36
C LEU C 225 -9.84 20.03 -45.72
N ALA C 226 -9.38 21.13 -45.12
CA ALA C 226 -10.26 22.13 -44.53
C ALA C 226 -11.35 22.60 -45.50
N THR C 227 -10.99 22.86 -46.75
CA THR C 227 -11.96 23.31 -47.75
C THR C 227 -13.02 22.22 -48.03
N GLU C 228 -12.61 20.96 -48.03
CA GLU C 228 -13.55 19.85 -48.20
C GLU C 228 -14.51 19.67 -47.02
N LEU C 229 -14.05 19.94 -45.81
CA LEU C 229 -14.90 19.85 -44.62
C LEU C 229 -15.66 21.14 -44.33
N TYR C 230 -15.43 22.17 -45.14
CA TYR C 230 -15.95 23.52 -44.90
C TYR C 230 -17.43 23.55 -44.47
N HIS C 231 -18.27 22.85 -45.22
CA HIS C 231 -19.71 22.90 -45.01
C HIS C 231 -20.22 21.95 -43.91
N GLN C 232 -19.39 21.02 -43.46
CA GLN C 232 -19.82 19.95 -42.56
C GLN C 232 -20.18 20.43 -41.15
N LYS C 233 -21.14 19.73 -40.54
CA LYS C 233 -21.58 20.04 -39.18
C LYS C 233 -20.92 19.16 -38.13
N SER C 234 -20.60 17.91 -38.51
CA SER C 234 -20.03 16.95 -37.60
C SER C 234 -18.79 16.28 -38.16
N VAL C 235 -17.88 15.88 -37.28
CA VAL C 235 -16.80 14.97 -37.66
C VAL C 235 -16.38 14.07 -36.48
N LEU C 236 -16.23 12.78 -36.77
CA LEU C 236 -15.84 11.82 -35.76
C LEU C 236 -14.36 11.52 -35.90
N ILE C 237 -13.62 11.67 -34.81
CA ILE C 237 -12.16 11.45 -34.82
C ILE C 237 -11.85 10.22 -33.98
N MET C 238 -11.36 9.17 -34.63
CA MET C 238 -11.20 7.87 -33.99
C MET C 238 -9.73 7.47 -33.83
N GLY C 239 -9.41 6.93 -32.66
CA GLY C 239 -8.09 6.41 -32.39
C GLY C 239 -8.09 5.64 -31.09
N ARG C 240 -7.00 4.95 -30.81
CA ARG C 240 -6.86 4.23 -29.56
C ARG C 240 -5.43 4.27 -29.02
N GLY C 241 -5.25 3.77 -27.79
CA GLY C 241 -3.96 3.78 -27.12
C GLY C 241 -3.34 5.16 -27.09
N TYR C 242 -2.12 5.25 -27.62
CA TYR C 242 -1.36 6.49 -27.65
C TYR C 242 -2.12 7.61 -28.35
N HIS C 243 -3.01 7.27 -29.27
CA HIS C 243 -3.70 8.28 -30.04
C HIS C 243 -5.15 8.54 -29.63
N TYR C 244 -5.52 8.09 -28.44
CA TYR C 244 -6.83 8.43 -27.87
C TYR C 244 -6.86 9.89 -27.46
N ALA C 245 -5.81 10.34 -26.77
CA ALA C 245 -5.65 11.77 -26.44
C ALA C 245 -5.65 12.64 -27.70
N THR C 246 -5.08 12.12 -28.80
CA THR C 246 -5.10 12.81 -30.08
C THR C 246 -6.51 13.10 -30.57
N CYS C 247 -7.40 12.10 -30.52
N CYS C 247 -7.38 12.10 -30.53
CA CYS C 247 -8.75 12.31 -31.02
CA CYS C 247 -8.77 12.28 -30.97
C CYS C 247 -9.56 13.16 -30.05
C CYS C 247 -9.47 13.25 -30.06
N LEU C 248 -9.27 13.07 -28.75
CA LEU C 248 -9.91 13.93 -27.78
C LEU C 248 -9.44 15.38 -27.95
N GLU C 249 -8.13 15.57 -28.08
CA GLU C 249 -7.57 16.92 -28.23
C GLU C 249 -7.98 17.54 -29.56
N GLY C 250 -7.86 16.79 -30.64
CA GLY C 250 -8.30 17.26 -31.96
C GLY C 250 -9.78 17.62 -32.02
N ALA C 251 -10.62 16.80 -31.37
CA ALA C 251 -12.06 17.06 -31.29
C ALA C 251 -12.34 18.34 -30.52
N LEU C 252 -11.60 18.54 -29.43
CA LEU C 252 -11.81 19.73 -28.61
C LEU C 252 -11.34 20.99 -29.36
N LYS C 253 -10.25 20.86 -30.11
CA LYS C 253 -9.74 21.98 -30.93
C LYS C 253 -10.76 22.40 -31.97
N ILE C 254 -11.27 21.43 -32.73
CA ILE C 254 -12.21 21.71 -33.80
C ILE C 254 -13.53 22.29 -33.26
N LYS C 255 -14.02 21.75 -32.13
CA LYS C 255 -15.16 22.34 -31.41
C LYS C 255 -14.91 23.80 -31.04
N GLU C 256 -13.78 24.03 -30.40
CA GLU C 256 -13.52 25.31 -29.73
C GLU C 256 -13.40 26.49 -30.70
N ILE C 257 -12.71 26.29 -31.82
CA ILE C 257 -12.43 27.42 -32.72
C ILE C 257 -13.12 27.36 -34.09
N THR C 258 -13.63 26.19 -34.49
CA THR C 258 -14.39 26.07 -35.75
C THR C 258 -15.90 25.99 -35.51
N TYR C 259 -16.29 25.78 -34.25
CA TYR C 259 -17.69 25.61 -33.84
C TYR C 259 -18.44 24.52 -34.62
N MET C 260 -17.69 23.51 -35.04
CA MET C 260 -18.22 22.32 -35.70
C MET C 260 -18.36 21.22 -34.63
N HIS C 261 -19.29 20.28 -34.82
CA HIS C 261 -19.52 19.23 -33.81
C HIS C 261 -18.57 18.05 -34.03
N SER C 262 -17.34 18.21 -33.54
CA SER C 262 -16.35 17.16 -33.63
C SER C 262 -16.32 16.43 -32.29
N GLU C 263 -16.20 15.11 -32.36
CA GLU C 263 -16.20 14.26 -31.18
C GLU C 263 -15.15 13.18 -31.36
N GLY C 264 -14.33 12.99 -30.32
CA GLY C 264 -13.37 11.91 -30.29
C GLY C 264 -14.01 10.63 -29.80
N ILE C 265 -13.66 9.50 -30.42
CA ILE C 265 -14.25 8.21 -30.10
C ILE C 265 -13.12 7.19 -30.00
N LEU C 266 -13.06 6.50 -28.87
CA LEU C 266 -12.07 5.46 -28.65
C LEU C 266 -12.39 4.36 -29.65
N ALA C 267 -11.41 4.02 -30.49
CA ALA C 267 -11.65 3.09 -31.60
C ALA C 267 -12.17 1.74 -31.14
N GLY C 268 -11.65 1.25 -30.02
CA GLY C 268 -12.12 -0.03 -29.45
C GLY C 268 -13.56 0.01 -28.95
N GLU C 269 -14.13 1.20 -28.75
CA GLU C 269 -15.53 1.31 -28.37
C GLU C 269 -16.52 1.39 -29.55
N LEU C 270 -16.03 1.49 -30.79
CA LEU C 270 -16.91 1.60 -31.96
C LEU C 270 -17.97 0.49 -32.05
N LYS C 271 -17.53 -0.74 -31.88
CA LYS C 271 -18.41 -1.90 -31.95
C LYS C 271 -19.45 -1.97 -30.82
N HIS C 272 -19.36 -1.08 -29.85
CA HIS C 272 -20.29 -1.09 -28.70
C HIS C 272 -21.38 -0.01 -28.78
N GLY C 273 -21.66 0.51 -29.97
CA GLY C 273 -22.73 1.48 -30.18
C GLY C 273 -22.44 2.59 -31.18
N PRO C 274 -21.32 3.31 -31.00
CA PRO C 274 -21.02 4.49 -31.83
C PRO C 274 -20.94 4.27 -33.35
N LEU C 275 -20.57 3.06 -33.76
CA LEU C 275 -20.46 2.71 -35.17
C LEU C 275 -21.77 2.97 -35.93
N ALA C 276 -22.90 2.78 -35.25
CA ALA C 276 -24.22 3.06 -35.85
C ALA C 276 -24.29 4.44 -36.48
N LEU C 277 -23.48 5.36 -35.99
CA LEU C 277 -23.48 6.75 -36.46
C LEU C 277 -22.78 6.93 -37.81
N VAL C 278 -21.99 5.94 -38.23
CA VAL C 278 -21.21 6.04 -39.46
C VAL C 278 -22.00 5.66 -40.72
N ASP C 279 -22.04 6.58 -41.67
CA ASP C 279 -22.58 6.35 -43.02
C ASP C 279 -21.82 7.27 -43.98
N LYS C 280 -22.18 7.23 -45.26
CA LYS C 280 -21.47 8.00 -46.29
C LYS C 280 -21.42 9.51 -46.02
N LEU C 281 -22.44 10.03 -45.33
CA LEU C 281 -22.55 11.46 -45.03
C LEU C 281 -21.85 11.92 -43.74
N MET C 282 -21.39 10.99 -42.90
CA MET C 282 -20.67 11.34 -41.67
C MET C 282 -19.16 11.37 -41.92
N PRO C 283 -18.53 12.55 -41.84
CA PRO C 283 -17.09 12.62 -41.99
C PRO C 283 -16.35 11.98 -40.81
N VAL C 284 -15.29 11.24 -41.13
CA VAL C 284 -14.52 10.48 -40.16
C VAL C 284 -13.02 10.71 -40.36
N ILE C 285 -12.30 10.95 -39.26
CA ILE C 285 -10.85 11.02 -39.27
C ILE C 285 -10.34 9.93 -38.35
N MET C 286 -9.57 8.99 -38.89
CA MET C 286 -9.01 7.90 -38.11
C MET C 286 -7.50 8.05 -37.98
N ILE C 287 -6.98 7.74 -36.80
CA ILE C 287 -5.55 7.79 -36.55
C ILE C 287 -5.06 6.36 -36.47
N ILE C 288 -4.18 5.99 -37.39
CA ILE C 288 -3.63 4.63 -37.47
C ILE C 288 -2.11 4.73 -37.62
N MET C 289 -1.39 4.57 -36.52
CA MET C 289 0.08 4.67 -36.53
C MET C 289 0.74 3.31 -36.31
N ARG C 290 2.03 3.24 -36.63
CA ARG C 290 2.78 1.99 -36.47
C ARG C 290 3.23 1.79 -35.02
N ASP C 291 2.36 1.17 -34.25
CA ASP C 291 2.69 0.71 -32.90
C ASP C 291 1.97 -0.61 -32.72
N HIS C 292 2.01 -1.17 -31.52
CA HIS C 292 1.42 -2.47 -31.24
C HIS C 292 -0.12 -2.55 -31.44
N THR C 293 -0.81 -1.41 -31.56
CA THR C 293 -2.28 -1.41 -31.78
C THR C 293 -2.68 -1.40 -33.26
N TYR C 294 -1.74 -1.68 -34.15
CA TYR C 294 -1.94 -1.54 -35.61
C TYR C 294 -3.07 -2.40 -36.16
N ALA C 295 -3.02 -3.70 -35.87
CA ALA C 295 -4.05 -4.63 -36.34
C ALA C 295 -5.44 -4.21 -35.86
N LYS C 296 -5.52 -3.80 -34.60
CA LYS C 296 -6.79 -3.37 -34.00
C LYS C 296 -7.30 -2.07 -34.62
N CYS C 297 -6.38 -1.18 -34.96
CA CYS C 297 -6.73 0.03 -35.70
C CYS C 297 -7.23 -0.28 -37.11
N GLN C 298 -6.54 -1.20 -37.79
CA GLN C 298 -6.99 -1.70 -39.10
C GLN C 298 -8.40 -2.29 -39.02
N ASN C 299 -8.67 -3.08 -37.98
N ASN C 299 -8.67 -3.08 -37.98
CA ASN C 299 -9.99 -3.67 -37.80
CA ASN C 299 -9.99 -3.67 -37.77
C ASN C 299 -11.10 -2.63 -37.71
C ASN C 299 -11.09 -2.62 -37.73
N ALA C 300 -10.82 -1.52 -37.03
CA ALA C 300 -11.77 -0.42 -36.92
C ALA C 300 -12.01 0.30 -38.26
N LEU C 301 -10.94 0.55 -39.02
CA LEU C 301 -11.08 1.07 -40.39
C LEU C 301 -11.93 0.14 -41.25
N GLN C 302 -11.75 -1.16 -41.11
CA GLN C 302 -12.58 -2.13 -41.84
C GLN C 302 -14.07 -1.97 -41.47
N GLN C 303 -14.36 -1.85 -40.17
CA GLN C 303 -15.75 -1.64 -39.70
C GLN C 303 -16.36 -0.36 -40.27
N VAL C 304 -15.57 0.72 -40.29
CA VAL C 304 -16.05 2.00 -40.81
C VAL C 304 -16.26 1.96 -42.32
N VAL C 305 -15.31 1.36 -43.03
CA VAL C 305 -15.41 1.17 -44.48
C VAL C 305 -16.62 0.30 -44.86
N ALA C 306 -16.86 -0.75 -44.08
CA ALA C 306 -18.04 -1.61 -44.26
C ALA C 306 -19.35 -0.81 -44.16
N ARG C 307 -19.37 0.19 -43.28
CA ARG C 307 -20.55 1.05 -43.11
C ARG C 307 -20.59 2.19 -44.13
N GLN C 308 -19.76 2.11 -45.18
CA GLN C 308 -19.79 3.05 -46.30
C GLN C 308 -19.11 4.39 -46.00
N GLY C 309 -18.44 4.49 -44.85
CA GLY C 309 -17.69 5.67 -44.50
C GLY C 309 -16.47 5.84 -45.39
N ARG C 310 -16.07 7.08 -45.63
CA ARG C 310 -14.88 7.39 -46.41
C ARG C 310 -13.94 8.21 -45.54
N PRO C 311 -13.22 7.55 -44.63
CA PRO C 311 -12.45 8.30 -43.63
C PRO C 311 -11.19 8.98 -44.17
N VAL C 312 -10.86 10.14 -43.60
CA VAL C 312 -9.53 10.70 -43.75
C VAL C 312 -8.69 9.94 -42.74
N VAL C 313 -7.56 9.39 -43.17
CA VAL C 313 -6.70 8.60 -42.30
C VAL C 313 -5.35 9.29 -42.08
N ILE C 314 -5.07 9.62 -40.82
CA ILE C 314 -3.75 10.08 -40.43
C ILE C 314 -2.93 8.81 -40.18
N CYS C 315 -1.83 8.65 -40.90
CA CYS C 315 -1.01 7.44 -40.81
C CYS C 315 0.47 7.72 -41.00
N ASP C 316 1.27 6.68 -40.81
CA ASP C 316 2.71 6.74 -41.09
C ASP C 316 2.94 6.91 -42.60
N LYS C 317 3.97 7.66 -42.97
CA LYS C 317 4.29 7.91 -44.39
C LYS C 317 4.90 6.69 -45.09
N GLU C 318 5.36 5.72 -44.32
CA GLU C 318 5.86 4.45 -44.86
C GLU C 318 4.78 3.38 -44.94
N ASP C 319 3.60 3.65 -44.36
CA ASP C 319 2.53 2.65 -44.33
C ASP C 319 1.85 2.59 -45.71
N THR C 320 2.56 2.00 -46.67
CA THR C 320 2.16 2.05 -48.09
C THR C 320 0.82 1.31 -48.31
N GLU C 321 0.65 0.21 -47.59
CA GLU C 321 -0.63 -0.54 -47.58
C GLU C 321 -1.82 0.37 -47.32
N THR C 322 -1.80 1.04 -46.16
CA THR C 322 -2.89 1.94 -45.77
C THR C 322 -3.05 3.05 -46.79
N ILE C 323 -1.93 3.62 -47.24
CA ILE C 323 -1.92 4.78 -48.13
C ILE C 323 -2.56 4.50 -49.50
N LYS C 324 -2.42 3.28 -50.01
CA LYS C 324 -3.01 2.92 -51.31
C LYS C 324 -4.45 2.40 -51.21
N ASN C 325 -4.91 2.07 -50.00
CA ASN C 325 -6.28 1.60 -49.79
C ASN C 325 -7.27 2.71 -49.47
N THR C 326 -6.76 3.89 -49.09
CA THR C 326 -7.60 5.01 -48.66
C THR C 326 -7.33 6.24 -49.51
N LYS C 327 -8.40 6.95 -49.86
CA LYS C 327 -8.32 8.06 -50.80
C LYS C 327 -7.53 9.24 -50.23
N ARG C 328 -7.86 9.62 -49.00
CA ARG C 328 -7.28 10.81 -48.38
C ARG C 328 -6.48 10.43 -47.15
N THR C 329 -5.15 10.45 -47.28
CA THR C 329 -4.26 10.22 -46.16
C THR C 329 -3.40 11.44 -45.85
N ILE C 330 -3.34 11.78 -44.56
CA ILE C 330 -2.39 12.74 -44.04
C ILE C 330 -1.23 11.87 -43.57
N LYS C 331 -0.08 12.03 -44.22
CA LYS C 331 1.06 11.13 -44.02
C LYS C 331 2.11 11.79 -43.15
N VAL C 332 2.16 11.40 -41.89
CA VAL C 332 3.10 11.98 -40.94
C VAL C 332 4.30 11.05 -40.78
N PRO C 333 5.45 11.59 -40.36
CA PRO C 333 6.65 10.78 -40.16
C PRO C 333 6.59 9.95 -38.87
N HIS C 334 7.32 8.84 -38.89
CA HIS C 334 7.38 7.90 -37.79
C HIS C 334 8.31 8.42 -36.69
N SER C 335 7.92 8.19 -35.44
CA SER C 335 8.78 8.45 -34.28
C SER C 335 8.50 7.33 -33.30
N VAL C 336 9.02 7.43 -32.08
CA VAL C 336 8.78 6.42 -31.06
C VAL C 336 7.29 6.42 -30.71
N ASP C 337 6.75 5.25 -30.42
CA ASP C 337 5.30 5.10 -30.20
C ASP C 337 4.71 6.03 -29.12
N CYS C 338 5.44 6.27 -28.03
CA CYS C 338 4.99 7.20 -26.98
C CYS C 338 5.27 8.68 -27.28
N LEU C 339 5.78 8.98 -28.48
CA LEU C 339 5.94 10.36 -28.91
C LEU C 339 5.10 10.66 -30.15
N GLN C 340 4.61 9.62 -30.84
CA GLN C 340 3.84 9.78 -32.07
C GLN C 340 2.64 10.71 -31.92
N GLY C 341 2.02 10.73 -30.75
CA GLY C 341 0.88 11.58 -30.48
C GLY C 341 1.17 13.07 -30.64
N ILE C 342 2.44 13.47 -30.50
CA ILE C 342 2.80 14.88 -30.74
C ILE C 342 2.68 15.20 -32.24
N LEU C 343 3.07 14.24 -33.09
CA LEU C 343 3.03 14.41 -34.53
C LEU C 343 1.62 14.26 -35.09
N SER C 344 0.85 13.35 -34.53
CA SER C 344 -0.48 13.05 -35.03
C SER C 344 -1.46 14.15 -34.68
N VAL C 345 -1.26 14.82 -33.55
CA VAL C 345 -2.16 15.90 -33.17
C VAL C 345 -1.98 17.18 -34.00
N ILE C 346 -0.80 17.38 -34.56
CA ILE C 346 -0.48 18.69 -35.17
C ILE C 346 -1.35 19.01 -36.39
N PRO C 347 -1.60 18.03 -37.28
CA PRO C 347 -2.55 18.24 -38.37
C PRO C 347 -3.94 18.69 -37.91
N LEU C 348 -4.36 18.23 -36.73
CA LEU C 348 -5.68 18.57 -36.20
C LEU C 348 -5.70 19.97 -35.60
N GLN C 349 -4.58 20.40 -35.03
CA GLN C 349 -4.42 21.81 -34.66
C GLN C 349 -4.54 22.67 -35.92
N LEU C 350 -3.83 22.27 -36.98
CA LEU C 350 -3.83 23.00 -38.25
C LEU C 350 -5.20 22.98 -38.92
N LEU C 351 -5.87 21.82 -38.87
CA LEU C 351 -7.20 21.69 -39.48
C LEU C 351 -8.19 22.62 -38.80
N ALA C 352 -8.18 22.59 -37.46
CA ALA C 352 -9.00 23.46 -36.65
C ALA C 352 -8.75 24.93 -36.97
N PHE C 353 -7.49 25.29 -37.17
CA PHE C 353 -7.13 26.64 -37.56
C PHE C 353 -7.66 27.01 -38.95
N HIS C 354 -7.41 26.14 -39.93
CA HIS C 354 -7.79 26.44 -41.32
C HIS C 354 -9.31 26.47 -41.53
N LEU C 355 -10.02 25.53 -40.93
CA LEU C 355 -11.50 25.56 -40.92
C LEU C 355 -12.01 26.89 -40.38
N ALA C 356 -11.47 27.32 -39.25
CA ALA C 356 -11.90 28.57 -38.62
C ALA C 356 -11.70 29.76 -39.55
N VAL C 357 -10.54 29.80 -40.22
CA VAL C 357 -10.20 30.89 -41.13
C VAL C 357 -11.14 30.88 -42.34
N LEU C 358 -11.31 29.73 -42.98
CA LEU C 358 -12.24 29.63 -44.09
C LEU C 358 -13.64 30.13 -43.71
N ARG C 359 -14.09 29.82 -42.51
CA ARG C 359 -15.41 30.25 -42.02
C ARG C 359 -15.42 31.70 -41.55
N GLY C 360 -14.25 32.34 -41.53
CA GLY C 360 -14.13 33.77 -41.27
C GLY C 360 -14.13 34.14 -39.80
N TYR C 361 -13.60 33.27 -38.95
CA TYR C 361 -13.56 33.49 -37.51
C TYR C 361 -12.21 34.05 -37.04
N ASP C 362 -12.24 34.85 -35.98
CA ASP C 362 -11.02 35.31 -35.32
C ASP C 362 -10.52 34.23 -34.37
N VAL C 363 -9.58 33.42 -34.84
CA VAL C 363 -9.08 32.27 -34.07
C VAL C 363 -8.39 32.63 -32.75
N ASP C 364 -8.01 33.90 -32.56
CA ASP C 364 -7.27 34.32 -31.36
C ASP C 364 -8.15 34.63 -30.16
N PHE C 365 -9.44 34.88 -30.40
CA PHE C 365 -10.36 35.21 -29.31
C PHE C 365 -11.61 34.32 -29.33
N PRO C 366 -12.26 34.17 -28.15
CA PRO C 366 -13.48 33.35 -28.09
C PRO C 366 -14.58 33.83 -29.05
N ARG C 367 -15.50 32.92 -29.37
CA ARG C 367 -16.60 33.15 -30.35
C ARG C 367 -17.36 34.47 -30.14
N ASN D 15 -47.90 -6.59 -25.67
CA ASN D 15 -48.20 -5.19 -25.24
C ASN D 15 -47.23 -4.17 -25.83
N PHE D 16 -46.04 -4.63 -26.21
CA PHE D 16 -45.03 -3.76 -26.79
C PHE D 16 -44.61 -4.25 -28.17
N SER D 17 -44.42 -3.31 -29.11
CA SER D 17 -43.98 -3.66 -30.46
C SER D 17 -42.48 -3.97 -30.54
N SER D 18 -41.72 -3.63 -29.51
CA SER D 18 -40.27 -3.87 -29.51
C SER D 18 -39.78 -4.43 -28.20
N PHE D 19 -38.72 -5.24 -28.26
CA PHE D 19 -38.08 -5.72 -27.06
C PHE D 19 -37.50 -4.55 -26.26
N MET D 20 -36.99 -3.55 -26.97
CA MET D 20 -36.39 -2.39 -26.31
C MET D 20 -37.40 -1.70 -25.41
N GLN D 21 -38.55 -1.33 -25.98
CA GLN D 21 -39.58 -0.66 -25.19
C GLN D 21 -40.03 -1.55 -24.03
N LYS D 22 -40.19 -2.85 -24.30
CA LYS D 22 -40.62 -3.77 -23.24
C LYS D 22 -39.60 -3.77 -22.12
N GLU D 23 -38.31 -3.84 -22.47
CA GLU D 23 -37.25 -3.94 -21.48
C GLU D 23 -37.07 -2.63 -20.71
N ILE D 24 -37.33 -1.48 -21.34
CA ILE D 24 -37.36 -0.21 -20.60
C ILE D 24 -38.52 -0.22 -19.59
N PHE D 25 -39.71 -0.62 -20.04
CA PHE D 25 -40.87 -0.71 -19.15
C PHE D 25 -40.77 -1.82 -18.11
N GLU D 26 -39.87 -2.78 -18.31
CA GLU D 26 -39.67 -3.84 -17.31
C GLU D 26 -38.90 -3.37 -16.05
N GLN D 27 -38.39 -2.14 -16.04
CA GLN D 27 -37.37 -1.74 -15.04
C GLN D 27 -37.88 -1.67 -13.59
N PRO D 28 -39.16 -1.37 -13.37
CA PRO D 28 -39.69 -1.54 -12.03
C PRO D 28 -39.57 -2.97 -11.48
N GLU D 29 -39.73 -3.97 -12.34
CA GLU D 29 -39.62 -5.38 -11.94
C GLU D 29 -38.18 -5.87 -11.93
N SER D 30 -37.37 -5.45 -12.91
CA SER D 30 -35.97 -5.91 -12.95
C SER D 30 -35.15 -5.45 -11.73
N VAL D 31 -35.43 -4.24 -11.27
CA VAL D 31 -34.79 -3.70 -10.06
C VAL D 31 -35.21 -4.50 -8.80
N VAL D 32 -36.48 -4.85 -8.71
CA VAL D 32 -36.96 -5.74 -7.65
C VAL D 32 -36.25 -7.10 -7.77
N ASN D 33 -36.23 -7.66 -8.98
CA ASN D 33 -35.56 -8.93 -9.24
C ASN D 33 -34.05 -8.96 -8.93
N THR D 34 -33.37 -7.82 -9.11
CA THR D 34 -31.96 -7.70 -8.78
C THR D 34 -31.72 -7.70 -7.28
N MET D 35 -32.64 -7.11 -6.53
CA MET D 35 -32.56 -7.04 -5.07
C MET D 35 -33.18 -8.24 -4.34
N ARG D 36 -33.94 -9.06 -5.07
CA ARG D 36 -34.69 -10.19 -4.47
C ARG D 36 -33.77 -11.09 -3.67
N GLY D 37 -34.11 -11.27 -2.40
CA GLY D 37 -33.38 -12.17 -1.50
C GLY D 37 -31.99 -11.70 -1.12
N ARG D 38 -31.71 -10.43 -1.42
CA ARG D 38 -30.40 -9.81 -1.17
C ARG D 38 -30.50 -8.61 -0.22
N VAL D 39 -31.56 -7.82 -0.36
CA VAL D 39 -31.79 -6.70 0.52
C VAL D 39 -32.94 -7.05 1.45
N ASN D 40 -32.75 -6.72 2.74
CA ASN D 40 -33.78 -6.83 3.76
C ASN D 40 -34.00 -5.45 4.37
N PHE D 41 -35.16 -4.87 4.08
CA PHE D 41 -35.46 -3.48 4.41
C PHE D 41 -35.89 -3.23 5.88
N ASP D 42 -36.19 -4.30 6.62
CA ASP D 42 -36.60 -4.18 8.03
C ASP D 42 -35.37 -4.02 8.93
N ASP D 43 -34.33 -4.79 8.68
CA ASP D 43 -33.10 -4.68 9.47
C ASP D 43 -31.91 -4.10 8.68
N TYR D 44 -32.18 -3.56 7.48
CA TYR D 44 -31.21 -2.80 6.71
C TYR D 44 -29.95 -3.61 6.45
N THR D 45 -30.12 -4.88 6.09
CA THR D 45 -29.00 -5.74 5.77
C THR D 45 -28.99 -6.01 4.28
N VAL D 46 -27.78 -6.22 3.74
CA VAL D 46 -27.60 -6.58 2.36
C VAL D 46 -26.67 -7.79 2.33
N ASN D 47 -27.03 -8.79 1.54
CA ASN D 47 -26.20 -9.99 1.40
C ASN D 47 -26.19 -10.45 -0.05
N LEU D 48 -25.05 -10.32 -0.71
CA LEU D 48 -24.87 -10.88 -2.04
C LEU D 48 -24.22 -12.24 -1.83
N GLY D 49 -25.02 -13.30 -2.02
CA GLY D 49 -24.61 -14.67 -1.71
C GLY D 49 -23.31 -15.06 -2.37
N GLY D 50 -23.16 -14.68 -3.63
CA GLY D 50 -21.95 -14.95 -4.40
C GLY D 50 -20.66 -14.36 -3.89
N LEU D 51 -20.75 -13.36 -3.01
CA LEU D 51 -19.56 -12.72 -2.43
C LEU D 51 -19.29 -13.17 -1.01
N LYS D 52 -20.12 -14.08 -0.47
CA LYS D 52 -20.07 -14.44 0.95
C LYS D 52 -18.69 -14.91 1.41
N ASP D 53 -18.08 -15.82 0.67
CA ASP D 53 -16.76 -16.36 1.04
C ASP D 53 -15.59 -15.45 0.65
N HIS D 54 -15.88 -14.22 0.21
CA HIS D 54 -14.83 -13.33 -0.29
C HIS D 54 -14.89 -11.92 0.27
N ILE D 55 -16.03 -11.49 0.79
CA ILE D 55 -16.26 -10.11 1.20
C ILE D 55 -15.26 -9.65 2.26
N LYS D 56 -14.86 -10.55 3.15
CA LYS D 56 -13.94 -10.18 4.22
C LYS D 56 -12.53 -9.93 3.68
N GLU D 57 -12.12 -10.71 2.69
CA GLU D 57 -10.85 -10.50 1.99
C GLU D 57 -10.92 -9.24 1.09
N ILE D 58 -12.07 -9.04 0.45
CA ILE D 58 -12.32 -7.85 -0.35
C ILE D 58 -12.26 -6.62 0.54
N GLN D 59 -12.81 -6.74 1.75
CA GLN D 59 -12.77 -5.64 2.71
C GLN D 59 -11.37 -5.25 3.19
N ARG D 60 -10.36 -6.09 2.97
N ARG D 60 -10.38 -6.13 2.99
CA ARG D 60 -8.99 -5.76 3.34
CA ARG D 60 -8.99 -5.85 3.34
C ARG D 60 -8.09 -5.47 2.14
C ARG D 60 -8.16 -5.28 2.18
N CYS D 61 -8.67 -5.36 0.95
CA CYS D 61 -7.93 -4.93 -0.24
C CYS D 61 -7.86 -3.40 -0.30
N ARG D 62 -7.01 -2.86 -1.18
CA ARG D 62 -6.68 -1.44 -1.16
C ARG D 62 -7.07 -0.60 -2.38
N ARG D 63 -7.58 -1.23 -3.44
CA ARG D 63 -8.12 -0.49 -4.57
C ARG D 63 -9.19 -1.31 -5.29
N LEU D 64 -10.21 -0.63 -5.83
CA LEU D 64 -11.15 -1.24 -6.78
C LEU D 64 -10.89 -0.73 -8.20
N ILE D 65 -10.91 -1.66 -9.15
CA ILE D 65 -10.79 -1.34 -10.55
C ILE D 65 -12.03 -1.91 -11.23
N LEU D 66 -12.82 -1.07 -11.90
CA LEU D 66 -13.98 -1.53 -12.64
C LEU D 66 -13.66 -1.53 -14.10
N ILE D 67 -13.82 -2.69 -14.76
CA ILE D 67 -13.39 -2.90 -16.13
C ILE D 67 -14.56 -3.39 -17.00
N ALA D 68 -14.82 -2.70 -18.11
CA ALA D 68 -15.96 -3.01 -18.97
C ALA D 68 -15.92 -2.25 -20.26
N CYS D 69 -16.91 -2.52 -21.12
CA CYS D 69 -17.09 -1.79 -22.37
C CYS D 69 -18.45 -1.09 -22.40
N GLY D 70 -18.54 -0.03 -23.21
CA GLY D 70 -19.82 0.61 -23.52
C GLY D 70 -20.69 0.91 -22.31
N THR D 71 -21.96 0.51 -22.40
CA THR D 71 -22.92 0.80 -21.34
C THR D 71 -22.56 0.15 -20.02
N SER D 72 -21.91 -1.01 -20.06
CA SER D 72 -21.41 -1.60 -18.82
C SER D 72 -20.35 -0.71 -18.16
N TYR D 73 -19.53 -0.04 -18.98
CA TYR D 73 -18.56 0.93 -18.46
C TYR D 73 -19.28 2.09 -17.78
N HIS D 74 -20.30 2.63 -18.44
CA HIS D 74 -21.11 3.71 -17.85
C HIS D 74 -21.69 3.30 -16.47
N ALA D 75 -22.02 2.02 -16.27
CA ALA D 75 -22.50 1.55 -14.95
C ALA D 75 -21.50 1.82 -13.85
N GLY D 76 -20.22 1.59 -14.15
CA GLY D 76 -19.13 1.85 -13.22
C GLY D 76 -18.95 3.33 -12.93
N VAL D 77 -18.95 4.14 -13.99
CA VAL D 77 -18.96 5.60 -13.88
C VAL D 77 -20.16 6.08 -13.05
N ALA D 78 -21.32 5.47 -13.27
CA ALA D 78 -22.52 5.84 -12.51
C ALA D 78 -22.38 5.58 -11.01
N THR D 79 -21.53 4.63 -10.63
CA THR D 79 -21.41 4.19 -9.22
C THR D 79 -20.09 4.50 -8.56
N ARG D 80 -19.11 4.92 -9.35
CA ARG D 80 -17.78 5.27 -8.86
C ARG D 80 -17.80 6.05 -7.56
N GLN D 81 -18.58 7.13 -7.53
CA GLN D 81 -18.56 8.06 -6.41
C GLN D 81 -19.06 7.43 -5.08
N VAL D 82 -20.16 6.69 -5.13
CA VAL D 82 -20.67 6.05 -3.91
C VAL D 82 -19.76 4.89 -3.50
N LEU D 83 -19.09 4.27 -4.46
CA LEU D 83 -18.10 3.25 -4.11
C LEU D 83 -16.94 3.88 -3.34
N GLU D 84 -16.45 5.02 -3.84
CA GLU D 84 -15.36 5.76 -3.17
C GLU D 84 -15.79 6.19 -1.78
N GLU D 85 -17.03 6.64 -1.66
CA GLU D 85 -17.53 7.16 -0.39
C GLU D 85 -17.70 6.06 0.64
N LEU D 86 -18.33 4.96 0.25
CA LEU D 86 -18.64 3.89 1.19
C LEU D 86 -17.46 2.95 1.45
N THR D 87 -16.57 2.74 0.48
CA THR D 87 -15.39 1.87 0.69
C THR D 87 -14.15 2.63 1.16
N GLU D 88 -14.11 3.94 0.90
CA GLU D 88 -12.94 4.80 1.14
C GLU D 88 -11.68 4.33 0.43
N LEU D 89 -11.85 3.52 -0.60
CA LEU D 89 -10.77 3.06 -1.42
C LEU D 89 -10.79 3.84 -2.70
N PRO D 90 -9.62 4.02 -3.32
CA PRO D 90 -9.60 4.43 -4.71
C PRO D 90 -10.39 3.45 -5.59
N VAL D 91 -11.13 4.02 -6.54
CA VAL D 91 -11.89 3.28 -7.52
C VAL D 91 -11.50 3.83 -8.87
N MET D 92 -10.85 3.00 -9.70
CA MET D 92 -10.52 3.37 -11.07
C MET D 92 -11.56 2.72 -11.96
N VAL D 93 -11.92 3.40 -13.03
CA VAL D 93 -12.91 2.89 -13.97
C VAL D 93 -12.27 2.88 -15.34
N GLU D 94 -12.20 1.71 -15.97
CA GLU D 94 -11.46 1.51 -17.22
C GLU D 94 -12.30 0.95 -18.36
N LEU D 95 -12.15 1.53 -19.54
CA LEU D 95 -12.66 0.92 -20.75
C LEU D 95 -11.77 -0.29 -21.10
N ALA D 96 -12.38 -1.45 -21.24
CA ALA D 96 -11.62 -2.68 -21.37
C ALA D 96 -10.58 -2.63 -22.51
N SER D 97 -10.96 -2.15 -23.68
CA SER D 97 -10.02 -2.08 -24.81
C SER D 97 -8.76 -1.22 -24.50
N ASP D 98 -8.95 -0.08 -23.85
CA ASP D 98 -7.85 0.81 -23.46
C ASP D 98 -7.03 0.20 -22.32
N PHE D 99 -7.74 -0.38 -21.36
CA PHE D 99 -7.11 -1.14 -20.30
C PHE D 99 -6.09 -2.15 -20.82
N LEU D 100 -6.45 -2.88 -21.87
CA LEU D 100 -5.55 -3.89 -22.44
C LEU D 100 -4.42 -3.27 -23.27
N ASP D 101 -4.74 -2.22 -24.04
CA ASP D 101 -3.72 -1.50 -24.80
C ASP D 101 -2.58 -1.04 -23.91
N ARG D 102 -2.90 -0.58 -22.71
CA ARG D 102 -1.90 0.12 -21.91
C ARG D 102 -1.05 -0.77 -20.99
N ASN D 103 -1.31 -2.07 -20.96
CA ASN D 103 -0.69 -2.95 -19.98
C ASN D 103 -0.79 -2.37 -18.57
N THR D 104 -1.98 -1.89 -18.20
CA THR D 104 -2.24 -1.28 -16.88
C THR D 104 -1.67 -2.08 -15.69
N PRO D 105 -1.05 -1.40 -14.71
CA PRO D 105 -0.56 -2.10 -13.52
C PRO D 105 -1.68 -2.63 -12.61
N VAL D 106 -1.61 -3.91 -12.28
CA VAL D 106 -2.53 -4.57 -11.36
C VAL D 106 -1.72 -5.37 -10.34
N PHE D 107 -2.17 -5.38 -9.10
CA PHE D 107 -1.43 -5.99 -8.00
C PHE D 107 -2.32 -6.98 -7.27
N ARG D 108 -1.73 -7.73 -6.34
CA ARG D 108 -2.44 -8.81 -5.64
C ARG D 108 -3.53 -8.30 -4.68
N ASP D 109 -3.44 -7.05 -4.27
CA ASP D 109 -4.41 -6.47 -3.36
C ASP D 109 -5.40 -5.54 -4.07
N ASP D 110 -5.52 -5.70 -5.39
CA ASP D 110 -6.56 -5.04 -6.16
C ASP D 110 -7.77 -5.98 -6.20
N VAL D 111 -8.96 -5.41 -6.05
CA VAL D 111 -10.21 -6.10 -6.39
C VAL D 111 -10.66 -5.57 -7.75
N CYS D 112 -10.73 -6.44 -8.75
CA CYS D 112 -11.09 -6.04 -10.11
C CYS D 112 -12.46 -6.56 -10.48
N PHE D 113 -13.36 -5.65 -10.85
CA PHE D 113 -14.72 -5.94 -11.26
C PHE D 113 -14.83 -5.96 -12.78
N PHE D 114 -15.55 -6.96 -13.31
CA PHE D 114 -15.85 -7.08 -14.73
C PHE D 114 -17.35 -7.03 -14.94
N LEU D 115 -17.79 -5.93 -15.56
CA LEU D 115 -19.19 -5.63 -15.73
C LEU D 115 -19.53 -5.99 -17.17
N SER D 116 -20.48 -6.90 -17.34
CA SER D 116 -20.80 -7.47 -18.65
C SER D 116 -22.17 -8.16 -18.62
N GLN D 117 -23.14 -7.60 -19.34
CA GLN D 117 -24.46 -8.22 -19.47
C GLN D 117 -24.35 -9.65 -20.05
N SER D 118 -23.63 -9.77 -21.17
CA SER D 118 -23.48 -11.07 -21.87
C SER D 118 -22.48 -12.01 -21.19
N GLY D 119 -21.56 -11.47 -20.40
CA GLY D 119 -20.47 -12.25 -19.78
C GLY D 119 -19.49 -12.87 -20.74
N GLU D 120 -19.53 -12.45 -21.99
CA GLU D 120 -18.71 -13.04 -23.04
C GLU D 120 -17.91 -12.01 -23.83
N THR D 121 -18.08 -10.72 -23.53
CA THR D 121 -17.48 -9.66 -24.33
C THR D 121 -15.95 -9.77 -24.33
N ALA D 122 -15.37 -9.81 -25.53
CA ALA D 122 -13.98 -10.20 -25.73
C ALA D 122 -12.99 -9.42 -24.88
N ASP D 123 -13.04 -8.10 -24.96
CA ASP D 123 -12.09 -7.27 -24.24
C ASP D 123 -12.29 -7.34 -22.73
N THR D 124 -13.54 -7.35 -22.30
CA THR D 124 -13.79 -7.50 -20.86
C THR D 124 -13.21 -8.83 -20.35
N LEU D 125 -13.41 -9.90 -21.13
CA LEU D 125 -12.94 -11.24 -20.75
C LEU D 125 -11.40 -11.34 -20.78
N MET D 126 -10.77 -10.75 -21.78
N MET D 126 -10.80 -10.76 -21.82
CA MET D 126 -9.31 -10.75 -21.81
CA MET D 126 -9.34 -10.62 -21.92
C MET D 126 -8.72 -9.87 -20.70
C MET D 126 -8.79 -9.93 -20.67
N GLY D 127 -9.47 -8.87 -20.25
CA GLY D 127 -9.05 -8.11 -19.07
C GLY D 127 -9.12 -8.89 -17.78
N LEU D 128 -10.15 -9.72 -17.64
CA LEU D 128 -10.24 -10.64 -16.53
C LEU D 128 -8.99 -11.54 -16.47
N ARG D 129 -8.66 -12.16 -17.59
CA ARG D 129 -7.51 -13.08 -17.66
C ARG D 129 -6.19 -12.36 -17.36
N TYR D 130 -6.04 -11.15 -17.89
CA TYR D 130 -4.92 -10.29 -17.54
C TYR D 130 -4.82 -10.06 -16.02
N CYS D 131 -5.92 -9.64 -15.39
CA CYS D 131 -5.92 -9.39 -13.94
C CYS D 131 -5.69 -10.67 -13.11
N LYS D 132 -6.23 -11.79 -13.58
CA LYS D 132 -5.96 -13.11 -12.97
C LYS D 132 -4.46 -13.43 -12.89
N GLU D 133 -3.75 -13.32 -14.02
CA GLU D 133 -2.30 -13.61 -14.04
C GLU D 133 -1.53 -12.80 -12.99
N ARG D 134 -2.01 -11.60 -12.69
CA ARG D 134 -1.36 -10.75 -11.72
C ARG D 134 -1.88 -10.95 -10.29
N GLY D 135 -2.75 -11.94 -10.11
CA GLY D 135 -3.16 -12.33 -8.76
C GLY D 135 -4.21 -11.42 -8.13
N ALA D 136 -4.82 -10.53 -8.91
CA ALA D 136 -5.92 -9.69 -8.40
C ALA D 136 -7.10 -10.59 -7.98
N LEU D 137 -7.88 -10.13 -6.99
CA LEU D 137 -9.12 -10.79 -6.61
C LEU D 137 -10.21 -10.31 -7.57
N THR D 138 -10.82 -11.23 -8.32
CA THR D 138 -11.71 -10.87 -9.42
C THR D 138 -13.20 -11.12 -9.08
N VAL D 139 -14.05 -10.22 -9.55
CA VAL D 139 -15.49 -10.21 -9.23
C VAL D 139 -16.28 -9.93 -10.53
N GLY D 140 -17.23 -10.82 -10.83
CA GLY D 140 -18.08 -10.70 -12.02
C GLY D 140 -19.44 -10.09 -11.70
N ILE D 141 -19.86 -9.13 -12.52
CA ILE D 141 -21.20 -8.54 -12.44
C ILE D 141 -21.85 -8.77 -13.78
N THR D 142 -22.58 -9.87 -13.91
CA THR D 142 -23.06 -10.34 -15.22
C THR D 142 -24.56 -10.62 -15.19
N ASN D 143 -25.17 -10.73 -16.36
CA ASN D 143 -26.58 -11.08 -16.50
C ASN D 143 -26.83 -12.41 -17.28
N THR D 144 -25.77 -13.16 -17.56
CA THR D 144 -25.88 -14.43 -18.27
C THR D 144 -25.25 -15.54 -17.42
N VAL D 145 -26.10 -16.39 -16.87
CA VAL D 145 -25.65 -17.51 -16.03
C VAL D 145 -24.79 -18.46 -16.84
N GLY D 146 -23.72 -18.96 -16.24
CA GLY D 146 -22.82 -19.89 -16.94
C GLY D 146 -21.89 -19.26 -17.96
N SER D 147 -21.88 -17.93 -18.05
CA SER D 147 -21.02 -17.24 -19.02
C SER D 147 -19.56 -17.32 -18.58
N SER D 148 -18.63 -17.22 -19.52
CA SER D 148 -17.20 -17.31 -19.21
C SER D 148 -16.77 -16.37 -18.06
N ILE D 149 -17.18 -15.12 -18.12
CA ILE D 149 -16.76 -14.16 -17.10
C ILE D 149 -17.23 -14.56 -15.71
N SER D 150 -18.48 -15.03 -15.60
CA SER D 150 -19.00 -15.54 -14.32
C SER D 150 -18.29 -16.80 -13.87
N ARG D 151 -17.82 -17.61 -14.82
CA ARG D 151 -17.04 -18.81 -14.48
C ARG D 151 -15.63 -18.50 -14.02
N GLU D 152 -14.97 -17.56 -14.70
CA GLU D 152 -13.53 -17.38 -14.48
C GLU D 152 -13.19 -16.41 -13.34
N THR D 153 -14.19 -15.70 -12.81
CA THR D 153 -13.95 -14.81 -11.67
C THR D 153 -13.94 -15.59 -10.35
N ASP D 154 -13.27 -15.05 -9.33
CA ASP D 154 -13.23 -15.69 -8.02
C ASP D 154 -14.60 -15.75 -7.37
N CYS D 155 -15.36 -14.68 -7.56
CA CYS D 155 -16.72 -14.58 -7.04
C CYS D 155 -17.50 -13.66 -7.95
N GLY D 156 -18.76 -13.41 -7.63
CA GLY D 156 -19.59 -12.62 -8.51
C GLY D 156 -21.02 -12.39 -8.06
N VAL D 157 -21.76 -11.70 -8.93
CA VAL D 157 -23.16 -11.40 -8.71
C VAL D 157 -23.89 -11.54 -10.03
N HIS D 158 -24.91 -12.39 -10.04
CA HIS D 158 -25.83 -12.45 -11.16
C HIS D 158 -26.85 -11.34 -10.94
N ILE D 159 -26.93 -10.38 -11.86
CA ILE D 159 -27.75 -9.17 -11.62
C ILE D 159 -29.25 -9.43 -11.75
N ASN D 160 -29.61 -10.57 -12.32
CA ASN D 160 -30.99 -11.07 -12.33
C ASN D 160 -32.02 -10.19 -13.02
N ALA D 161 -31.66 -9.65 -14.18
CA ALA D 161 -32.50 -8.69 -14.87
C ALA D 161 -33.47 -9.37 -15.81
N GLY D 162 -33.19 -10.63 -16.11
CA GLY D 162 -33.93 -11.38 -17.12
C GLY D 162 -33.20 -11.28 -18.45
N PRO D 163 -33.57 -12.12 -19.43
CA PRO D 163 -33.00 -12.00 -20.77
C PRO D 163 -33.14 -10.58 -21.31
N GLU D 164 -32.09 -10.08 -21.96
CA GLU D 164 -32.13 -8.79 -22.64
C GLU D 164 -31.95 -9.03 -24.14
N ILE D 165 -33.05 -8.89 -24.89
CA ILE D 165 -33.06 -9.18 -26.32
C ILE D 165 -32.93 -7.89 -27.16
N GLY D 166 -33.18 -6.72 -26.58
CA GLY D 166 -33.02 -5.46 -27.32
C GLY D 166 -31.57 -5.15 -27.68
N VAL D 167 -31.37 -4.48 -28.81
CA VAL D 167 -30.04 -4.07 -29.28
C VAL D 167 -29.26 -3.30 -28.20
N ALA D 168 -29.91 -2.30 -27.61
CA ALA D 168 -29.29 -1.42 -26.62
C ALA D 168 -29.60 -1.92 -25.23
N SER D 169 -28.59 -1.93 -24.35
CA SER D 169 -28.82 -2.25 -22.96
C SER D 169 -29.71 -1.20 -22.32
N THR D 170 -30.69 -1.64 -21.55
CA THR D 170 -31.57 -0.75 -20.82
C THR D 170 -31.68 -1.23 -19.37
N LYS D 171 -32.54 -2.22 -19.13
CA LYS D 171 -32.66 -2.80 -17.78
C LYS D 171 -31.34 -3.34 -17.24
N ALA D 172 -30.50 -3.89 -18.12
CA ALA D 172 -29.18 -4.35 -17.72
C ALA D 172 -28.39 -3.25 -17.01
N TYR D 173 -28.49 -2.02 -17.50
CA TYR D 173 -27.72 -0.89 -16.99
C TYR D 173 -28.14 -0.52 -15.58
N THR D 174 -29.45 -0.37 -15.36
CA THR D 174 -29.98 -0.05 -14.05
C THR D 174 -29.81 -1.17 -13.03
N SER D 175 -29.88 -2.42 -13.48
CA SER D 175 -29.59 -3.58 -12.61
C SER D 175 -28.11 -3.66 -12.22
N GLN D 176 -27.22 -3.34 -13.15
CA GLN D 176 -25.78 -3.25 -12.82
C GLN D 176 -25.52 -2.17 -11.78
N PHE D 177 -26.17 -1.03 -11.97
CA PHE D 177 -26.07 0.13 -11.08
C PHE D 177 -26.45 -0.33 -9.67
N VAL D 178 -27.65 -0.90 -9.55
CA VAL D 178 -28.19 -1.35 -8.27
C VAL D 178 -27.31 -2.39 -7.64
N SER D 179 -26.77 -3.30 -8.44
CA SER D 179 -25.86 -4.32 -7.92
C SER D 179 -24.59 -3.72 -7.31
N LEU D 180 -24.04 -2.70 -7.96
CA LEU D 180 -22.79 -2.10 -7.46
C LEU D 180 -23.06 -1.32 -6.20
N VAL D 181 -24.22 -0.69 -6.12
CA VAL D 181 -24.67 -0.03 -4.90
C VAL D 181 -24.84 -1.02 -3.75
N MET D 182 -25.39 -2.20 -4.04
CA MET D 182 -25.56 -3.23 -3.00
C MET D 182 -24.21 -3.68 -2.48
N PHE D 183 -23.24 -3.84 -3.38
CA PHE D 183 -21.87 -4.16 -2.98
C PHE D 183 -21.33 -3.07 -2.05
N ALA D 184 -21.50 -1.81 -2.46
CA ALA D 184 -21.12 -0.67 -1.63
C ALA D 184 -21.69 -0.76 -0.24
N LEU D 185 -22.96 -1.15 -0.15
CA LEU D 185 -23.65 -1.22 1.16
C LEU D 185 -23.08 -2.33 2.03
N MET D 186 -22.66 -3.42 1.42
CA MET D 186 -21.99 -4.50 2.13
C MET D 186 -20.64 -4.04 2.66
N MET D 187 -19.93 -3.25 1.86
CA MET D 187 -18.56 -2.86 2.21
C MET D 187 -18.51 -1.92 3.41
N CYS D 188 -19.53 -1.11 3.61
CA CYS D 188 -19.54 -0.18 4.73
C CYS D 188 -20.40 -0.64 5.91
N ASP D 189 -20.68 -1.95 6.01
CA ASP D 189 -21.66 -2.44 7.01
C ASP D 189 -21.13 -2.45 8.44
N ASP D 190 -19.82 -2.33 8.60
CA ASP D 190 -19.22 -2.26 9.92
C ASP D 190 -18.90 -0.82 10.39
N ARG D 191 -19.36 0.20 9.66
CA ARG D 191 -19.04 1.60 10.02
C ARG D 191 -20.16 2.37 10.72
N ILE D 192 -19.91 2.82 11.95
CA ILE D 192 -20.90 3.57 12.72
C ILE D 192 -21.28 4.87 12.00
N SER D 193 -20.28 5.60 11.52
CA SER D 193 -20.49 6.89 10.85
C SER D 193 -21.32 6.78 9.57
N MET D 194 -21.46 5.58 9.03
CA MET D 194 -22.20 5.39 7.80
C MET D 194 -23.56 4.71 7.96
N GLN D 195 -23.95 4.38 9.18
CA GLN D 195 -25.24 3.71 9.43
C GLN D 195 -26.42 4.49 8.84
N GLU D 196 -26.50 5.80 9.09
CA GLU D 196 -27.60 6.60 8.58
C GLU D 196 -27.60 6.70 7.05
N ARG D 197 -26.41 6.78 6.47
CA ARG D 197 -26.28 6.87 5.02
C ARG D 197 -26.74 5.56 4.36
N ARG D 198 -26.44 4.41 4.96
CA ARG D 198 -26.93 3.12 4.44
C ARG D 198 -28.46 3.05 4.46
N LYS D 199 -29.03 3.50 5.58
CA LYS D 199 -30.49 3.52 5.75
C LYS D 199 -31.12 4.44 4.71
N GLU D 200 -30.55 5.63 4.58
CA GLU D 200 -31.00 6.57 3.55
C GLU D 200 -31.01 5.91 2.17
N ILE D 201 -29.93 5.21 1.84
CA ILE D 201 -29.83 4.57 0.52
C ILE D 201 -30.80 3.39 0.38
N MET D 202 -30.94 2.59 1.43
CA MET D 202 -31.80 1.43 1.36
C MET D 202 -33.27 1.83 1.22
N LEU D 203 -33.70 2.82 2.01
CA LEU D 203 -35.03 3.39 1.86
C LEU D 203 -35.29 3.88 0.44
N GLY D 204 -34.29 4.50 -0.19
CA GLY D 204 -34.37 4.87 -1.60
C GLY D 204 -34.50 3.66 -2.52
N LEU D 205 -33.74 2.60 -2.26
CA LEU D 205 -33.87 1.36 -3.03
C LEU D 205 -35.29 0.75 -2.88
N LYS D 206 -35.87 0.85 -1.69
CA LYS D 206 -37.25 0.38 -1.45
C LYS D 206 -38.27 1.18 -2.25
N ARG D 207 -38.10 2.50 -2.31
CA ARG D 207 -39.02 3.38 -3.03
C ARG D 207 -38.79 3.40 -4.55
N LEU D 208 -37.68 2.81 -5.01
CA LEU D 208 -37.22 2.98 -6.39
C LEU D 208 -38.16 2.43 -7.48
N PRO D 209 -38.68 1.21 -7.32
CA PRO D 209 -39.63 0.70 -8.30
C PRO D 209 -40.83 1.63 -8.59
N ASP D 210 -41.48 2.14 -7.55
CA ASP D 210 -42.59 3.08 -7.74
C ASP D 210 -42.14 4.37 -8.41
N LEU D 211 -40.94 4.84 -8.08
CA LEU D 211 -40.42 6.05 -8.71
C LEU D 211 -40.09 5.79 -10.16
N ILE D 212 -39.57 4.60 -10.47
CA ILE D 212 -39.37 4.21 -11.86
C ILE D 212 -40.71 4.21 -12.62
N LYS D 213 -41.76 3.63 -12.02
CA LYS D 213 -43.11 3.68 -12.62
C LYS D 213 -43.53 5.14 -12.87
N GLU D 214 -43.37 5.98 -11.87
CA GLU D 214 -43.65 7.40 -12.02
C GLU D 214 -42.90 8.05 -13.21
N VAL D 215 -41.65 7.66 -13.45
CA VAL D 215 -40.90 8.21 -14.60
C VAL D 215 -41.42 7.68 -15.94
N LEU D 216 -41.79 6.41 -15.96
CA LEU D 216 -42.43 5.81 -17.14
C LEU D 216 -43.78 6.47 -17.51
N SER D 217 -44.49 7.01 -16.52
CA SER D 217 -45.74 7.73 -16.75
C SER D 217 -45.55 9.06 -17.48
N MET D 218 -44.31 9.53 -17.57
CA MET D 218 -43.99 10.73 -18.36
C MET D 218 -43.70 10.39 -19.81
N ASP D 219 -43.99 9.16 -20.22
CA ASP D 219 -43.71 8.74 -21.58
C ASP D 219 -44.36 9.62 -22.64
N ASP D 220 -45.64 9.99 -22.44
CA ASP D 220 -46.35 10.85 -23.41
C ASP D 220 -45.63 12.20 -23.54
N GLU D 221 -45.20 12.77 -22.40
CA GLU D 221 -44.42 14.01 -22.40
C GLU D 221 -43.14 13.86 -23.22
N ILE D 222 -42.46 12.73 -23.02
CA ILE D 222 -41.17 12.51 -23.65
C ILE D 222 -41.34 12.24 -25.14
N GLN D 223 -42.42 11.55 -25.49
CA GLN D 223 -42.80 11.34 -26.89
C GLN D 223 -43.01 12.70 -27.57
N LYS D 224 -43.68 13.61 -26.86
CA LYS D 224 -43.95 14.95 -27.37
C LYS D 224 -42.66 15.71 -27.63
N LEU D 225 -41.74 15.62 -26.67
CA LEU D 225 -40.43 16.26 -26.80
C LEU D 225 -39.66 15.72 -28.00
N ALA D 226 -39.76 14.41 -28.23
CA ALA D 226 -39.09 13.79 -29.36
C ALA D 226 -39.59 14.34 -30.69
N THR D 227 -40.85 14.74 -30.78
CA THR D 227 -41.38 15.33 -32.02
C THR D 227 -40.73 16.67 -32.30
N GLU D 228 -40.29 17.37 -31.26
CA GLU D 228 -39.54 18.62 -31.42
C GLU D 228 -38.06 18.43 -31.77
N LEU D 229 -37.56 17.19 -31.73
CA LEU D 229 -36.12 16.95 -31.85
C LEU D 229 -35.70 16.01 -32.98
N TYR D 230 -36.61 15.25 -33.55
CA TYR D 230 -36.23 14.16 -34.45
C TYR D 230 -35.57 14.64 -35.75
N HIS D 231 -35.85 15.88 -36.14
CA HIS D 231 -35.25 16.45 -37.34
C HIS D 231 -33.81 16.97 -37.13
N GLN D 232 -33.37 17.06 -35.87
CA GLN D 232 -32.05 17.62 -35.58
C GLN D 232 -30.91 16.64 -35.89
N LYS D 233 -29.72 17.19 -36.16
CA LYS D 233 -28.53 16.38 -36.43
C LYS D 233 -27.67 16.09 -35.21
N SER D 234 -27.69 16.99 -34.23
CA SER D 234 -26.88 16.87 -33.01
C SER D 234 -27.70 17.18 -31.76
N VAL D 235 -27.27 16.65 -30.63
CA VAL D 235 -27.74 17.09 -29.33
C VAL D 235 -26.64 16.91 -28.28
N LEU D 236 -26.38 17.97 -27.51
CA LEU D 236 -25.38 17.92 -26.47
C LEU D 236 -26.09 17.60 -25.17
N ILE D 237 -25.64 16.55 -24.48
CA ILE D 237 -26.21 16.16 -23.20
C ILE D 237 -25.20 16.46 -22.10
N MET D 238 -25.57 17.36 -21.20
CA MET D 238 -24.64 17.91 -20.26
C MET D 238 -24.99 17.58 -18.83
N GLY D 239 -23.98 17.20 -18.05
CA GLY D 239 -24.19 16.88 -16.65
C GLY D 239 -22.93 16.66 -15.86
N ARG D 240 -23.07 16.70 -14.55
CA ARG D 240 -21.96 16.69 -13.60
C ARG D 240 -22.14 15.57 -12.62
N GLY D 241 -21.06 15.21 -11.95
CA GLY D 241 -21.07 14.24 -10.85
C GLY D 241 -21.86 12.99 -11.13
N TYR D 242 -22.79 12.66 -10.24
CA TYR D 242 -23.66 11.49 -10.43
C TYR D 242 -24.29 11.38 -11.82
N HIS D 243 -24.45 12.49 -12.53
CA HIS D 243 -25.13 12.48 -13.81
C HIS D 243 -24.22 12.66 -15.01
N TYR D 244 -22.92 12.55 -14.77
CA TYR D 244 -21.99 12.40 -15.87
C TYR D 244 -22.30 11.09 -16.59
N ALA D 245 -22.39 10.01 -15.84
CA ALA D 245 -22.73 8.70 -16.42
C ALA D 245 -24.04 8.76 -17.21
N THR D 246 -25.01 9.49 -16.67
CA THR D 246 -26.32 9.63 -17.32
C THR D 246 -26.19 10.27 -18.70
N CYS D 247 -25.40 11.34 -18.80
N CYS D 247 -25.40 11.34 -18.80
CA CYS D 247 -25.24 12.01 -20.10
CA CYS D 247 -25.17 12.01 -20.07
C CYS D 247 -24.37 11.21 -21.06
C CYS D 247 -24.46 11.10 -21.02
N LEU D 248 -23.43 10.42 -20.54
CA LEU D 248 -22.67 9.50 -21.39
C LEU D 248 -23.60 8.39 -21.93
N GLU D 249 -24.41 7.80 -21.03
CA GLU D 249 -25.29 6.68 -21.41
C GLU D 249 -26.44 7.14 -22.32
N GLY D 250 -27.04 8.27 -21.98
CA GLY D 250 -28.07 8.86 -22.84
C GLY D 250 -27.51 9.15 -24.21
N ALA D 251 -26.30 9.72 -24.25
CA ALA D 251 -25.67 10.05 -25.53
C ALA D 251 -25.41 8.79 -26.34
N LEU D 252 -25.01 7.71 -25.66
CA LEU D 252 -24.77 6.43 -26.37
C LEU D 252 -26.08 5.85 -26.91
N LYS D 253 -27.13 5.86 -26.08
CA LYS D 253 -28.45 5.41 -26.54
C LYS D 253 -28.92 6.12 -27.80
N ILE D 254 -28.89 7.44 -27.74
CA ILE D 254 -29.31 8.24 -28.89
C ILE D 254 -28.44 8.02 -30.12
N LYS D 255 -27.11 7.91 -29.95
CA LYS D 255 -26.24 7.52 -31.07
C LYS D 255 -26.68 6.19 -31.65
N GLU D 256 -26.77 5.19 -30.77
CA GLU D 256 -26.92 3.79 -31.19
C GLU D 256 -28.23 3.50 -31.92
N ILE D 257 -29.35 4.00 -31.43
CA ILE D 257 -30.65 3.65 -32.01
C ILE D 257 -31.32 4.75 -32.84
N THR D 258 -30.96 6.02 -32.65
CA THR D 258 -31.55 7.09 -33.44
C THR D 258 -30.59 7.58 -34.54
N TYR D 259 -29.30 7.28 -34.39
CA TYR D 259 -28.24 7.74 -35.32
C TYR D 259 -28.18 9.27 -35.40
N MET D 260 -28.55 9.93 -34.30
CA MET D 260 -28.30 11.36 -34.13
C MET D 260 -26.92 11.48 -33.55
N HIS D 261 -26.26 12.60 -33.80
CA HIS D 261 -24.97 12.84 -33.20
C HIS D 261 -25.16 13.41 -31.80
N SER D 262 -25.33 12.52 -30.83
CA SER D 262 -25.46 12.90 -29.44
C SER D 262 -24.12 12.71 -28.75
N GLU D 263 -23.78 13.65 -27.88
CA GLU D 263 -22.53 13.63 -27.15
C GLU D 263 -22.73 14.08 -25.73
N GLY D 264 -22.20 13.31 -24.78
CA GLY D 264 -22.22 13.70 -23.38
C GLY D 264 -21.04 14.60 -23.04
N ILE D 265 -21.33 15.78 -22.48
CA ILE D 265 -20.32 16.76 -22.09
C ILE D 265 -20.34 16.94 -20.59
N LEU D 266 -19.22 16.73 -19.93
CA LEU D 266 -19.13 16.96 -18.50
C LEU D 266 -19.36 18.46 -18.23
N ALA D 267 -20.39 18.78 -17.45
CA ALA D 267 -20.80 20.18 -17.25
C ALA D 267 -19.66 21.13 -16.83
N GLY D 268 -18.78 20.67 -15.94
CA GLY D 268 -17.64 21.46 -15.49
C GLY D 268 -16.59 21.71 -16.57
N GLU D 269 -16.60 20.93 -17.65
CA GLU D 269 -15.66 21.11 -18.76
C GLU D 269 -16.16 22.05 -19.85
N LEU D 270 -17.36 22.59 -19.69
CA LEU D 270 -17.99 23.44 -20.71
C LEU D 270 -17.15 24.70 -20.95
N LYS D 271 -16.68 25.32 -19.87
CA LYS D 271 -15.89 26.55 -19.93
C LYS D 271 -14.48 26.36 -20.50
N HIS D 272 -14.09 25.12 -20.78
CA HIS D 272 -12.72 24.82 -21.21
C HIS D 272 -12.65 24.50 -22.70
N GLY D 273 -13.73 24.80 -23.44
CA GLY D 273 -13.75 24.74 -24.90
C GLY D 273 -15.10 24.43 -25.53
N PRO D 274 -15.79 23.38 -25.04
CA PRO D 274 -17.04 22.93 -25.63
C PRO D 274 -18.19 23.94 -25.67
N LEU D 275 -18.14 24.95 -24.82
CA LEU D 275 -19.17 26.01 -24.82
C LEU D 275 -19.29 26.71 -26.18
N ALA D 276 -18.18 26.87 -26.90
CA ALA D 276 -18.17 27.48 -28.24
C ALA D 276 -19.12 26.82 -29.25
N LEU D 277 -19.52 25.59 -28.95
CA LEU D 277 -20.45 24.84 -29.78
C LEU D 277 -21.92 25.24 -29.56
N VAL D 278 -22.22 25.88 -28.42
CA VAL D 278 -23.59 26.23 -28.08
C VAL D 278 -24.06 27.50 -28.79
N ASP D 279 -25.17 27.38 -29.51
CA ASP D 279 -25.85 28.53 -30.10
C ASP D 279 -27.34 28.21 -30.27
N LYS D 280 -28.07 29.20 -30.79
CA LYS D 280 -29.52 29.10 -30.97
C LYS D 280 -29.97 27.84 -31.69
N LEU D 281 -29.14 27.33 -32.61
CA LEU D 281 -29.48 26.14 -33.39
C LEU D 281 -28.93 24.80 -32.86
N MET D 282 -28.23 24.80 -31.72
CA MET D 282 -27.69 23.54 -31.17
C MET D 282 -28.59 23.04 -30.04
N PRO D 283 -29.24 21.88 -30.23
CA PRO D 283 -30.04 21.34 -29.11
C PRO D 283 -29.16 20.91 -27.97
N VAL D 284 -29.62 21.17 -26.75
CA VAL D 284 -28.90 20.81 -25.55
C VAL D 284 -29.88 20.25 -24.54
N ILE D 285 -29.50 19.15 -23.90
CA ILE D 285 -30.23 18.61 -22.77
C ILE D 285 -29.31 18.74 -21.57
N MET D 286 -29.83 19.28 -20.46
CA MET D 286 -29.02 19.47 -19.28
C MET D 286 -29.67 18.79 -18.08
N ILE D 287 -28.85 18.12 -17.28
CA ILE D 287 -29.34 17.35 -16.16
C ILE D 287 -28.95 18.12 -14.91
N ILE D 288 -29.96 18.49 -14.12
CA ILE D 288 -29.77 19.30 -12.92
C ILE D 288 -30.65 18.73 -11.82
N MET D 289 -30.09 17.90 -10.95
CA MET D 289 -30.87 17.26 -9.89
C MET D 289 -30.60 17.87 -8.52
N ARG D 290 -31.35 17.43 -7.52
CA ARG D 290 -31.23 17.93 -6.16
C ARG D 290 -30.11 17.22 -5.41
N ASP D 291 -28.87 17.58 -5.70
CA ASP D 291 -27.72 17.08 -4.98
C ASP D 291 -26.71 18.20 -4.78
N HIS D 292 -25.54 17.85 -4.25
CA HIS D 292 -24.51 18.84 -3.88
C HIS D 292 -23.89 19.61 -5.06
N THR D 293 -24.12 19.20 -6.31
CA THR D 293 -23.60 19.90 -7.48
C THR D 293 -24.54 20.97 -8.04
N TYR D 294 -25.67 21.19 -7.36
CA TYR D 294 -26.75 22.04 -7.85
C TYR D 294 -26.30 23.42 -8.34
N ALA D 295 -25.68 24.19 -7.45
CA ALA D 295 -25.25 25.54 -7.80
C ALA D 295 -24.36 25.51 -9.05
N LYS D 296 -23.48 24.50 -9.13
CA LYS D 296 -22.57 24.38 -10.27
C LYS D 296 -23.31 24.01 -11.54
N CYS D 297 -24.32 23.17 -11.42
CA CYS D 297 -25.18 22.84 -12.56
C CYS D 297 -25.93 24.08 -13.07
N GLN D 298 -26.38 24.93 -12.16
CA GLN D 298 -27.04 26.18 -12.54
C GLN D 298 -26.06 27.14 -13.22
N ASN D 299 -24.79 27.13 -12.80
CA ASN D 299 -23.74 27.90 -13.48
C ASN D 299 -23.57 27.48 -14.94
N ALA D 300 -23.50 26.16 -15.19
CA ALA D 300 -23.47 25.66 -16.56
C ALA D 300 -24.71 26.07 -17.37
N LEU D 301 -25.88 26.00 -16.73
CA LEU D 301 -27.15 26.40 -17.36
C LEU D 301 -27.12 27.87 -17.76
N GLN D 302 -26.64 28.73 -16.87
CA GLN D 302 -26.52 30.17 -17.16
C GLN D 302 -25.51 30.46 -18.27
N GLN D 303 -24.39 29.75 -18.30
CA GLN D 303 -23.45 29.86 -19.43
C GLN D 303 -24.16 29.47 -20.73
N VAL D 304 -24.97 28.41 -20.68
CA VAL D 304 -25.66 27.93 -21.88
C VAL D 304 -26.75 28.90 -22.34
N VAL D 305 -27.58 29.38 -21.41
CA VAL D 305 -28.61 30.36 -21.76
C VAL D 305 -27.98 31.67 -22.25
N ALA D 306 -26.90 32.10 -21.61
CA ALA D 306 -26.21 33.34 -21.97
C ALA D 306 -25.68 33.37 -23.40
N ARG D 307 -25.49 32.19 -24.01
CA ARG D 307 -25.01 32.11 -25.39
C ARG D 307 -26.12 31.61 -26.35
N GLN D 308 -27.36 31.99 -26.02
CA GLN D 308 -28.56 31.78 -26.84
C GLN D 308 -29.03 30.31 -26.93
N GLY D 309 -28.53 29.43 -26.08
CA GLY D 309 -29.06 28.06 -25.99
C GLY D 309 -30.40 28.01 -25.27
N ARG D 310 -31.31 27.17 -25.77
CA ARG D 310 -32.60 26.95 -25.11
C ARG D 310 -32.71 25.48 -24.71
N PRO D 311 -32.10 25.11 -23.59
CA PRO D 311 -31.96 23.70 -23.28
C PRO D 311 -33.23 23.06 -22.75
N VAL D 312 -33.41 21.79 -23.07
CA VAL D 312 -34.31 20.95 -22.30
C VAL D 312 -33.57 20.56 -21.02
N VAL D 313 -34.27 20.61 -19.90
CA VAL D 313 -33.67 20.36 -18.60
C VAL D 313 -34.40 19.21 -17.90
N ILE D 314 -33.67 18.13 -17.60
CA ILE D 314 -34.18 17.10 -16.69
C ILE D 314 -33.85 17.51 -15.27
N CYS D 315 -34.88 17.79 -14.47
CA CYS D 315 -34.70 18.24 -13.10
C CYS D 315 -35.62 17.52 -12.13
N ASP D 316 -35.41 17.79 -10.85
CA ASP D 316 -36.31 17.35 -9.78
C ASP D 316 -37.71 17.94 -9.97
N LYS D 317 -38.70 17.12 -9.62
CA LYS D 317 -40.11 17.48 -9.73
C LYS D 317 -40.47 18.70 -8.89
N GLU D 318 -39.76 18.89 -7.78
CA GLU D 318 -40.06 19.96 -6.82
C GLU D 318 -39.14 21.19 -6.93
N ASP D 319 -38.22 21.19 -7.89
CA ASP D 319 -37.29 22.30 -8.11
C ASP D 319 -38.04 23.46 -8.78
N THR D 320 -38.75 24.23 -7.96
CA THR D 320 -39.64 25.31 -8.43
C THR D 320 -38.91 26.37 -9.27
N GLU D 321 -37.69 26.71 -8.86
CA GLU D 321 -36.91 27.73 -9.56
C GLU D 321 -36.61 27.33 -11.00
N THR D 322 -36.00 26.17 -11.18
CA THR D 322 -35.66 25.67 -12.52
C THR D 322 -36.89 25.44 -13.40
N ILE D 323 -37.94 24.86 -12.84
CA ILE D 323 -39.18 24.60 -13.62
C ILE D 323 -39.78 25.92 -14.14
N LYS D 324 -39.74 26.96 -13.31
CA LYS D 324 -40.21 28.28 -13.71
C LYS D 324 -39.33 28.92 -14.80
N ASN D 325 -38.01 28.77 -14.68
CA ASN D 325 -37.07 29.51 -15.52
C ASN D 325 -36.76 28.89 -16.90
N THR D 326 -37.16 27.64 -17.10
CA THR D 326 -36.93 26.97 -18.38
C THR D 326 -38.26 26.53 -18.99
N LYS D 327 -38.38 26.69 -20.31
CA LYS D 327 -39.58 26.32 -21.03
C LYS D 327 -39.84 24.82 -20.91
N ARG D 328 -38.98 24.01 -21.52
CA ARG D 328 -39.14 22.55 -21.54
C ARG D 328 -38.35 21.87 -20.41
N THR D 329 -39.07 21.27 -19.46
CA THR D 329 -38.47 20.48 -18.39
C THR D 329 -39.07 19.07 -18.32
N ILE D 330 -38.21 18.06 -18.19
CA ILE D 330 -38.64 16.71 -17.83
C ILE D 330 -38.44 16.60 -16.31
N LYS D 331 -39.55 16.51 -15.59
CA LYS D 331 -39.58 16.64 -14.14
C LYS D 331 -39.68 15.29 -13.47
N VAL D 332 -38.56 14.74 -13.00
CA VAL D 332 -38.53 13.40 -12.44
C VAL D 332 -38.56 13.46 -10.90
N PRO D 333 -39.02 12.37 -10.27
CA PRO D 333 -39.08 12.35 -8.80
C PRO D 333 -37.70 12.27 -8.13
N HIS D 334 -37.66 12.78 -6.90
CA HIS D 334 -36.45 12.80 -6.07
C HIS D 334 -36.18 11.45 -5.45
N SER D 335 -34.94 10.98 -5.59
CA SER D 335 -34.45 9.84 -4.83
C SER D 335 -33.16 10.25 -4.15
N VAL D 336 -32.51 9.32 -3.48
CA VAL D 336 -31.19 9.59 -2.92
C VAL D 336 -30.20 9.98 -4.03
N ASP D 337 -29.32 10.94 -3.74
CA ASP D 337 -28.35 11.46 -4.73
C ASP D 337 -27.63 10.35 -5.53
N CYS D 338 -27.09 9.36 -4.82
CA CYS D 338 -26.38 8.24 -5.46
C CYS D 338 -27.33 7.21 -6.13
N LEU D 339 -28.64 7.46 -6.06
CA LEU D 339 -29.61 6.65 -6.80
C LEU D 339 -30.26 7.40 -7.95
N GLN D 340 -30.26 8.74 -7.93
CA GLN D 340 -30.98 9.53 -8.94
C GLN D 340 -30.64 9.18 -10.38
N GLY D 341 -29.40 8.73 -10.60
CA GLY D 341 -28.96 8.39 -11.95
C GLY D 341 -29.79 7.31 -12.62
N ILE D 342 -30.42 6.44 -11.82
CA ILE D 342 -31.30 5.43 -12.35
C ILE D 342 -32.55 6.08 -12.93
N LEU D 343 -33.10 7.04 -12.19
CA LEU D 343 -34.29 7.74 -12.63
C LEU D 343 -34.03 8.72 -13.78
N SER D 344 -32.85 9.34 -13.78
N SER D 344 -32.86 9.32 -13.80
CA SER D 344 -32.55 10.39 -14.75
CA SER D 344 -32.58 10.39 -14.75
C SER D 344 -32.14 9.84 -16.09
C SER D 344 -32.06 9.87 -16.08
N VAL D 345 -31.69 8.60 -16.14
CA VAL D 345 -31.32 7.98 -17.41
C VAL D 345 -32.55 7.53 -18.19
N ILE D 346 -33.64 7.22 -17.49
CA ILE D 346 -34.81 6.59 -18.11
C ILE D 346 -35.48 7.45 -19.18
N PRO D 347 -35.73 8.75 -18.88
CA PRO D 347 -36.22 9.65 -19.93
C PRO D 347 -35.40 9.59 -21.21
N LEU D 348 -34.09 9.37 -21.08
CA LEU D 348 -33.20 9.39 -22.23
C LEU D 348 -33.27 8.09 -23.01
N GLN D 349 -33.42 6.97 -22.32
CA GLN D 349 -33.71 5.69 -22.98
C GLN D 349 -34.98 5.84 -23.82
N LEU D 350 -36.01 6.42 -23.22
CA LEU D 350 -37.29 6.63 -23.87
C LEU D 350 -37.20 7.61 -25.03
N LEU D 351 -36.38 8.65 -24.86
CA LEU D 351 -36.23 9.66 -25.92
C LEU D 351 -35.58 9.05 -27.15
N ALA D 352 -34.50 8.29 -26.94
CA ALA D 352 -33.90 7.52 -28.00
C ALA D 352 -34.90 6.62 -28.72
N PHE D 353 -35.77 5.96 -27.96
CA PHE D 353 -36.78 5.09 -28.54
C PHE D 353 -37.77 5.85 -29.42
N HIS D 354 -38.34 6.92 -28.87
CA HIS D 354 -39.36 7.69 -29.60
C HIS D 354 -38.76 8.44 -30.80
N LEU D 355 -37.59 9.06 -30.60
CA LEU D 355 -36.85 9.68 -31.71
C LEU D 355 -36.68 8.69 -32.85
N ALA D 356 -36.27 7.47 -32.53
CA ALA D 356 -36.03 6.45 -33.54
C ALA D 356 -37.32 6.13 -34.31
N VAL D 357 -38.39 5.86 -33.59
CA VAL D 357 -39.70 5.61 -34.19
C VAL D 357 -40.12 6.72 -35.16
N LEU D 358 -40.08 7.97 -34.69
CA LEU D 358 -40.39 9.12 -35.53
C LEU D 358 -39.57 9.12 -36.81
N ARG D 359 -38.29 8.74 -36.70
CA ARG D 359 -37.40 8.66 -37.86
C ARG D 359 -37.66 7.45 -38.76
N GLY D 360 -38.53 6.54 -38.34
CA GLY D 360 -38.95 5.42 -39.18
C GLY D 360 -38.06 4.20 -39.06
N TYR D 361 -37.20 4.17 -38.04
CA TYR D 361 -36.36 2.99 -37.80
C TYR D 361 -37.08 2.00 -36.93
N ASP D 362 -36.64 0.75 -36.99
CA ASP D 362 -37.13 -0.31 -36.12
C ASP D 362 -36.02 -0.58 -35.13
N VAL D 363 -36.29 -0.33 -33.85
CA VAL D 363 -35.26 -0.34 -32.80
C VAL D 363 -34.68 -1.72 -32.50
N ASP D 364 -35.35 -2.77 -32.98
CA ASP D 364 -34.73 -4.10 -33.06
C ASP D 364 -34.22 -4.30 -34.50
#